data_8FWR
#
_entry.id   8FWR
#
_cell.length_a   1.00
_cell.length_b   1.00
_cell.length_c   1.00
_cell.angle_alpha   90.00
_cell.angle_beta   90.00
_cell.angle_gamma   90.00
#
_symmetry.space_group_name_H-M   'P 1'
#
loop_
_entity.id
_entity.type
_entity.pdbx_description
1 polymer 'Glutamate receptor ionotropic, kainate 2'
2 branched beta-D-mannopyranose-(1-4)-2-acetamido-2-deoxy-beta-D-glucopyranose-(1-4)-2-acetamido-2-deoxy-beta-D-glucopyranose
3 non-polymer 2-acetamido-2-deoxy-beta-D-glucopyranose
#
_entity_poly.entity_id   1
_entity_poly.type   'polypeptide(L)'
_entity_poly.pdbx_seq_one_letter_code
;MKIISPVLSNLVFSRSIKVLLCLLWIGYSQGTTHVLRFGGIFEYVESGPMGAEELAFRFAVNTINRNRTLLPNTTLTYDT
QKINLYDSFEASKKACDQLSLGVAAIFGPSHSSSANAVQSICNALGVPHIQTRWKHQVSDNKDSFYVSLYPDFSSLSRAI
LDLVQFFKWKTVTVVYDDSTGLIRLQELIKAPSRYNLRLKIRQLPADTKDAKPLLKEMKRGKEFHVIFDCSHEMAAGILK
QALAMGMMTEYYHYIFTTLDLFALDVEPYRYSGVNMTGFRILNTENTQVSSIIEKWSMERLQAPPKPDSGLLDGFMTTDA
ALMYDAVHVVSVAVQQFPQMTVSSLQCNRHKPWRFGTRFMSLIKEAHWEGLTGRITFNKTNGLRTDFDLDVISLKEEGLE
KIGTWDPASGLNMTESQKGKPANITDSLSNRSLIVTTILEEPYVLFKKSDKPLYGNDRFEGYCIDLLRELSTILGFTYEI
RLVEDGKYGAQDDVNGQWNGMVRELIDHKADLAVAPLAITYVREKVIDFSKPFMTLGISILYRKPNGTNPGVFSFLNPLS
PDIWMYVLLACLGVSCVLFVIARFSPYEWYNPHPCNPDSDVVENNFTLLNSFWFGVGALMQQGSELMPKALSTRIVGGIW
WFFTLIIISSYTANLAAFLTVERMESPIDSADDLAKQTKIEYGAVEDGATMTFFKKSKISTYDKMWAFMSSRRQSVLVKS
NEEGIQRVLTSDYAFLMESTTIEFVTQRNCNLTQIGGLIDSKGYGVGTPMGSPYRDKITIAILQLQEEGKLHMMKEKWWR
GNGCPEEESKEASALGVQNIGGIFIVLAAGLVLSVFVAVGEFLYKSKKNAQLEKRSFCSAMVEELRMSLKCQRRLKHKPQ
APVIVKTEEVINMHTFNDRRLPGKETMA
;
_entity_poly.pdbx_strand_id   A,B,C,D
#
loop_
_chem_comp.id
_chem_comp.type
_chem_comp.name
_chem_comp.formula
BMA D-saccharide, beta linking beta-D-mannopyranose 'C6 H12 O6'
NAG D-saccharide, beta linking 2-acetamido-2-deoxy-beta-D-glucopyranose 'C8 H15 N O6'
#
# COMPACT_ATOMS: atom_id res chain seq x y z
N THR A 33 38.39 28.35 -56.50
CA THR A 33 39.17 28.61 -55.30
C THR A 33 38.27 29.03 -54.15
N HIS A 34 38.29 28.25 -53.07
CA HIS A 34 37.43 28.50 -51.93
C HIS A 34 38.27 28.95 -50.73
N VAL A 35 37.64 29.61 -49.78
CA VAL A 35 38.29 29.98 -48.52
C VAL A 35 37.38 29.60 -47.35
N LEU A 36 37.59 28.40 -46.82
CA LEU A 36 36.86 27.95 -45.63
C LEU A 36 37.64 28.32 -44.40
N ARG A 37 36.94 28.73 -43.35
CA ARG A 37 37.56 29.24 -42.14
C ARG A 37 37.07 28.48 -40.92
N PHE A 38 37.83 27.47 -40.51
CA PHE A 38 37.49 26.71 -39.30
C PHE A 38 37.91 27.53 -38.09
N GLY A 39 36.99 27.74 -37.15
CA GLY A 39 37.31 28.44 -35.93
C GLY A 39 37.99 27.53 -34.93
N GLY A 40 38.51 28.16 -33.88
CA GLY A 40 39.17 27.42 -32.81
C GLY A 40 39.35 28.30 -31.59
N ILE A 41 39.18 27.71 -30.40
CA ILE A 41 39.23 28.43 -29.14
C ILE A 41 40.12 27.63 -28.20
N PHE A 42 41.36 28.07 -28.02
CA PHE A 42 42.36 27.25 -27.35
C PHE A 42 42.89 27.95 -26.11
N GLU A 43 43.78 27.26 -25.39
CA GLU A 43 44.30 27.77 -24.13
C GLU A 43 45.33 28.87 -24.36
N TYR A 44 45.30 29.89 -23.51
CA TYR A 44 46.24 31.01 -23.58
C TYR A 44 47.33 30.78 -22.54
N VAL A 45 48.55 30.51 -23.02
CA VAL A 45 49.72 30.37 -22.16
C VAL A 45 50.60 31.60 -22.34
N GLU A 46 51.22 32.05 -21.26
CA GLU A 46 52.01 33.28 -21.31
C GLU A 46 53.49 33.03 -21.53
N SER A 47 54.00 31.86 -21.09
CA SER A 47 55.44 31.63 -21.09
C SER A 47 55.90 30.71 -22.21
N GLY A 48 55.33 29.51 -22.32
CA GLY A 48 55.75 28.54 -23.28
C GLY A 48 55.15 28.76 -24.65
N PRO A 49 55.40 27.83 -25.58
CA PRO A 49 54.75 27.91 -26.89
C PRO A 49 53.31 27.46 -26.84
N MET A 50 52.65 27.49 -28.00
CA MET A 50 51.26 27.09 -28.16
C MET A 50 51.02 25.65 -27.73
N GLY A 51 49.81 25.35 -27.26
CA GLY A 51 49.51 24.06 -26.68
C GLY A 51 49.52 22.92 -27.69
N ALA A 52 49.30 21.71 -27.17
CA ALA A 52 49.37 20.51 -28.00
C ALA A 52 48.18 20.44 -28.95
N GLU A 53 47.03 20.94 -28.53
CA GLU A 53 45.86 20.92 -29.39
C GLU A 53 45.94 22.00 -30.46
N GLU A 54 46.51 23.16 -30.13
CA GLU A 54 46.59 24.23 -31.10
C GLU A 54 47.67 23.95 -32.14
N LEU A 55 48.74 23.26 -31.74
CA LEU A 55 49.72 22.75 -32.70
C LEU A 55 49.08 21.75 -33.65
N ALA A 56 48.34 20.79 -33.10
CA ALA A 56 47.73 19.74 -33.92
C ALA A 56 46.61 20.30 -34.79
N PHE A 57 45.99 21.41 -34.37
CA PHE A 57 45.02 22.06 -35.23
C PHE A 57 45.70 22.78 -36.38
N ARG A 58 46.85 23.41 -36.11
CA ARG A 58 47.60 24.06 -37.17
C ARG A 58 48.30 23.03 -38.07
N PHE A 59 48.73 21.91 -37.49
CA PHE A 59 49.40 20.88 -38.27
C PHE A 59 48.43 20.16 -39.19
N ALA A 60 47.16 20.07 -38.78
CA ALA A 60 46.17 19.40 -39.61
C ALA A 60 45.72 20.27 -40.77
N VAL A 61 45.53 21.56 -40.52
CA VAL A 61 45.09 22.48 -41.57
C VAL A 61 46.17 22.61 -42.65
N ASN A 62 47.44 22.58 -42.24
CA ASN A 62 48.54 22.59 -43.21
C ASN A 62 48.59 21.27 -44.00
N THR A 63 48.08 20.19 -43.42
CA THR A 63 48.14 18.89 -44.09
C THR A 63 47.14 18.79 -45.23
N ILE A 64 45.88 19.21 -44.99
CA ILE A 64 44.89 19.20 -46.06
C ILE A 64 45.21 20.25 -47.12
N ASN A 65 45.84 21.36 -46.74
CA ASN A 65 46.22 22.38 -47.72
C ASN A 65 47.34 21.90 -48.64
N ARG A 66 48.24 21.04 -48.14
CA ARG A 66 49.27 20.46 -49.00
C ARG A 66 48.71 19.32 -49.84
N ASN A 67 48.03 18.38 -49.19
CA ASN A 67 47.54 17.16 -49.85
C ASN A 67 46.40 17.49 -50.81
N ARG A 68 46.34 16.77 -51.94
CA ARG A 68 45.59 17.25 -53.09
C ARG A 68 44.29 16.48 -53.31
N THR A 69 44.25 15.19 -52.99
CA THR A 69 43.05 14.40 -53.23
C THR A 69 41.91 14.80 -52.29
N LEU A 70 42.22 15.00 -51.02
CA LEU A 70 41.25 15.51 -50.05
C LEU A 70 41.15 17.02 -50.21
N LEU A 71 39.94 17.49 -50.52
CA LEU A 71 39.60 18.88 -50.80
C LEU A 71 40.47 19.50 -51.90
N PRO A 72 40.27 19.14 -53.17
CA PRO A 72 40.95 19.89 -54.23
C PRO A 72 40.41 21.30 -54.38
N ASN A 73 41.31 22.25 -54.66
CA ASN A 73 41.04 23.63 -55.05
C ASN A 73 40.47 24.49 -53.92
N THR A 74 40.36 23.97 -52.70
CA THR A 74 39.97 24.78 -51.57
C THR A 74 41.19 25.06 -50.69
N THR A 75 41.11 26.09 -49.87
CA THR A 75 42.19 26.45 -48.94
C THR A 75 41.59 26.70 -47.56
N LEU A 76 41.71 25.71 -46.68
CA LEU A 76 41.31 25.86 -45.29
C LEU A 76 42.19 26.88 -44.58
N THR A 77 41.57 27.91 -44.03
CA THR A 77 42.27 28.82 -43.14
C THR A 77 41.67 28.71 -41.75
N TYR A 78 42.29 29.35 -40.78
CA TYR A 78 41.87 29.18 -39.40
C TYR A 78 41.76 30.53 -38.71
N ASP A 79 41.05 30.53 -37.57
CA ASP A 79 40.78 31.75 -36.82
C ASP A 79 40.95 31.51 -35.32
N THR A 80 42.08 30.95 -34.91
CA THR A 80 42.30 30.53 -33.52
C THR A 80 42.30 31.70 -32.55
N GLN A 81 41.47 31.60 -31.52
CA GLN A 81 41.41 32.56 -30.42
C GLN A 81 41.89 31.86 -29.16
N LYS A 82 42.37 32.62 -28.20
CA LYS A 82 42.93 32.07 -26.97
C LYS A 82 42.18 32.59 -25.76
N ILE A 83 41.77 31.67 -24.88
CA ILE A 83 41.00 31.99 -23.68
C ILE A 83 41.67 31.41 -22.45
N ASN A 84 41.02 31.56 -21.30
CA ASN A 84 41.53 31.10 -20.02
C ASN A 84 41.09 29.68 -19.69
N LEU A 85 40.09 29.16 -20.43
CA LEU A 85 39.46 27.83 -20.37
C LEU A 85 38.57 27.65 -19.15
N TYR A 86 38.59 28.61 -18.22
CA TYR A 86 37.77 28.55 -17.01
C TYR A 86 36.86 29.76 -16.91
N ASP A 87 36.55 30.37 -18.05
CA ASP A 87 35.81 31.62 -18.11
C ASP A 87 34.78 31.45 -19.23
N SER A 88 33.54 31.15 -18.84
CA SER A 88 32.48 30.95 -19.83
C SER A 88 32.08 32.25 -20.50
N PHE A 89 32.38 33.38 -19.86
CA PHE A 89 32.12 34.68 -20.48
C PHE A 89 33.14 34.99 -21.56
N GLU A 90 34.41 34.68 -21.30
CA GLU A 90 35.45 34.95 -22.29
C GLU A 90 35.35 33.98 -23.46
N ALA A 91 34.93 32.74 -23.20
CA ALA A 91 34.73 31.77 -24.27
C ALA A 91 33.53 32.13 -25.12
N SER A 92 32.55 32.80 -24.54
CA SER A 92 31.36 33.18 -25.30
C SER A 92 31.61 34.44 -26.13
N LYS A 93 32.56 35.28 -25.71
CA LYS A 93 32.91 36.45 -26.51
C LYS A 93 33.71 36.04 -27.74
N LYS A 94 34.66 35.13 -27.56
CA LYS A 94 35.48 34.68 -28.68
C LYS A 94 34.67 33.83 -29.65
N ALA A 95 33.64 33.15 -29.15
CA ALA A 95 32.77 32.39 -30.05
C ALA A 95 31.87 33.31 -30.87
N CYS A 96 31.45 34.44 -30.31
CA CYS A 96 30.68 35.40 -31.10
C CYS A 96 31.56 36.24 -32.01
N ASP A 97 32.85 36.36 -31.69
CA ASP A 97 33.77 37.03 -32.61
C ASP A 97 34.03 36.17 -33.84
N GLN A 98 34.21 34.86 -33.63
CA GLN A 98 34.43 33.96 -34.75
C GLN A 98 33.18 33.82 -35.62
N LEU A 99 32.00 33.91 -35.00
CA LEU A 99 30.77 33.91 -35.79
C LEU A 99 30.58 35.23 -36.53
N SER A 100 31.10 36.33 -35.98
CA SER A 100 31.00 37.62 -36.66
C SER A 100 31.93 37.69 -37.86
N LEU A 101 33.19 37.27 -37.68
CA LEU A 101 34.11 37.13 -38.80
C LEU A 101 33.62 36.05 -39.76
N GLY A 102 33.03 34.98 -39.23
CA GLY A 102 32.43 33.96 -40.05
C GLY A 102 33.22 32.67 -40.05
N VAL A 103 32.70 31.63 -39.40
CA VAL A 103 33.33 30.33 -39.40
C VAL A 103 32.32 29.29 -39.90
N ALA A 104 32.83 28.09 -40.17
CA ALA A 104 32.00 26.96 -40.60
C ALA A 104 31.96 25.87 -39.55
N ALA A 105 32.79 25.99 -38.51
CA ALA A 105 32.83 25.08 -37.37
C ALA A 105 33.64 25.73 -36.26
N ILE A 106 33.47 25.26 -35.02
CA ILE A 106 34.30 25.69 -33.90
C ILE A 106 34.83 24.44 -33.21
N PHE A 107 36.16 24.35 -33.11
CA PHE A 107 36.81 23.12 -32.65
C PHE A 107 37.08 23.18 -31.15
N GLY A 108 36.04 23.51 -30.40
CA GLY A 108 35.98 23.26 -28.96
C GLY A 108 36.80 24.20 -28.12
N PRO A 109 36.27 24.57 -26.95
CA PRO A 109 37.09 25.26 -25.96
C PRO A 109 37.88 24.29 -25.11
N SER A 110 37.47 23.02 -25.14
CA SER A 110 38.17 21.87 -24.57
C SER A 110 38.20 21.87 -23.05
N HIS A 111 37.30 22.61 -22.41
CA HIS A 111 37.07 22.45 -20.98
C HIS A 111 35.57 22.55 -20.70
N SER A 112 35.12 21.75 -19.72
CA SER A 112 33.69 21.48 -19.47
C SER A 112 32.85 22.72 -19.20
N SER A 113 33.37 23.67 -18.43
CA SER A 113 32.62 24.90 -18.15
C SER A 113 32.55 25.80 -19.38
N SER A 114 33.64 25.82 -20.17
CA SER A 114 33.68 26.70 -21.33
C SER A 114 33.02 26.06 -22.54
N ALA A 115 33.01 24.72 -22.62
CA ALA A 115 32.45 24.05 -23.78
C ALA A 115 30.93 24.11 -23.79
N ASN A 116 30.31 24.05 -22.60
CA ASN A 116 28.85 24.11 -22.52
C ASN A 116 28.30 25.48 -22.90
N ALA A 117 29.10 26.53 -22.72
CA ALA A 117 28.67 27.87 -23.13
C ALA A 117 28.73 28.02 -24.64
N VAL A 118 29.79 27.50 -25.27
CA VAL A 118 29.99 27.65 -26.70
C VAL A 118 29.13 26.65 -27.47
N GLN A 119 28.77 25.53 -26.85
CA GLN A 119 27.84 24.59 -27.47
C GLN A 119 26.47 25.20 -27.68
N SER A 120 26.00 26.01 -26.72
CA SER A 120 24.67 26.60 -26.84
C SER A 120 24.67 27.77 -27.81
N ILE A 121 25.81 28.44 -27.98
CA ILE A 121 25.94 29.47 -29.02
C ILE A 121 25.89 28.82 -30.39
N CYS A 122 26.61 27.71 -30.56
CA CYS A 122 26.67 27.03 -31.84
C CYS A 122 25.35 26.34 -32.17
N ASN A 123 24.60 25.93 -31.15
CA ASN A 123 23.27 25.38 -31.38
C ASN A 123 22.29 26.44 -31.85
N ALA A 124 22.36 27.65 -31.32
CA ALA A 124 21.41 28.70 -31.65
C ALA A 124 21.71 29.38 -32.97
N LEU A 125 22.97 29.41 -33.39
CA LEU A 125 23.37 30.10 -34.61
C LEU A 125 23.67 29.16 -35.77
N GLY A 126 23.37 27.87 -35.62
CA GLY A 126 23.47 26.97 -36.76
C GLY A 126 24.79 26.23 -36.94
N VAL A 127 25.90 26.94 -36.77
CA VAL A 127 27.26 26.47 -37.03
C VAL A 127 27.61 25.29 -36.14
N PRO A 128 28.22 24.22 -36.68
CA PRO A 128 28.61 23.07 -35.87
C PRO A 128 29.66 23.40 -34.81
N HIS A 129 29.71 22.56 -33.78
CA HIS A 129 30.68 22.66 -32.71
C HIS A 129 31.36 21.31 -32.56
N ILE A 130 32.66 21.26 -32.79
CA ILE A 130 33.41 20.02 -32.79
C ILE A 130 34.15 19.91 -31.47
N GLN A 131 33.89 18.84 -30.74
CA GLN A 131 34.48 18.62 -29.42
C GLN A 131 35.50 17.49 -29.51
N THR A 132 36.60 17.64 -28.78
CA THR A 132 37.64 16.62 -28.79
C THR A 132 37.99 16.17 -27.38
N ARG A 133 37.18 16.55 -26.40
CA ARG A 133 37.39 16.13 -25.02
C ARG A 133 36.05 15.85 -24.37
N TRP A 134 36.08 15.00 -23.36
CA TRP A 134 34.88 14.57 -22.67
C TRP A 134 34.36 15.67 -21.76
N LYS A 135 33.04 15.81 -21.71
CA LYS A 135 32.40 16.67 -20.73
C LYS A 135 31.06 16.06 -20.38
N HIS A 136 30.51 16.46 -19.23
CA HIS A 136 29.22 15.93 -18.81
C HIS A 136 28.10 16.49 -19.65
N GLN A 137 27.47 15.63 -20.46
CA GLN A 137 26.25 15.96 -21.18
C GLN A 137 25.10 15.75 -20.20
N VAL A 138 24.47 16.84 -19.77
CA VAL A 138 23.27 16.76 -18.93
C VAL A 138 22.14 16.15 -19.76
N SER A 139 21.28 15.38 -19.11
CA SER A 139 20.37 14.50 -19.83
C SER A 139 19.23 15.24 -20.51
N ASP A 140 18.82 16.40 -20.00
CA ASP A 140 17.73 17.14 -20.59
C ASP A 140 18.23 18.32 -21.41
N ASN A 141 19.36 18.16 -22.08
CA ASN A 141 19.89 19.17 -22.98
C ASN A 141 19.53 18.78 -24.41
N LYS A 142 18.70 19.58 -25.04
CA LYS A 142 18.22 19.31 -26.40
C LYS A 142 19.08 20.03 -27.43
N ASP A 143 20.38 19.74 -27.40
CA ASP A 143 21.33 20.32 -28.34
C ASP A 143 21.64 19.31 -29.44
N SER A 144 21.57 19.75 -30.69
CA SER A 144 21.82 18.89 -31.84
C SER A 144 23.19 19.16 -32.45
N PHE A 145 23.57 20.42 -32.57
CA PHE A 145 24.76 20.82 -33.33
C PHE A 145 26.03 20.65 -32.52
N TYR A 146 26.40 19.41 -32.20
CA TYR A 146 27.69 19.10 -31.60
C TYR A 146 28.04 17.64 -31.83
N VAL A 147 29.31 17.36 -32.09
CA VAL A 147 29.84 16.00 -32.06
C VAL A 147 31.10 15.99 -31.22
N SER A 148 31.28 14.92 -30.46
CA SER A 148 32.49 14.73 -29.69
C SER A 148 33.30 13.59 -30.29
N LEU A 149 34.61 13.79 -30.40
CA LEU A 149 35.47 12.76 -30.94
C LEU A 149 36.24 12.05 -29.84
N TYR A 150 36.04 12.43 -28.58
CA TYR A 150 36.69 11.72 -27.51
C TYR A 150 35.90 10.45 -27.27
N PRO A 151 36.56 9.30 -27.06
CA PRO A 151 35.84 8.06 -26.77
C PRO A 151 34.98 8.14 -25.51
N ASP A 152 33.70 7.83 -25.65
CA ASP A 152 32.74 8.02 -24.57
C ASP A 152 33.07 7.11 -23.39
N PHE A 153 32.95 7.65 -22.18
CA PHE A 153 33.13 6.85 -20.98
C PHE A 153 31.96 5.95 -20.66
N SER A 154 30.88 6.01 -21.44
CA SER A 154 29.91 4.93 -21.41
C SER A 154 30.52 3.65 -21.97
N SER A 155 31.31 3.78 -23.03
CA SER A 155 31.97 2.62 -23.62
C SER A 155 33.28 2.31 -22.92
N LEU A 156 34.01 3.34 -22.48
CA LEU A 156 35.30 3.11 -21.84
C LEU A 156 35.17 2.52 -20.44
N SER A 157 34.03 2.72 -19.77
CA SER A 157 33.86 2.10 -18.46
C SER A 157 33.45 0.64 -18.60
N ARG A 158 32.95 0.24 -19.77
CA ARG A 158 32.68 -1.17 -20.00
C ARG A 158 33.96 -1.90 -20.39
N ALA A 159 34.88 -1.20 -21.05
CA ALA A 159 36.16 -1.80 -21.41
C ALA A 159 37.01 -2.04 -20.17
N ILE A 160 36.96 -1.12 -19.21
CA ILE A 160 37.64 -1.32 -17.93
C ILE A 160 36.96 -2.42 -17.13
N LEU A 161 35.63 -2.52 -17.26
CA LEU A 161 34.90 -3.55 -16.52
C LEU A 161 35.12 -4.93 -17.14
N ASP A 162 35.44 -4.99 -18.43
CA ASP A 162 35.75 -6.28 -19.03
C ASP A 162 37.12 -6.77 -18.59
N LEU A 163 38.05 -5.85 -18.31
CA LEU A 163 39.38 -6.23 -17.83
C LEU A 163 39.34 -6.78 -16.42
N VAL A 164 38.49 -6.21 -15.56
CA VAL A 164 38.47 -6.68 -14.17
C VAL A 164 37.71 -8.00 -14.07
N GLN A 165 36.97 -8.36 -15.12
CA GLN A 165 36.39 -9.69 -15.19
C GLN A 165 37.41 -10.70 -15.72
N PHE A 166 38.13 -10.32 -16.77
CA PHE A 166 39.16 -11.17 -17.38
C PHE A 166 40.29 -11.46 -16.41
N PHE A 167 40.65 -10.49 -15.58
CA PHE A 167 41.72 -10.66 -14.61
C PHE A 167 41.22 -11.27 -13.31
N LYS A 168 39.93 -11.62 -13.26
CA LYS A 168 39.28 -12.32 -12.14
C LYS A 168 39.39 -11.52 -10.84
N TRP A 169 39.24 -10.21 -10.93
CA TRP A 169 39.35 -9.38 -9.75
C TRP A 169 38.08 -9.45 -8.92
N LYS A 170 38.24 -9.27 -7.61
CA LYS A 170 37.10 -9.19 -6.70
C LYS A 170 37.28 -8.11 -5.63
N THR A 171 38.40 -7.38 -5.65
CA THR A 171 38.68 -6.40 -4.59
C THR A 171 39.20 -5.13 -5.25
N VAL A 172 38.42 -4.62 -6.21
CA VAL A 172 38.80 -3.47 -7.02
C VAL A 172 38.80 -2.19 -6.18
N THR A 173 39.78 -1.30 -6.42
CA THR A 173 39.88 0.00 -5.78
C THR A 173 40.02 1.09 -6.84
N VAL A 174 38.97 1.90 -7.02
CA VAL A 174 39.00 2.99 -7.98
C VAL A 174 39.57 4.23 -7.29
N VAL A 175 40.60 4.82 -7.88
CA VAL A 175 41.19 6.06 -7.40
C VAL A 175 41.01 7.11 -8.50
N TYR A 176 40.25 8.17 -8.20
CA TYR A 176 40.06 9.26 -9.14
C TYR A 176 40.69 10.52 -8.58
N ASP A 177 40.64 11.60 -9.37
CA ASP A 177 41.24 12.87 -8.96
C ASP A 177 40.25 13.99 -8.76
N ASP A 178 39.34 14.24 -9.69
CA ASP A 178 38.32 15.26 -9.53
C ASP A 178 36.94 14.63 -9.51
N SER A 179 35.97 15.37 -8.96
CA SER A 179 34.63 14.86 -8.68
C SER A 179 33.86 14.46 -9.93
N THR A 180 34.28 14.90 -11.12
CA THR A 180 33.64 14.49 -12.36
C THR A 180 34.05 13.07 -12.75
N GLY A 181 35.06 12.50 -12.09
CA GLY A 181 35.49 11.14 -12.41
C GLY A 181 34.50 10.09 -11.96
N LEU A 182 33.58 10.46 -11.07
CA LEU A 182 32.50 9.57 -10.69
C LEU A 182 31.52 9.39 -11.84
N ILE A 183 31.25 10.47 -12.58
CA ILE A 183 30.37 10.44 -13.73
C ILE A 183 31.02 9.63 -14.85
N ARG A 184 32.34 9.76 -14.99
CA ARG A 184 33.08 9.00 -15.99
C ARG A 184 32.99 7.50 -15.74
N LEU A 185 33.27 7.07 -14.51
CA LEU A 185 33.34 5.65 -14.20
C LEU A 185 32.09 5.17 -13.47
N GLN A 186 30.91 5.68 -13.86
CA GLN A 186 29.71 5.34 -13.11
C GLN A 186 29.24 3.92 -13.41
N GLU A 187 29.53 3.39 -14.59
CA GLU A 187 29.14 2.02 -14.88
C GLU A 187 30.07 1.03 -14.19
N LEU A 188 31.26 1.49 -13.80
CA LEU A 188 32.16 0.68 -13.02
C LEU A 188 31.77 0.69 -11.54
N ILE A 189 31.18 1.80 -11.08
CA ILE A 189 30.76 1.91 -9.69
C ILE A 189 29.46 1.15 -9.44
N LYS A 190 28.58 1.12 -10.43
CA LYS A 190 27.33 0.37 -10.32
C LYS A 190 27.51 -1.12 -10.57
N ALA A 191 28.73 -1.57 -10.85
CA ALA A 191 29.00 -2.98 -11.18
C ALA A 191 28.84 -3.99 -10.04
N PRO A 192 29.13 -3.69 -8.72
CA PRO A 192 28.81 -4.68 -7.68
C PRO A 192 27.33 -5.00 -7.46
N SER A 193 26.42 -4.31 -8.15
CA SER A 193 25.01 -4.62 -8.04
C SER A 193 24.58 -5.56 -9.16
N ARG A 194 25.53 -5.97 -10.01
CA ARG A 194 25.25 -6.96 -11.04
C ARG A 194 26.37 -7.99 -11.17
N TYR A 195 27.45 -7.83 -10.41
CA TYR A 195 28.51 -8.84 -10.35
C TYR A 195 29.00 -8.98 -8.92
N ASN A 196 30.15 -9.62 -8.73
CA ASN A 196 30.69 -9.86 -7.40
C ASN A 196 31.94 -9.06 -7.07
N LEU A 197 32.10 -7.89 -7.70
CA LEU A 197 33.16 -6.98 -7.32
C LEU A 197 32.86 -6.37 -5.96
N ARG A 198 33.88 -5.84 -5.30
CA ARG A 198 33.71 -5.10 -4.06
C ARG A 198 34.55 -3.83 -4.20
N LEU A 199 33.92 -2.78 -4.71
CA LEU A 199 34.58 -1.50 -4.94
C LEU A 199 34.96 -0.78 -3.65
N LYS A 200 36.07 -0.06 -3.66
CA LYS A 200 36.45 0.83 -2.56
C LYS A 200 36.91 2.15 -3.21
N ILE A 201 35.96 3.07 -3.37
CA ILE A 201 36.23 4.30 -4.10
C ILE A 201 37.09 5.22 -3.24
N ARG A 202 38.19 5.72 -3.81
CA ARG A 202 39.08 6.64 -3.13
C ARG A 202 39.34 7.82 -4.03
N GLN A 203 39.87 8.90 -3.46
CA GLN A 203 40.16 10.11 -4.21
C GLN A 203 41.59 10.55 -3.94
N LEU A 204 42.27 11.01 -4.98
CA LEU A 204 43.58 11.64 -4.81
C LEU A 204 43.44 12.92 -4.00
N PRO A 205 44.51 13.37 -3.32
CA PRO A 205 44.46 14.67 -2.64
C PRO A 205 44.19 15.83 -3.58
N ALA A 206 43.68 16.93 -3.01
CA ALA A 206 42.95 17.99 -3.72
C ALA A 206 43.68 18.60 -4.90
N ASP A 207 44.86 19.17 -4.69
CA ASP A 207 45.65 19.70 -5.80
C ASP A 207 47.11 19.27 -5.76
N THR A 208 47.62 18.98 -4.57
CA THR A 208 49.03 18.65 -4.39
C THR A 208 49.30 17.22 -4.87
N LYS A 209 50.54 16.95 -5.26
CA LYS A 209 50.97 15.59 -5.56
C LYS A 209 51.59 14.93 -4.33
N ASP A 210 50.87 14.98 -3.21
CA ASP A 210 51.25 14.27 -2.00
C ASP A 210 50.30 13.10 -1.84
N ALA A 211 50.40 12.12 -2.74
CA ALA A 211 49.54 10.94 -2.70
C ALA A 211 50.03 9.89 -1.71
N LYS A 212 51.08 10.18 -0.95
CA LYS A 212 51.57 9.23 0.05
C LYS A 212 50.60 8.93 1.19
N PRO A 213 49.82 9.88 1.75
CA PRO A 213 48.79 9.44 2.73
C PRO A 213 47.68 8.62 2.12
N LEU A 214 47.41 8.76 0.83
CA LEU A 214 46.48 7.87 0.16
C LEU A 214 47.07 6.48 0.03
N LEU A 215 48.35 6.39 -0.34
CA LEU A 215 48.95 5.09 -0.64
C LEU A 215 49.30 4.33 0.63
N LYS A 216 49.40 5.03 1.76
CA LYS A 216 49.54 4.34 3.05
C LYS A 216 48.28 3.58 3.41
N GLU A 217 47.12 4.18 3.13
CA GLU A 217 45.84 3.54 3.45
C GLU A 217 45.56 2.39 2.49
N MET A 218 46.02 2.52 1.25
CA MET A 218 45.86 1.44 0.27
C MET A 218 46.81 0.29 0.56
N LYS A 219 47.99 0.58 1.12
CA LYS A 219 48.93 -0.47 1.46
C LYS A 219 48.53 -1.18 2.74
N ARG A 220 48.09 -0.43 3.75
CA ARG A 220 47.60 -1.04 4.98
C ARG A 220 46.28 -1.76 4.78
N GLY A 221 45.49 -1.35 3.80
CA GLY A 221 44.22 -2.00 3.53
C GLY A 221 44.33 -3.24 2.68
N LYS A 222 45.55 -3.59 2.26
CA LYS A 222 45.87 -4.75 1.42
C LYS A 222 45.09 -4.72 0.11
N GLU A 223 45.20 -3.60 -0.60
CA GLU A 223 44.46 -3.36 -1.84
C GLU A 223 45.47 -3.46 -2.99
N PHE A 224 45.48 -4.59 -3.66
CA PHE A 224 46.47 -4.91 -4.68
C PHE A 224 45.96 -4.68 -6.10
N HIS A 225 44.69 -4.31 -6.25
CA HIS A 225 44.07 -4.23 -7.57
C HIS A 225 43.44 -2.85 -7.70
N VAL A 226 44.12 -1.94 -8.38
CA VAL A 226 43.82 -0.52 -8.35
C VAL A 226 43.50 -0.03 -9.76
N ILE A 227 42.41 0.71 -9.90
CA ILE A 227 42.10 1.43 -11.14
C ILE A 227 42.31 2.91 -10.88
N PHE A 228 43.17 3.54 -11.68
CA PHE A 228 43.44 4.97 -11.56
C PHE A 228 42.70 5.72 -12.65
N ASP A 229 41.85 6.66 -12.25
CA ASP A 229 41.26 7.63 -13.17
C ASP A 229 42.06 8.92 -13.10
N CYS A 230 43.02 9.08 -14.00
CA CYS A 230 43.94 10.21 -13.96
C CYS A 230 44.25 10.61 -15.39
N SER A 231 45.03 11.69 -15.53
CA SER A 231 45.70 11.99 -16.78
C SER A 231 47.11 11.40 -16.71
N HIS A 232 47.81 11.43 -17.86
CA HIS A 232 49.15 10.84 -17.90
C HIS A 232 50.18 11.69 -17.16
N GLU A 233 49.88 12.97 -16.97
CA GLU A 233 50.75 13.80 -16.14
C GLU A 233 50.62 13.41 -14.67
N MET A 234 49.41 13.07 -14.24
CA MET A 234 49.21 12.67 -12.85
C MET A 234 49.43 11.18 -12.65
N ALA A 235 49.35 10.39 -13.73
CA ALA A 235 49.69 8.97 -13.63
C ALA A 235 51.18 8.79 -13.39
N ALA A 236 52.00 9.63 -14.03
CA ALA A 236 53.45 9.56 -13.86
C ALA A 236 53.88 9.99 -12.46
N GLY A 237 53.14 10.92 -11.86
CA GLY A 237 53.48 11.42 -10.54
C GLY A 237 53.23 10.42 -9.43
N ILE A 238 52.12 9.68 -9.51
CA ILE A 238 51.78 8.73 -8.45
C ILE A 238 52.46 7.40 -8.69
N LEU A 239 53.03 7.20 -9.87
CA LEU A 239 53.81 5.99 -10.12
C LEU A 239 55.22 6.13 -9.57
N LYS A 240 55.73 7.35 -9.49
CA LYS A 240 56.98 7.59 -8.77
C LYS A 240 56.78 7.40 -7.27
N GLN A 241 55.60 7.76 -6.77
CA GLN A 241 55.33 7.65 -5.34
C GLN A 241 54.85 6.26 -4.95
N ALA A 242 54.42 5.45 -5.92
CA ALA A 242 54.13 4.05 -5.63
C ALA A 242 55.40 3.22 -5.62
N LEU A 243 56.43 3.69 -6.32
CA LEU A 243 57.73 3.04 -6.29
C LEU A 243 58.41 3.23 -4.95
N ALA A 244 58.33 4.43 -4.40
CA ALA A 244 59.07 4.78 -3.20
C ALA A 244 58.40 4.32 -1.92
N MET A 245 57.22 3.69 -2.01
CA MET A 245 56.52 3.33 -0.78
C MET A 245 56.35 1.84 -0.55
N GLY A 246 55.63 1.14 -1.39
CA GLY A 246 55.75 -0.30 -1.27
C GLY A 246 55.26 -1.07 -2.45
N MET A 247 54.92 -0.38 -3.53
CA MET A 247 53.74 -0.77 -4.28
C MET A 247 54.04 -1.17 -5.71
N MET A 248 55.25 -0.93 -6.19
CA MET A 248 55.64 -1.50 -7.48
C MET A 248 56.26 -2.88 -7.34
N THR A 249 55.56 -3.84 -6.72
CA THR A 249 56.02 -5.21 -6.62
C THR A 249 55.30 -6.09 -7.63
N GLU A 250 55.49 -7.41 -7.53
CA GLU A 250 54.75 -8.36 -8.34
C GLU A 250 53.39 -8.71 -7.75
N TYR A 251 53.00 -8.06 -6.65
CA TYR A 251 51.71 -8.29 -6.02
C TYR A 251 50.65 -7.29 -6.46
N TYR A 252 51.03 -6.16 -7.03
CA TYR A 252 50.12 -5.07 -7.33
C TYR A 252 49.84 -5.02 -8.82
N HIS A 253 48.58 -4.75 -9.16
CA HIS A 253 48.14 -4.63 -10.54
C HIS A 253 47.38 -3.31 -10.70
N TYR A 254 47.73 -2.57 -11.75
CA TYR A 254 47.27 -1.20 -11.94
C TYR A 254 46.61 -1.08 -13.31
N ILE A 255 45.30 -0.92 -13.34
CA ILE A 255 44.62 -0.55 -14.59
C ILE A 255 44.53 0.96 -14.67
N PHE A 256 44.84 1.51 -15.84
CA PHE A 256 44.82 2.96 -16.03
C PHE A 256 43.71 3.31 -17.00
N THR A 257 42.89 4.27 -16.61
CA THR A 257 41.76 4.75 -17.40
C THR A 257 42.22 5.61 -18.57
N THR A 258 43.36 6.28 -18.44
CA THR A 258 43.86 7.19 -19.47
C THR A 258 44.29 6.42 -20.71
N LEU A 259 44.14 7.05 -21.87
CA LEU A 259 44.50 6.47 -23.16
C LEU A 259 45.92 6.84 -23.58
N ASP A 260 46.68 7.45 -22.68
CA ASP A 260 48.06 7.87 -22.95
C ASP A 260 48.99 7.14 -21.99
N LEU A 261 48.76 5.85 -21.81
CA LEU A 261 49.67 5.02 -21.03
C LEU A 261 50.96 4.75 -21.79
N PHE A 262 50.93 4.83 -23.12
CA PHE A 262 52.10 4.61 -23.98
C PHE A 262 53.08 5.78 -23.93
N ALA A 263 52.76 6.84 -23.18
CA ALA A 263 53.60 8.03 -23.09
C ALA A 263 54.23 8.16 -21.72
N LEU A 264 54.55 7.03 -21.08
CA LEU A 264 55.21 7.01 -19.79
C LEU A 264 56.59 6.37 -19.93
N ASP A 265 57.61 7.05 -19.39
CA ASP A 265 58.94 6.46 -19.28
C ASP A 265 58.84 5.37 -18.23
N VAL A 266 58.73 4.12 -18.68
CA VAL A 266 58.38 3.01 -17.81
C VAL A 266 59.66 2.20 -17.56
N GLU A 267 60.79 2.78 -17.94
CA GLU A 267 62.11 2.18 -17.70
C GLU A 267 62.41 1.89 -16.22
N PRO A 268 62.00 2.70 -15.23
CA PRO A 268 62.16 2.24 -13.83
C PRO A 268 61.23 1.11 -13.43
N TYR A 269 60.25 0.75 -14.26
CA TYR A 269 59.24 -0.20 -13.81
C TYR A 269 59.20 -1.46 -14.65
N ARG A 270 60.06 -1.58 -15.66
CA ARG A 270 60.05 -2.76 -16.54
C ARG A 270 60.45 -4.02 -15.78
N TYR A 271 61.54 -3.96 -15.04
CA TYR A 271 62.03 -5.11 -14.29
C TYR A 271 61.38 -5.23 -12.93
N SER A 272 60.42 -4.37 -12.60
CA SER A 272 59.83 -4.33 -11.27
C SER A 272 58.89 -5.51 -11.01
N GLY A 273 58.59 -6.30 -12.03
CA GLY A 273 57.71 -7.43 -11.89
C GLY A 273 56.24 -7.05 -11.82
N VAL A 274 55.93 -5.78 -12.03
CA VAL A 274 54.57 -5.30 -11.86
C VAL A 274 53.73 -5.69 -13.05
N ASN A 275 52.43 -5.56 -12.87
CA ASN A 275 51.47 -5.72 -13.94
C ASN A 275 50.71 -4.39 -14.04
N MET A 276 50.74 -3.78 -15.23
CA MET A 276 50.20 -2.43 -15.45
C MET A 276 49.42 -2.44 -16.77
N THR A 277 48.12 -2.64 -16.68
CA THR A 277 47.29 -2.77 -17.87
C THR A 277 46.79 -1.37 -18.25
N GLY A 278 46.07 -1.25 -19.35
CA GLY A 278 45.62 0.04 -19.82
C GLY A 278 45.04 -0.10 -21.22
N PHE A 279 44.84 1.04 -21.88
CA PHE A 279 44.28 1.04 -23.21
C PHE A 279 45.07 2.01 -24.07
N ARG A 280 44.80 1.96 -25.37
CA ARG A 280 45.44 2.85 -26.33
C ARG A 280 44.57 2.92 -27.58
N ILE A 281 44.03 4.10 -27.89
CA ILE A 281 43.27 4.22 -29.13
C ILE A 281 44.13 4.79 -30.24
N LEU A 282 45.26 5.43 -29.90
CA LEU A 282 46.20 5.93 -30.89
C LEU A 282 46.87 4.76 -31.60
N ASN A 283 46.51 4.56 -32.87
CA ASN A 283 46.81 3.34 -33.61
C ASN A 283 48.23 3.43 -34.15
N THR A 284 49.21 3.23 -33.26
CA THR A 284 50.62 3.45 -33.58
C THR A 284 51.25 2.30 -34.35
N GLU A 285 50.49 1.26 -34.72
CA GLU A 285 51.04 0.12 -35.42
C GLU A 285 50.85 0.21 -36.92
N ASN A 286 50.25 1.28 -37.43
CA ASN A 286 50.21 1.51 -38.86
C ASN A 286 51.46 2.23 -39.31
N THR A 287 51.85 2.01 -40.57
CA THR A 287 52.96 2.74 -41.15
C THR A 287 52.56 4.20 -41.42
N GLN A 288 51.30 4.40 -41.79
CA GLN A 288 50.81 5.76 -42.10
C GLN A 288 50.71 6.61 -40.85
N VAL A 289 50.22 6.03 -39.75
CA VAL A 289 50.08 6.78 -38.50
C VAL A 289 51.45 7.05 -37.88
N SER A 290 52.35 6.06 -37.92
CA SER A 290 53.67 6.23 -37.32
C SER A 290 54.51 7.21 -38.13
N SER A 291 54.17 7.43 -39.40
CA SER A 291 54.80 8.48 -40.17
C SER A 291 54.45 9.86 -39.62
N ILE A 292 53.19 10.04 -39.21
CA ILE A 292 52.73 11.34 -38.75
C ILE A 292 53.27 11.64 -37.36
N ILE A 293 53.43 10.60 -36.53
CA ILE A 293 54.02 10.76 -35.21
C ILE A 293 55.49 11.13 -35.33
N GLU A 294 56.18 10.58 -36.33
CA GLU A 294 57.57 10.95 -36.58
C GLU A 294 57.66 12.36 -37.15
N LYS A 295 56.66 12.79 -37.92
CA LYS A 295 56.61 14.17 -38.36
C LYS A 295 56.34 15.12 -37.20
N TRP A 296 55.64 14.63 -36.17
CA TRP A 296 55.14 15.49 -35.10
C TRP A 296 56.28 16.05 -34.24
N SER A 297 57.30 15.22 -33.98
CA SER A 297 58.41 15.64 -33.13
C SER A 297 59.29 16.69 -33.79
N MET A 298 59.23 16.79 -35.13
CA MET A 298 60.01 17.75 -35.88
C MET A 298 59.59 19.19 -35.61
N GLU A 299 58.36 19.55 -35.98
CA GLU A 299 57.92 20.94 -35.87
C GLU A 299 57.62 21.36 -34.43
N ARG A 300 57.43 20.40 -33.53
CA ARG A 300 57.08 20.70 -32.14
C ARG A 300 58.29 21.21 -31.35
N LEU A 301 59.48 21.03 -31.93
CA LEU A 301 60.80 20.85 -31.30
C LEU A 301 61.02 21.50 -29.93
N GLN A 302 60.54 22.73 -29.75
CA GLN A 302 60.57 23.43 -28.47
C GLN A 302 59.77 22.72 -27.37
N ALA A 303 59.88 23.25 -26.14
CA ALA A 303 59.27 22.77 -24.90
C ALA A 303 59.69 21.35 -24.55
N PRO A 304 60.93 21.14 -24.11
CA PRO A 304 61.38 19.78 -23.77
C PRO A 304 60.78 19.30 -22.47
N PRO A 305 60.56 17.98 -22.32
CA PRO A 305 60.06 17.45 -21.05
C PRO A 305 61.11 17.46 -19.94
N LYS A 306 60.82 18.18 -18.84
CA LYS A 306 61.66 18.28 -17.65
C LYS A 306 61.89 16.90 -17.04
N PRO A 307 63.09 16.63 -16.47
CA PRO A 307 63.50 15.25 -16.15
C PRO A 307 62.67 14.53 -15.09
N ASP A 308 62.31 15.20 -14.00
CA ASP A 308 61.48 14.57 -12.97
C ASP A 308 59.98 14.69 -13.26
N SER A 309 59.60 14.36 -14.50
CA SER A 309 58.23 14.37 -14.97
C SER A 309 58.02 13.20 -15.92
N GLY A 310 58.36 11.98 -15.51
CA GLY A 310 58.86 10.94 -16.39
C GLY A 310 57.90 10.39 -17.43
N LEU A 311 57.34 11.31 -18.20
CA LEU A 311 56.76 11.06 -19.52
C LEU A 311 57.87 10.81 -20.52
N LEU A 312 57.55 10.20 -21.66
CA LEU A 312 58.53 9.96 -22.71
C LEU A 312 58.89 11.26 -23.44
N ASP A 313 59.79 11.16 -24.42
CA ASP A 313 60.35 12.34 -25.06
C ASP A 313 59.45 12.91 -26.16
N GLY A 314 59.22 12.12 -27.21
CA GLY A 314 58.49 12.62 -28.37
C GLY A 314 57.27 11.80 -28.75
N PHE A 315 56.08 12.39 -28.63
CA PHE A 315 54.83 11.69 -28.80
C PHE A 315 53.67 12.65 -29.02
N MET A 316 52.66 12.20 -29.77
CA MET A 316 51.34 12.82 -29.71
C MET A 316 50.54 12.22 -28.56
N THR A 317 50.02 13.10 -27.71
CA THR A 317 48.97 12.72 -26.79
C THR A 317 47.71 12.35 -27.56
N THR A 318 46.79 11.64 -26.92
CA THR A 318 45.51 11.39 -27.56
C THR A 318 44.64 12.64 -27.57
N ASP A 319 45.00 13.66 -26.78
CA ASP A 319 44.35 14.96 -26.85
C ASP A 319 44.63 15.62 -28.19
N ALA A 320 45.88 15.61 -28.62
CA ALA A 320 46.24 16.23 -29.90
C ALA A 320 45.93 15.31 -31.08
N ALA A 321 45.84 14.01 -30.83
CA ALA A 321 45.51 13.07 -31.91
C ALA A 321 44.06 13.21 -32.34
N LEU A 322 43.19 13.57 -31.40
CA LEU A 322 41.78 13.75 -31.73
C LEU A 322 41.52 15.11 -32.37
N MET A 323 42.40 16.08 -32.14
CA MET A 323 42.26 17.37 -32.81
C MET A 323 42.81 17.30 -34.23
N TYR A 324 43.82 16.46 -34.46
CA TYR A 324 44.27 16.18 -35.82
C TYR A 324 43.19 15.44 -36.61
N ASP A 325 42.46 14.56 -35.91
CA ASP A 325 41.39 13.81 -36.57
C ASP A 325 40.16 14.66 -36.82
N ALA A 326 39.87 15.61 -35.92
CA ALA A 326 38.63 16.38 -36.01
C ALA A 326 38.62 17.29 -37.22
N VAL A 327 39.79 17.77 -37.65
CA VAL A 327 39.86 18.57 -38.86
C VAL A 327 39.62 17.70 -40.08
N HIS A 328 40.00 16.43 -40.00
CA HIS A 328 39.86 15.53 -41.14
C HIS A 328 38.43 15.01 -41.28
N VAL A 329 37.76 14.75 -40.17
CA VAL A 329 36.39 14.22 -40.22
C VAL A 329 35.43 15.30 -40.74
N VAL A 330 35.66 16.55 -40.35
CA VAL A 330 34.91 17.66 -40.93
C VAL A 330 35.31 17.87 -42.39
N SER A 331 36.55 17.52 -42.74
CA SER A 331 37.01 17.65 -44.13
C SER A 331 36.34 16.61 -45.03
N VAL A 332 35.95 15.46 -44.48
CA VAL A 332 35.16 14.50 -45.24
C VAL A 332 33.78 15.09 -45.57
N ALA A 333 33.24 15.88 -44.64
CA ALA A 333 31.92 16.47 -44.84
C ALA A 333 31.94 17.61 -45.85
N VAL A 334 33.03 18.38 -45.92
CA VAL A 334 33.06 19.47 -46.88
C VAL A 334 33.44 19.00 -48.27
N GLN A 335 34.05 17.82 -48.41
CA GLN A 335 34.28 17.25 -49.72
C GLN A 335 32.97 16.76 -50.34
N GLN A 336 32.02 16.35 -49.50
CA GLN A 336 30.70 15.90 -49.93
C GLN A 336 29.72 17.05 -50.02
N PHE A 337 30.21 18.28 -49.94
CA PHE A 337 29.36 19.47 -49.92
C PHE A 337 30.14 20.66 -50.48
N PRO A 338 30.25 20.78 -51.81
CA PRO A 338 31.17 21.79 -52.37
C PRO A 338 30.62 23.20 -52.42
N GLN A 339 29.31 23.40 -52.35
CA GLN A 339 28.74 24.73 -52.57
C GLN A 339 28.65 25.57 -51.29
N MET A 340 29.38 25.18 -50.24
CA MET A 340 29.39 25.89 -48.97
C MET A 340 29.99 27.29 -49.10
N THR A 341 29.26 28.29 -48.61
CA THR A 341 29.75 29.65 -48.51
C THR A 341 29.62 30.09 -47.06
N VAL A 342 30.73 30.56 -46.50
CA VAL A 342 30.80 30.98 -45.11
C VAL A 342 30.04 32.30 -44.94
N SER A 343 29.14 32.35 -43.96
CA SER A 343 28.33 33.52 -43.70
C SER A 343 28.74 34.16 -42.37
N SER A 344 28.37 35.44 -42.22
CA SER A 344 28.69 36.20 -41.03
C SER A 344 27.46 36.30 -40.13
N LEU A 345 27.39 35.36 -39.19
CA LEU A 345 26.25 35.30 -38.28
C LEU A 345 26.44 36.27 -37.13
N GLN A 346 25.33 36.62 -36.47
CA GLN A 346 25.33 37.59 -35.39
C GLN A 346 24.64 36.99 -34.17
N CYS A 347 25.21 37.24 -32.98
CA CYS A 347 24.71 36.62 -31.77
C CYS A 347 23.48 37.30 -31.18
N ASN A 348 23.45 38.63 -31.08
CA ASN A 348 22.30 39.31 -30.52
C ASN A 348 21.13 39.43 -31.50
N ARG A 349 21.31 38.98 -32.74
CA ARG A 349 20.24 38.87 -33.71
C ARG A 349 20.21 37.44 -34.25
N HIS A 350 20.23 36.47 -33.34
CA HIS A 350 20.55 35.08 -33.66
C HIS A 350 19.57 34.42 -34.62
N LYS A 351 20.09 34.06 -35.80
CA LYS A 351 19.36 33.39 -36.85
C LYS A 351 20.22 32.21 -37.29
N PRO A 352 19.65 31.02 -37.53
CA PRO A 352 20.48 29.87 -37.91
C PRO A 352 21.16 30.02 -39.26
N TRP A 353 22.33 29.40 -39.40
CA TRP A 353 23.10 29.46 -40.63
C TRP A 353 22.44 28.58 -41.67
N ARG A 354 22.55 28.99 -42.94
CA ARG A 354 21.68 28.48 -44.00
C ARG A 354 21.94 27.00 -44.27
N PHE A 355 23.20 26.59 -44.26
CA PHE A 355 23.55 25.20 -44.47
C PHE A 355 23.96 24.48 -43.20
N GLY A 356 23.58 25.02 -42.03
CA GLY A 356 24.00 24.40 -40.78
C GLY A 356 23.33 23.08 -40.50
N THR A 357 22.12 22.89 -41.05
CA THR A 357 21.38 21.66 -40.77
C THR A 357 21.88 20.50 -41.62
N ARG A 358 22.20 20.77 -42.88
CA ARG A 358 22.68 19.70 -43.76
C ARG A 358 24.13 19.33 -43.45
N PHE A 359 24.98 20.34 -43.23
CA PHE A 359 26.39 20.09 -42.99
C PHE A 359 26.64 19.40 -41.67
N MET A 360 25.76 19.60 -40.70
CA MET A 360 25.86 18.85 -39.45
C MET A 360 25.50 17.39 -39.67
N SER A 361 24.56 17.12 -40.58
CA SER A 361 24.20 15.74 -40.89
C SER A 361 25.32 15.02 -41.63
N LEU A 362 26.16 15.77 -42.36
CA LEU A 362 27.27 15.14 -43.06
C LEU A 362 28.42 14.82 -42.12
N ILE A 363 28.58 15.62 -41.05
CA ILE A 363 29.59 15.32 -40.04
C ILE A 363 29.21 14.10 -39.22
N LYS A 364 27.92 13.94 -38.90
CA LYS A 364 27.45 12.76 -38.18
C LYS A 364 27.36 11.52 -39.05
N GLU A 365 27.56 11.64 -40.36
CA GLU A 365 27.61 10.49 -41.24
C GLU A 365 29.00 10.26 -41.83
N ALA A 366 30.01 10.94 -41.29
CA ALA A 366 31.36 10.86 -41.84
C ALA A 366 32.09 9.65 -41.28
N HIS A 367 32.87 8.98 -42.13
CA HIS A 367 33.72 7.89 -41.72
C HIS A 367 35.15 8.24 -42.09
N TRP A 368 36.09 7.91 -41.20
CA TRP A 368 37.48 8.28 -41.40
C TRP A 368 38.35 7.29 -40.65
N GLU A 369 39.52 7.00 -41.24
CA GLU A 369 40.52 6.13 -40.65
C GLU A 369 41.68 7.03 -40.26
N GLY A 370 41.63 7.59 -39.06
CA GLY A 370 42.59 8.57 -38.62
C GLY A 370 43.66 7.97 -37.72
N LEU A 371 44.26 8.84 -36.90
CA LEU A 371 45.26 8.40 -35.96
C LEU A 371 44.68 7.49 -34.88
N THR A 372 43.42 7.72 -34.52
CA THR A 372 42.78 7.02 -33.42
C THR A 372 41.82 5.93 -33.90
N GLY A 373 42.10 5.32 -35.04
CA GLY A 373 41.30 4.21 -35.51
C GLY A 373 40.18 4.66 -36.42
N ARG A 374 39.07 3.92 -36.42
CA ARG A 374 37.89 4.28 -37.19
C ARG A 374 37.11 5.35 -36.44
N ILE A 375 36.60 6.33 -37.18
CA ILE A 375 35.83 7.41 -36.56
C ILE A 375 34.43 7.40 -37.13
N THR A 376 33.51 6.74 -36.43
CA THR A 376 32.10 6.80 -36.75
C THR A 376 31.36 7.30 -35.51
N PHE A 377 30.27 8.04 -35.74
CA PHE A 377 29.59 8.70 -34.63
C PHE A 377 28.31 7.97 -34.25
N ASN A 378 27.77 8.34 -33.10
CA ASN A 378 26.58 7.73 -32.51
C ASN A 378 25.35 8.54 -32.92
N LYS A 379 24.63 8.10 -33.97
CA LYS A 379 23.53 8.79 -34.64
C LYS A 379 22.50 9.44 -33.70
N THR A 380 22.21 8.78 -32.57
CA THR A 380 21.28 9.32 -31.59
C THR A 380 21.75 10.64 -30.99
N ASN A 381 22.94 10.66 -30.37
CA ASN A 381 23.38 11.83 -29.63
C ASN A 381 24.56 12.56 -30.29
N GLY A 382 25.57 11.82 -30.73
CA GLY A 382 26.68 12.47 -31.41
C GLY A 382 28.05 12.15 -30.85
N LEU A 383 28.17 11.03 -30.15
CA LEU A 383 29.37 10.69 -29.41
C LEU A 383 30.13 9.62 -30.18
N ARG A 384 31.31 9.26 -29.69
CA ARG A 384 31.99 8.06 -30.18
C ARG A 384 31.87 6.95 -29.17
N THR A 385 30.86 6.09 -29.36
CA THR A 385 30.74 4.87 -28.60
C THR A 385 31.16 3.64 -29.39
N ASP A 386 31.51 3.80 -30.66
CA ASP A 386 31.99 2.70 -31.50
C ASP A 386 33.41 3.03 -31.94
N PHE A 387 34.39 2.41 -31.30
CA PHE A 387 35.80 2.66 -31.54
C PHE A 387 36.59 1.39 -31.24
N ASP A 388 37.87 1.41 -31.61
CA ASP A 388 38.71 0.23 -31.50
C ASP A 388 39.88 0.55 -30.58
N LEU A 389 39.90 -0.09 -29.41
CA LEU A 389 40.99 0.10 -28.47
C LEU A 389 42.06 -0.96 -28.69
N ASP A 390 43.18 -0.83 -27.96
CA ASP A 390 44.26 -1.81 -28.01
C ASP A 390 44.72 -1.98 -26.57
N VAL A 391 44.41 -3.12 -25.96
CA VAL A 391 44.79 -3.35 -24.58
C VAL A 391 46.29 -3.54 -24.49
N ILE A 392 46.97 -2.69 -23.71
CA ILE A 392 48.41 -2.76 -23.58
C ILE A 392 48.76 -3.04 -22.12
N SER A 393 49.78 -3.86 -21.90
CA SER A 393 50.25 -4.17 -20.57
C SER A 393 51.76 -3.98 -20.50
N LEU A 394 52.29 -4.02 -19.28
CA LEU A 394 53.72 -3.85 -19.05
C LEU A 394 54.37 -5.22 -18.93
N LYS A 395 55.25 -5.53 -19.87
CA LYS A 395 56.05 -6.74 -19.83
C LYS A 395 57.49 -6.37 -19.47
N GLU A 396 58.35 -7.39 -19.34
CA GLU A 396 59.74 -7.15 -19.00
C GLU A 396 60.48 -6.39 -20.10
N GLU A 397 60.18 -6.70 -21.36
CA GLU A 397 60.80 -6.01 -22.49
C GLU A 397 60.34 -4.56 -22.60
N GLY A 398 59.03 -4.33 -22.65
CA GLY A 398 58.50 -2.99 -22.71
C GLY A 398 57.01 -2.93 -22.39
N LEU A 399 56.28 -2.08 -23.10
CA LEU A 399 54.86 -1.87 -22.89
C LEU A 399 54.14 -2.26 -24.17
N GLU A 400 53.52 -3.43 -24.18
CA GLU A 400 53.16 -4.09 -25.43
C GLU A 400 51.67 -4.42 -25.49
N LYS A 401 51.14 -4.41 -26.71
CA LYS A 401 49.75 -4.77 -26.99
C LYS A 401 49.48 -6.24 -26.70
N ILE A 402 48.57 -6.52 -25.78
CA ILE A 402 48.26 -7.90 -25.42
C ILE A 402 46.83 -8.26 -25.79
N GLY A 403 46.14 -7.39 -26.50
CA GLY A 403 44.77 -7.68 -26.88
C GLY A 403 44.13 -6.52 -27.62
N THR A 404 42.82 -6.61 -27.77
CA THR A 404 42.03 -5.64 -28.51
C THR A 404 40.70 -5.50 -27.75
N TRP A 405 39.97 -4.40 -28.00
CA TRP A 405 38.63 -4.24 -27.48
C TRP A 405 37.76 -3.61 -28.56
N ASP A 406 36.47 -3.92 -28.55
CA ASP A 406 35.53 -3.53 -29.59
C ASP A 406 34.18 -3.68 -28.92
N PRO A 407 33.31 -2.65 -28.96
CA PRO A 407 31.99 -2.75 -28.29
C PRO A 407 31.11 -3.89 -28.79
N ALA A 408 31.21 -4.22 -30.07
CA ALA A 408 30.53 -5.39 -30.61
C ALA A 408 31.13 -6.67 -30.05
N SER A 409 32.38 -6.96 -30.38
CA SER A 409 33.06 -8.19 -29.97
C SER A 409 33.28 -8.30 -28.47
N GLY A 410 34.07 -7.41 -27.90
CA GLY A 410 34.52 -7.52 -26.54
C GLY A 410 36.02 -7.67 -26.50
N LEU A 411 36.52 -8.28 -25.43
CA LEU A 411 37.96 -8.51 -25.32
C LEU A 411 38.42 -9.70 -26.15
N ASN A 412 39.16 -9.42 -27.21
CA ASN A 412 39.86 -10.45 -27.96
C ASN A 412 41.33 -10.44 -27.55
N MET A 413 41.64 -10.96 -26.36
CA MET A 413 42.98 -10.81 -25.82
C MET A 413 43.87 -11.98 -26.20
N THR A 414 44.66 -11.80 -27.25
CA THR A 414 45.69 -12.75 -27.63
C THR A 414 46.96 -12.60 -26.80
N GLU A 415 46.86 -12.82 -25.49
CA GLU A 415 47.98 -12.60 -24.58
C GLU A 415 49.07 -13.66 -24.75
N THR B 33 14.99 58.87 -1.13
CA THR B 33 14.27 57.83 -1.86
C THR B 33 15.17 57.15 -2.88
N HIS B 34 15.36 55.84 -2.72
CA HIS B 34 16.26 55.08 -3.58
C HIS B 34 15.44 54.14 -4.46
N VAL B 35 16.03 53.70 -5.57
CA VAL B 35 15.43 52.68 -6.42
C VAL B 35 16.46 51.61 -6.76
N LEU B 36 16.51 50.55 -5.94
CA LEU B 36 17.38 49.43 -6.21
C LEU B 36 16.65 48.40 -7.04
N ARG B 37 17.35 47.78 -7.99
CA ARG B 37 16.74 46.87 -8.94
C ARG B 37 17.44 45.53 -8.91
N PHE B 38 16.91 44.59 -8.15
CA PHE B 38 17.45 43.22 -8.12
C PHE B 38 17.00 42.48 -9.36
N GLY B 39 17.93 41.90 -10.11
CA GLY B 39 17.59 41.12 -11.26
C GLY B 39 17.15 39.72 -10.88
N GLY B 40 16.62 39.01 -11.88
CA GLY B 40 16.19 37.65 -11.68
C GLY B 40 15.95 36.97 -13.01
N ILE B 41 16.30 35.68 -13.09
CA ILE B 41 16.22 34.91 -14.32
C ILE B 41 15.55 33.59 -13.98
N PHE B 42 14.28 33.45 -14.32
CA PHE B 42 13.48 32.34 -13.81
C PHE B 42 12.94 31.50 -14.96
N GLU B 43 12.24 30.42 -14.61
CA GLU B 43 11.72 29.48 -15.60
C GLU B 43 10.52 30.06 -16.33
N TYR B 44 10.44 29.79 -17.64
CA TYR B 44 9.33 30.22 -18.48
C TYR B 44 8.37 29.06 -18.65
N VAL B 45 7.18 29.18 -18.06
CA VAL B 45 6.11 28.18 -18.21
C VAL B 45 5.03 28.79 -19.10
N GLU B 46 4.42 27.96 -19.94
CA GLU B 46 3.45 28.47 -20.90
C GLU B 46 2.02 28.32 -20.42
N SER B 47 1.74 27.33 -19.56
CA SER B 47 0.37 27.02 -19.20
C SER B 47 -0.02 27.49 -17.80
N GLY B 48 0.74 27.09 -16.78
CA GLY B 48 0.40 27.43 -15.42
C GLY B 48 0.86 28.82 -15.03
N PRO B 49 0.70 29.15 -13.75
CA PRO B 49 1.22 30.43 -13.24
C PRO B 49 2.73 30.39 -13.04
N MET B 50 3.27 31.51 -12.57
CA MET B 50 4.70 31.68 -12.30
C MET B 50 5.20 30.65 -11.28
N GLY B 51 6.48 30.29 -11.38
CA GLY B 51 7.03 29.22 -10.57
C GLY B 51 7.14 29.57 -9.10
N ALA B 52 7.59 28.58 -8.32
CA ALA B 52 7.66 28.74 -6.87
C ALA B 52 8.77 29.70 -6.48
N GLU B 53 9.85 29.74 -7.25
CA GLU B 53 10.94 30.66 -6.93
C GLU B 53 10.61 32.08 -7.35
N GLU B 54 9.88 32.24 -8.46
CA GLU B 54 9.54 33.59 -8.92
C GLU B 54 8.45 34.21 -8.05
N LEU B 55 7.53 33.38 -7.53
CA LEU B 55 6.60 33.84 -6.51
C LEU B 55 7.32 34.29 -5.25
N ALA B 56 8.25 33.47 -4.77
CA ALA B 56 8.96 33.79 -3.53
C ALA B 56 9.90 34.97 -3.72
N PHE B 57 10.35 35.21 -4.95
CA PHE B 57 11.14 36.40 -5.20
C PHE B 57 10.25 37.64 -5.21
N ARG B 58 9.04 37.53 -5.75
CA ARG B 58 8.10 38.65 -5.72
C ARG B 58 7.53 38.85 -4.33
N PHE B 59 7.34 37.77 -3.58
CA PHE B 59 6.79 37.87 -2.23
C PHE B 59 7.80 38.48 -1.27
N ALA B 60 9.10 38.26 -1.52
CA ALA B 60 10.12 38.81 -0.65
C ALA B 60 10.33 40.29 -0.91
N VAL B 61 10.31 40.72 -2.17
CA VAL B 61 10.51 42.12 -2.50
C VAL B 61 9.35 42.97 -1.99
N ASN B 62 8.14 42.41 -2.01
CA ASN B 62 6.99 43.09 -1.42
C ASN B 62 7.09 43.16 0.10
N THR B 63 7.82 42.23 0.71
CA THR B 63 7.92 42.20 2.17
C THR B 63 8.84 43.30 2.69
N ILE B 64 10.03 43.47 2.07
CA ILE B 64 10.92 44.54 2.49
C ILE B 64 10.34 45.92 2.13
N ASN B 65 9.56 46.00 1.05
CA ASN B 65 8.95 47.28 0.68
C ASN B 65 7.85 47.70 1.65
N ARG B 66 7.16 46.73 2.26
CA ARG B 66 6.18 47.05 3.30
C ARG B 66 6.86 47.33 4.62
N ASN B 67 7.73 46.43 5.06
CA ASN B 67 8.36 46.51 6.38
C ASN B 67 9.36 47.67 6.43
N ARG B 68 9.46 48.32 7.59
CA ARG B 68 10.02 49.66 7.65
C ARG B 68 11.41 49.68 8.28
N THR B 69 11.70 48.81 9.25
CA THR B 69 13.00 48.83 9.92
C THR B 69 14.10 48.36 8.99
N LEU B 70 13.87 47.29 8.23
CA LEU B 70 14.81 46.83 7.22
C LEU B 70 14.65 47.69 5.98
N LEU B 71 15.73 48.36 5.58
CA LEU B 71 15.81 49.31 4.47
C LEU B 71 14.77 50.42 4.56
N PRO B 72 14.93 51.40 5.46
CA PRO B 72 14.05 52.56 5.40
C PRO B 72 14.34 53.43 4.18
N ASN B 73 13.27 53.99 3.60
CA ASN B 73 13.28 55.02 2.55
C ASN B 73 13.78 54.51 1.19
N THR B 74 14.06 53.21 1.06
CA THR B 74 14.40 52.66 -0.25
C THR B 74 13.22 51.85 -0.77
N THR B 75 13.19 51.62 -2.09
CA THR B 75 12.15 50.83 -2.72
C THR B 75 12.80 49.83 -3.66
N LEU B 76 12.90 48.58 -3.21
CA LEU B 76 13.38 47.49 -4.06
C LEU B 76 12.40 47.22 -5.19
N THR B 77 12.89 47.31 -6.43
CA THR B 77 12.10 46.86 -7.57
C THR B 77 12.82 45.68 -8.21
N TYR B 78 12.18 45.04 -9.18
CA TYR B 78 12.72 43.82 -9.73
C TYR B 78 12.67 43.87 -11.25
N ASP B 79 13.44 42.97 -11.87
CA ASP B 79 13.56 42.93 -13.33
C ASP B 79 13.56 41.48 -13.83
N THR B 80 12.56 40.69 -13.42
CA THR B 80 12.52 39.26 -13.69
C THR B 80 12.40 38.96 -15.18
N GLN B 81 13.31 38.13 -15.68
CA GLN B 81 13.29 37.63 -17.04
C GLN B 81 13.04 36.14 -16.99
N LYS B 82 12.50 35.58 -18.08
CA LYS B 82 12.14 34.17 -18.12
C LYS B 82 12.89 33.46 -19.24
N ILE B 83 13.51 32.33 -18.90
CA ILE B 83 14.30 31.54 -19.84
C ILE B 83 13.84 30.10 -19.87
N ASN B 84 14.54 29.26 -20.62
CA ASN B 84 14.21 27.85 -20.79
C ASN B 84 14.91 26.97 -19.75
N LEU B 85 15.92 27.52 -19.06
CA LEU B 85 16.76 26.95 -18.01
C LEU B 85 17.76 25.92 -18.54
N TYR B 86 17.66 25.56 -19.82
CA TYR B 86 18.56 24.59 -20.44
C TYR B 86 19.26 25.21 -21.64
N ASP B 87 19.37 26.53 -21.65
CA ASP B 87 19.89 27.28 -22.79
C ASP B 87 20.85 28.32 -22.22
N SER B 88 22.15 28.02 -22.28
CA SER B 88 23.14 28.95 -21.74
C SER B 88 23.27 30.19 -22.60
N PHE B 89 22.83 30.12 -23.86
CA PHE B 89 22.83 31.31 -24.72
C PHE B 89 21.70 32.25 -24.34
N GLU B 90 20.51 31.69 -24.07
CA GLU B 90 19.37 32.52 -23.70
C GLU B 90 19.55 33.12 -22.31
N ALA B 91 20.18 32.36 -21.40
CA ALA B 91 20.46 32.87 -20.07
C ALA B 91 21.52 33.95 -20.10
N SER B 92 22.42 33.91 -21.08
CA SER B 92 23.46 34.92 -21.18
C SER B 92 22.94 36.20 -21.83
N LYS B 93 21.91 36.09 -22.67
CA LYS B 93 21.31 37.28 -23.25
C LYS B 93 20.49 38.05 -22.22
N LYS B 94 19.72 37.31 -21.41
CA LYS B 94 18.90 37.97 -20.39
C LYS B 94 19.77 38.53 -19.27
N ALA B 95 20.93 37.94 -19.03
CA ALA B 95 21.85 38.49 -18.04
C ALA B 95 22.51 39.76 -18.54
N CYS B 96 22.79 39.87 -19.84
CA CYS B 96 23.32 41.11 -20.37
C CYS B 96 22.25 42.17 -20.56
N ASP B 97 20.98 41.76 -20.68
CA ASP B 97 19.89 42.74 -20.72
C ASP B 97 19.69 43.37 -19.36
N GLN B 98 19.75 42.56 -18.29
CA GLN B 98 19.60 43.08 -16.95
C GLN B 98 20.78 43.95 -16.55
N LEU B 99 21.97 43.64 -17.05
CA LEU B 99 23.12 44.50 -16.80
C LEU B 99 23.04 45.79 -17.61
N SER B 100 22.37 45.75 -18.76
CA SER B 100 22.21 46.95 -19.58
C SER B 100 21.19 47.89 -18.95
N LEU B 101 20.04 47.36 -18.55
CA LEU B 101 19.07 48.14 -17.78
C LEU B 101 19.67 48.54 -16.43
N GLY B 102 20.45 47.67 -15.83
CA GLY B 102 21.15 47.99 -14.60
C GLY B 102 20.60 47.28 -13.39
N VAL B 103 21.33 46.31 -12.88
CA VAL B 103 20.94 45.60 -11.67
C VAL B 103 22.05 45.71 -10.64
N ALA B 104 21.74 45.32 -9.40
CA ALA B 104 22.70 45.29 -8.31
C ALA B 104 23.01 43.86 -7.88
N ALA B 105 22.26 42.89 -8.40
CA ALA B 105 22.45 41.47 -8.14
C ALA B 105 21.64 40.67 -9.16
N ILE B 106 21.98 39.40 -9.36
CA ILE B 106 21.17 38.50 -10.18
C ILE B 106 20.90 37.24 -9.37
N PHE B 107 19.63 36.91 -9.19
CA PHE B 107 19.22 35.85 -8.28
C PHE B 107 19.07 34.53 -9.02
N GLY B 108 20.10 34.17 -9.79
CA GLY B 108 20.29 32.82 -10.27
C GLY B 108 19.39 32.40 -11.41
N PRO B 109 19.94 31.63 -12.34
CA PRO B 109 19.10 30.97 -13.34
C PRO B 109 18.54 29.66 -12.82
N SER B 110 19.16 29.15 -11.75
CA SER B 110 18.71 28.02 -10.94
C SER B 110 18.80 26.68 -11.67
N HIS B 111 19.60 26.61 -12.73
CA HIS B 111 19.97 25.32 -13.30
C HIS B 111 21.45 25.34 -13.67
N SER B 112 22.10 24.18 -13.52
CA SER B 112 23.56 24.04 -13.56
C SER B 112 24.21 24.51 -14.86
N SER B 113 23.59 24.21 -16.00
CA SER B 113 24.14 24.64 -17.28
C SER B 113 23.96 26.14 -17.47
N SER B 114 22.84 26.68 -17.00
CA SER B 114 22.56 28.09 -17.19
C SER B 114 23.23 28.95 -16.13
N ALA B 115 23.46 28.40 -14.94
CA ALA B 115 24.03 29.19 -13.85
C ALA B 115 25.51 29.44 -14.06
N ASN B 116 26.22 28.48 -14.66
CA ASN B 116 27.65 28.64 -14.90
C ASN B 116 27.93 29.69 -15.97
N ALA B 117 26.99 29.90 -16.88
CA ALA B 117 27.16 30.94 -17.90
C ALA B 117 26.96 32.32 -17.30
N VAL B 118 25.95 32.46 -16.42
CA VAL B 118 25.63 33.77 -15.84
C VAL B 118 26.58 34.11 -14.70
N GLN B 119 27.17 33.08 -14.06
CA GLN B 119 28.19 33.31 -13.04
C GLN B 119 29.42 34.01 -13.63
N SER B 120 29.81 33.61 -14.84
CA SER B 120 31.01 34.18 -15.44
C SER B 120 30.75 35.58 -15.99
N ILE B 121 29.50 35.86 -16.37
CA ILE B 121 29.13 37.23 -16.74
C ILE B 121 29.19 38.13 -15.52
N CYS B 122 28.64 37.66 -14.40
CA CYS B 122 28.61 38.45 -13.17
C CYS B 122 29.99 38.62 -12.57
N ASN B 123 30.88 37.64 -12.79
CA ASN B 123 32.25 37.78 -12.34
C ASN B 123 33.01 38.83 -13.15
N ALA B 124 32.77 38.92 -14.45
CA ALA B 124 33.51 39.83 -15.31
C ALA B 124 32.99 41.26 -15.22
N LEU B 125 31.72 41.46 -14.92
CA LEU B 125 31.13 42.78 -14.88
C LEU B 125 30.90 43.31 -13.47
N GLY B 126 31.42 42.62 -12.45
CA GLY B 126 31.38 43.17 -11.11
C GLY B 126 30.20 42.81 -10.24
N VAL B 127 29.00 42.82 -10.82
CA VAL B 127 27.72 42.62 -10.14
C VAL B 127 27.64 41.24 -9.49
N PRO B 128 27.18 41.14 -8.24
CA PRO B 128 27.05 39.84 -7.59
C PRO B 128 26.05 38.92 -8.26
N HIS B 129 26.22 37.62 -8.03
CA HIS B 129 25.32 36.59 -8.53
C HIS B 129 24.90 35.72 -7.35
N ILE B 130 23.60 35.71 -7.06
CA ILE B 130 23.07 35.02 -5.88
C ILE B 130 22.46 33.71 -6.35
N GLN B 131 22.95 32.61 -5.80
CA GLN B 131 22.50 31.28 -6.19
C GLN B 131 21.70 30.68 -5.05
N THR B 132 20.64 29.94 -5.41
CA THR B 132 19.78 29.33 -4.40
C THR B 132 19.63 27.83 -4.65
N ARG B 133 20.43 27.28 -5.54
CA ARG B 133 20.40 25.85 -5.82
C ARG B 133 21.81 25.35 -6.04
N TRP B 134 21.99 24.06 -5.79
CA TRP B 134 23.30 23.44 -5.87
C TRP B 134 23.70 23.24 -7.32
N LYS B 135 24.98 23.45 -7.63
CA LYS B 135 25.54 23.09 -8.91
C LYS B 135 26.99 22.69 -8.69
N HIS B 136 27.54 21.96 -9.66
CA HIS B 136 28.93 21.53 -9.55
C HIS B 136 29.88 22.70 -9.75
N GLN B 137 30.57 23.08 -8.69
CA GLN B 137 31.67 24.05 -8.76
C GLN B 137 32.91 23.27 -9.18
N VAL B 138 33.38 23.49 -10.40
CA VAL B 138 34.63 22.90 -10.86
C VAL B 138 35.77 23.50 -10.06
N SER B 139 36.81 22.70 -9.81
CA SER B 139 37.80 23.06 -8.79
C SER B 139 38.74 24.17 -9.23
N ASP B 140 38.99 24.31 -10.52
CA ASP B 140 39.90 25.33 -11.01
C ASP B 140 39.15 26.52 -11.58
N ASN B 141 38.00 26.87 -10.99
CA ASN B 141 37.24 28.05 -11.38
C ASN B 141 37.55 29.16 -10.39
N LYS B 142 38.20 30.21 -10.88
CA LYS B 142 38.61 31.33 -10.03
C LYS B 142 37.57 32.45 -10.07
N ASP B 143 36.34 32.11 -9.69
CA ASP B 143 35.24 33.05 -9.63
C ASP B 143 35.02 33.49 -8.19
N SER B 144 34.91 34.80 -7.98
CA SER B 144 34.72 35.36 -6.65
C SER B 144 33.28 35.82 -6.44
N PHE B 145 32.69 36.47 -7.44
CA PHE B 145 31.42 37.13 -7.28
C PHE B 145 30.24 36.17 -7.39
N TYR B 146 30.11 35.26 -6.42
CA TYR B 146 28.94 34.40 -6.31
C TYR B 146 28.82 33.87 -4.89
N VAL B 147 27.60 33.77 -4.37
CA VAL B 147 27.31 33.04 -3.15
C VAL B 147 26.14 32.11 -3.40
N SER B 148 26.19 30.93 -2.82
CA SER B 148 25.09 29.99 -2.90
C SER B 148 24.44 29.86 -1.53
N LEU B 149 23.11 29.86 -1.50
CA LEU B 149 22.39 29.72 -0.25
C LEU B 149 21.85 28.32 -0.07
N TYR B 150 22.07 27.44 -1.04
CA TYR B 150 21.63 26.07 -0.87
C TYR B 150 22.63 25.38 0.04
N PRO B 151 22.19 24.57 1.01
CA PRO B 151 23.14 23.84 1.87
C PRO B 151 24.06 22.91 1.09
N ASP B 152 25.36 23.07 1.29
CA ASP B 152 26.35 22.35 0.49
C ASP B 152 26.27 20.86 0.75
N PHE B 153 26.40 20.07 -0.32
CA PHE B 153 26.43 18.62 -0.18
C PHE B 153 27.77 18.09 0.31
N SER B 154 28.75 18.96 0.53
CA SER B 154 29.89 18.57 1.34
C SER B 154 29.46 18.38 2.79
N SER B 155 28.59 19.25 3.28
CA SER B 155 28.09 19.12 4.64
C SER B 155 26.90 18.17 4.71
N LEU B 156 26.04 18.16 3.70
CA LEU B 156 24.87 17.31 3.73
C LEU B 156 25.20 15.84 3.54
N SER B 157 26.34 15.50 2.92
CA SER B 157 26.71 14.10 2.81
C SER B 157 27.34 13.60 4.10
N ARG B 158 27.82 14.51 4.96
CA ARG B 158 28.29 14.09 6.27
C ARG B 158 27.13 13.90 7.23
N ALA B 159 26.06 14.68 7.05
CA ALA B 159 24.87 14.51 7.88
C ALA B 159 24.17 13.20 7.58
N ILE B 160 24.14 12.80 6.31
CA ILE B 160 23.60 11.49 5.95
C ILE B 160 24.51 10.39 6.44
N LEU B 161 25.82 10.64 6.44
CA LEU B 161 26.77 9.63 6.90
C LEU B 161 26.74 9.49 8.42
N ASP B 162 26.34 10.54 9.13
CA ASP B 162 26.20 10.42 10.58
C ASP B 162 24.97 9.61 10.95
N LEU B 163 23.93 9.66 10.11
CA LEU B 163 22.72 8.87 10.35
C LEU B 163 22.95 7.38 10.15
N VAL B 164 23.76 7.02 9.13
CA VAL B 164 23.97 5.59 8.88
C VAL B 164 24.93 5.00 9.90
N GLN B 165 25.65 5.86 10.63
CA GLN B 165 26.44 5.39 11.77
C GLN B 165 25.56 5.22 13.01
N PHE B 166 24.70 6.21 13.26
CA PHE B 166 23.79 6.20 14.40
C PHE B 166 22.80 5.05 14.32
N PHE B 167 22.35 4.73 13.11
CA PHE B 167 21.40 3.65 12.91
C PHE B 167 22.09 2.30 12.76
N LYS B 168 23.42 2.29 12.90
CA LYS B 168 24.26 1.08 12.88
C LYS B 168 24.12 0.29 11.58
N TRP B 169 24.04 1.01 10.46
CA TRP B 169 23.89 0.34 9.18
C TRP B 169 25.21 -0.22 8.70
N LYS B 170 25.12 -1.30 7.94
CA LYS B 170 26.30 -1.90 7.31
C LYS B 170 26.02 -2.35 5.88
N THR B 171 24.80 -2.16 5.36
CA THR B 171 24.43 -2.66 4.05
C THR B 171 23.66 -1.57 3.31
N VAL B 172 24.26 -0.39 3.23
CA VAL B 172 23.63 0.80 2.67
C VAL B 172 23.49 0.67 1.15
N THR B 173 22.37 1.15 0.62
CA THR B 173 22.11 1.17 -0.82
C THR B 173 21.70 2.59 -1.24
N VAL B 174 22.58 3.28 -1.96
CA VAL B 174 22.30 4.62 -2.46
C VAL B 174 21.59 4.51 -3.80
N VAL B 175 20.44 5.15 -3.92
CA VAL B 175 19.68 5.23 -5.17
C VAL B 175 19.60 6.70 -5.57
N TYR B 176 20.20 7.05 -6.70
CA TYR B 176 20.13 8.40 -7.22
C TYR B 176 19.34 8.41 -8.53
N ASP B 177 19.15 9.60 -9.08
CA ASP B 177 18.38 9.75 -10.31
C ASP B 177 19.18 10.24 -11.50
N ASP B 178 19.96 11.31 -11.37
CA ASP B 178 20.80 11.79 -12.45
C ASP B 178 22.27 11.69 -12.06
N SER B 179 23.13 11.69 -13.07
CA SER B 179 24.56 11.41 -12.91
C SER B 179 25.29 12.42 -12.04
N THR B 180 24.72 13.59 -11.80
CA THR B 180 25.32 14.58 -10.92
C THR B 180 25.12 14.21 -9.45
N GLY B 181 24.28 13.22 -9.16
CA GLY B 181 24.05 12.80 -7.79
C GLY B 181 25.24 12.06 -7.20
N LEU B 182 26.14 11.59 -8.05
CA LEU B 182 27.39 11.00 -7.57
C LEU B 182 28.30 12.07 -6.98
N ILE B 183 28.32 13.25 -7.59
CA ILE B 183 29.10 14.38 -7.10
C ILE B 183 28.52 14.88 -5.79
N ARG B 184 27.19 14.87 -5.69
CA ARG B 184 26.51 15.28 -4.46
C ARG B 184 26.86 14.37 -3.29
N LEU B 185 26.76 13.07 -3.47
CA LEU B 185 26.96 12.12 -2.39
C LEU B 185 28.32 11.44 -2.45
N GLN B 186 29.35 12.19 -2.85
CA GLN B 186 30.66 11.55 -3.04
C GLN B 186 31.34 11.22 -1.73
N GLU B 187 31.05 11.97 -0.66
CA GLU B 187 31.63 11.63 0.63
C GLU B 187 30.93 10.44 1.27
N LEU B 188 29.72 10.14 0.80
CA LEU B 188 29.02 8.93 1.24
C LEU B 188 29.52 7.72 0.47
N ILE B 189 29.95 7.91 -0.78
CA ILE B 189 30.45 6.81 -1.60
C ILE B 189 31.87 6.43 -1.20
N LYS B 190 32.67 7.42 -0.80
CA LYS B 190 34.03 7.15 -0.33
C LYS B 190 34.09 6.65 1.10
N ALA B 191 32.94 6.51 1.77
CA ALA B 191 32.88 6.10 3.18
C ALA B 191 33.30 4.66 3.49
N PRO B 192 33.06 3.60 2.62
CA PRO B 192 33.63 2.28 2.95
C PRO B 192 35.15 2.15 2.95
N SER B 193 35.86 3.21 2.59
CA SER B 193 37.32 3.17 2.65
C SER B 193 37.81 3.78 3.96
N ARG B 194 36.89 4.18 4.83
CA ARG B 194 37.25 4.67 6.15
C ARG B 194 36.30 4.14 7.24
N TYR B 195 35.28 3.38 6.86
CA TYR B 195 34.41 2.71 7.81
C TYR B 195 34.05 1.32 7.30
N ASN B 196 33.03 0.69 7.89
CA ASN B 196 32.66 -0.66 7.53
C ASN B 196 31.32 -0.76 6.80
N LEU B 197 30.91 0.31 6.12
CA LEU B 197 29.75 0.25 5.25
C LEU B 197 30.05 -0.61 4.03
N ARG B 198 29.00 -1.07 3.37
CA ARG B 198 29.14 -1.79 2.11
C ARG B 198 28.09 -1.21 1.16
N LEU B 199 28.50 -0.18 0.42
CA LEU B 199 27.62 0.53 -0.51
C LEU B 199 27.24 -0.32 -1.71
N LYS B 200 26.01 -0.14 -2.21
CA LYS B 200 25.58 -0.74 -3.47
C LYS B 200 24.87 0.36 -4.25
N ILE B 201 25.61 1.08 -5.08
CA ILE B 201 25.09 2.25 -5.78
C ILE B 201 24.16 1.81 -6.90
N ARG B 202 22.96 2.37 -6.92
CA ARG B 202 21.98 2.08 -7.96
C ARG B 202 21.46 3.38 -8.52
N GLN B 203 20.80 3.30 -9.67
CA GLN B 203 20.26 4.49 -10.33
C GLN B 203 18.80 4.23 -10.68
N LEU B 204 17.97 5.26 -10.51
CA LEU B 204 16.60 5.21 -10.99
C LEU B 204 16.58 5.13 -12.52
N PRO B 205 15.50 4.59 -13.11
CA PRO B 205 15.38 4.60 -14.58
C PRO B 205 15.38 6.01 -15.16
N ALA B 206 15.75 6.11 -16.45
CA ALA B 206 16.24 7.32 -17.10
C ALA B 206 15.32 8.53 -16.99
N ASP B 207 14.09 8.43 -17.46
CA ASP B 207 13.14 9.54 -17.28
C ASP B 207 11.79 9.07 -16.77
N THR B 208 11.41 7.83 -17.04
CA THR B 208 10.10 7.32 -16.68
C THR B 208 10.03 7.03 -15.19
N LYS B 209 8.83 7.07 -14.63
CA LYS B 209 8.61 6.63 -13.25
C LYS B 209 8.22 5.16 -13.20
N ASP B 210 8.99 4.31 -13.87
CA ASP B 210 8.83 2.87 -13.80
C ASP B 210 9.97 2.32 -12.94
N ALA B 211 9.97 2.64 -11.65
CA ALA B 211 11.01 2.18 -10.75
C ALA B 211 10.78 0.75 -10.26
N LYS B 212 9.75 0.07 -10.76
CA LYS B 212 9.51 -1.31 -10.36
C LYS B 212 10.60 -2.31 -10.76
N PRO B 213 11.25 -2.24 -11.94
CA PRO B 213 12.40 -3.16 -12.15
C PRO B 213 13.59 -2.85 -11.26
N LEU B 214 13.73 -1.60 -10.80
CA LEU B 214 14.75 -1.30 -9.80
C LEU B 214 14.40 -1.92 -8.46
N LEU B 215 13.13 -1.83 -8.06
CA LEU B 215 12.73 -2.26 -6.73
C LEU B 215 12.60 -3.77 -6.64
N LYS B 216 12.48 -4.46 -7.78
CA LYS B 216 12.55 -5.92 -7.78
C LYS B 216 13.95 -6.40 -7.44
N GLU B 217 14.97 -5.71 -7.95
CA GLU B 217 16.35 -6.09 -7.69
C GLU B 217 16.75 -5.75 -6.26
N MET B 218 16.18 -4.68 -5.72
CA MET B 218 16.43 -4.31 -4.34
C MET B 218 15.72 -5.24 -3.36
N LYS B 219 14.56 -5.76 -3.76
CA LYS B 219 13.83 -6.68 -2.90
C LYS B 219 14.44 -8.08 -2.95
N ARG B 220 14.83 -8.53 -4.13
CA ARG B 220 15.49 -9.83 -4.27
C ARG B 220 16.91 -9.80 -3.68
N GLY B 221 17.54 -8.63 -3.65
CA GLY B 221 18.87 -8.51 -3.09
C GLY B 221 18.91 -8.37 -1.59
N LYS B 222 17.73 -8.34 -0.95
CA LYS B 222 17.55 -8.20 0.50
C LYS B 222 18.21 -6.92 1.01
N GLU B 223 17.86 -5.79 0.40
CA GLU B 223 18.45 -4.50 0.70
C GLU B 223 17.39 -3.68 1.45
N PHE B 224 17.53 -3.63 2.77
CA PHE B 224 16.52 -3.03 3.64
C PHE B 224 16.88 -1.62 4.07
N HIS B 225 18.05 -1.13 3.68
CA HIS B 225 18.55 0.16 4.19
C HIS B 225 18.94 1.01 2.97
N VAL B 226 18.05 1.92 2.59
CA VAL B 226 18.12 2.60 1.30
C VAL B 226 18.23 4.10 1.53
N ILE B 227 19.19 4.74 0.84
CA ILE B 227 19.26 6.19 0.77
C ILE B 227 18.83 6.64 -0.62
N PHE B 228 17.83 7.50 -0.69
CA PHE B 228 17.33 8.01 -1.96
C PHE B 228 17.84 9.43 -2.17
N ASP B 229 18.56 9.64 -3.27
CA ASP B 229 18.91 10.98 -3.73
C ASP B 229 17.91 11.40 -4.80
N CYS B 230 16.87 12.13 -4.39
CA CYS B 230 15.79 12.48 -5.29
C CYS B 230 15.30 13.88 -4.92
N SER B 231 14.35 14.38 -5.70
CA SER B 231 13.54 15.51 -5.28
C SER B 231 12.26 14.98 -4.65
N HIS B 232 11.47 15.88 -4.06
CA HIS B 232 10.27 15.45 -3.36
C HIS B 232 9.17 15.05 -4.35
N GLU B 233 9.25 15.53 -5.59
CA GLU B 233 8.32 15.05 -6.61
C GLU B 233 8.63 13.61 -7.00
N MET B 234 9.91 13.26 -7.05
CA MET B 234 10.27 11.89 -7.39
C MET B 234 10.33 11.00 -6.16
N ALA B 235 10.45 11.57 -4.97
CA ALA B 235 10.36 10.77 -3.75
C ALA B 235 8.94 10.27 -3.54
N ALA B 236 7.94 11.10 -3.87
CA ALA B 236 6.55 10.70 -3.73
C ALA B 236 6.17 9.61 -4.73
N GLY B 237 6.79 9.63 -5.91
CA GLY B 237 6.46 8.66 -6.94
C GLY B 237 6.96 7.26 -6.64
N ILE B 238 8.16 7.16 -6.08
CA ILE B 238 8.74 5.84 -5.81
C ILE B 238 8.27 5.32 -4.45
N LEU B 239 7.66 6.17 -3.65
CA LEU B 239 7.07 5.72 -2.39
C LEU B 239 5.71 5.09 -2.61
N LYS B 240 5.01 5.52 -3.67
CA LYS B 240 3.80 4.83 -4.09
C LYS B 240 4.14 3.46 -4.67
N GLN B 241 5.28 3.36 -5.35
CA GLN B 241 5.67 2.10 -5.97
C GLN B 241 6.40 1.18 -5.00
N ALA B 242 6.89 1.72 -3.88
CA ALA B 242 7.43 0.85 -2.84
C ALA B 242 6.33 0.26 -1.99
N LEU B 243 5.17 0.94 -1.94
CA LEU B 243 4.00 0.43 -1.24
C LEU B 243 3.40 -0.76 -1.98
N ALA B 244 3.33 -0.66 -3.30
CA ALA B 244 2.63 -1.65 -4.10
C ALA B 244 3.47 -2.88 -4.39
N MET B 245 4.73 -2.93 -3.94
CA MET B 245 5.56 -4.07 -4.29
C MET B 245 5.99 -4.94 -3.13
N GLY B 246 6.76 -4.43 -2.19
CA GLY B 246 6.89 -5.23 -0.99
C GLY B 246 7.41 -4.48 0.20
N MET B 247 7.55 -3.17 0.08
CA MET B 247 8.71 -2.52 0.66
C MET B 247 8.38 -1.50 1.73
N MET B 248 7.12 -1.14 1.88
CA MET B 248 6.73 -0.34 3.04
C MET B 248 6.36 -1.20 4.24
N THR B 249 7.25 -2.09 4.70
CA THR B 249 7.04 -2.88 5.90
C THR B 249 7.81 -2.30 7.07
N GLU B 250 7.86 -3.03 8.18
CA GLU B 250 8.68 -2.66 9.33
C GLU B 250 10.12 -3.14 9.18
N TYR B 251 10.48 -3.73 8.05
CA TYR B 251 11.84 -4.20 7.81
C TYR B 251 12.69 -3.21 7.04
N TYR B 252 12.07 -2.24 6.37
CA TYR B 252 12.76 -1.33 5.45
C TYR B 252 12.92 0.03 6.11
N HIS B 253 14.08 0.64 5.91
CA HIS B 253 14.39 1.97 6.42
C HIS B 253 14.90 2.83 5.26
N TYR B 254 14.36 4.04 5.16
CA TYR B 254 14.57 4.92 4.01
C TYR B 254 15.09 6.25 4.50
N ILE B 255 16.36 6.56 4.23
CA ILE B 255 16.86 7.91 4.43
C ILE B 255 16.68 8.71 3.15
N PHE B 256 16.21 9.94 3.27
CA PHE B 256 15.97 10.78 2.10
C PHE B 256 16.93 11.96 2.13
N THR B 257 17.61 12.18 1.02
CA THR B 257 18.57 13.26 0.87
C THR B 257 17.90 14.61 0.74
N THR B 258 16.67 14.64 0.22
CA THR B 258 15.96 15.89 -0.01
C THR B 258 15.56 16.56 1.30
N LEU B 259 15.51 17.89 1.29
CA LEU B 259 15.16 18.67 2.46
C LEU B 259 13.68 19.01 2.50
N ASP B 260 12.89 18.40 1.61
CA ASP B 260 11.45 18.63 1.54
C ASP B 260 10.72 17.32 1.80
N LEU B 261 11.18 16.59 2.81
CA LEU B 261 10.48 15.40 3.26
C LEU B 261 9.20 15.74 4.01
N PHE B 262 9.12 16.95 4.57
CA PHE B 262 7.94 17.42 5.30
C PHE B 262 6.78 17.78 4.37
N ALA B 263 6.97 17.67 3.05
CA ALA B 263 5.96 18.02 2.07
C ALA B 263 5.43 16.78 1.36
N LEU B 264 5.34 15.67 2.08
CA LEU B 264 4.80 14.43 1.54
C LEU B 264 3.53 14.05 2.31
N ASP B 265 2.47 13.74 1.57
CA ASP B 265 1.27 13.17 2.18
C ASP B 265 1.62 11.76 2.61
N VAL B 266 1.91 11.60 3.91
CA VAL B 266 2.50 10.38 4.41
C VAL B 266 1.40 9.59 5.14
N GLU B 267 0.16 10.03 4.95
CA GLU B 267 -1.02 9.34 5.49
C GLU B 267 -1.16 7.87 5.06
N PRO B 268 -0.82 7.45 3.83
CA PRO B 268 -0.79 5.99 3.59
C PRO B 268 0.35 5.24 4.25
N TYR B 269 1.31 5.94 4.87
CA TYR B 269 2.49 5.26 5.36
C TYR B 269 2.68 5.41 6.86
N ARG B 270 1.77 6.12 7.55
CA ARG B 270 1.91 6.33 8.99
C ARG B 270 1.79 5.02 9.76
N TYR B 271 0.76 4.24 9.48
CA TYR B 271 0.53 2.98 10.17
C TYR B 271 1.29 1.82 9.55
N SER B 272 2.12 2.09 8.53
CA SER B 272 2.80 1.04 7.79
C SER B 272 3.93 0.39 8.58
N GLY B 273 4.28 0.96 9.73
CA GLY B 273 5.36 0.43 10.55
C GLY B 273 6.73 0.77 10.03
N VAL B 274 6.81 1.60 8.99
CA VAL B 274 8.07 1.87 8.33
C VAL B 274 8.89 2.84 9.16
N ASN B 275 10.15 2.94 8.82
CA ASN B 275 11.05 3.95 9.37
C ASN B 275 11.56 4.75 8.19
N MET B 276 11.33 6.07 8.22
CA MET B 276 11.62 6.98 7.10
C MET B 276 12.29 8.23 7.66
N THR B 277 13.62 8.25 7.64
CA THR B 277 14.36 9.35 8.24
C THR B 277 14.59 10.41 7.16
N GLY B 278 15.19 11.53 7.49
CA GLY B 278 15.39 12.61 6.55
C GLY B 278 15.88 13.85 7.28
N PHE B 279 15.83 14.98 6.59
CA PHE B 279 16.28 16.23 7.17
C PHE B 279 15.27 17.32 6.84
N ARG B 280 15.45 18.48 7.47
CA ARG B 280 14.60 19.64 7.23
C ARG B 280 15.35 20.88 7.68
N ILE B 281 15.66 21.77 6.75
CA ILE B 281 16.29 23.02 7.15
C ILE B 281 15.26 24.13 7.30
N LEU B 282 14.08 23.97 6.69
CA LEU B 282 13.00 24.93 6.85
C LEU B 282 12.47 24.90 8.27
N ASN B 283 12.77 25.97 9.02
CA ASN B 283 12.62 26.01 10.47
C ASN B 283 11.16 26.31 10.81
N THR B 284 10.30 25.30 10.66
CA THR B 284 8.86 25.48 10.79
C THR B 284 8.37 25.51 12.23
N GLU B 285 9.27 25.47 13.21
CA GLU B 285 8.87 25.47 14.62
C GLU B 285 8.92 26.85 15.24
N ASN B 286 9.29 27.88 14.49
CA ASN B 286 9.19 29.23 14.98
C ASN B 286 7.80 29.78 14.70
N THR B 287 7.36 30.71 15.55
CA THR B 287 6.09 31.41 15.30
C THR B 287 6.24 32.37 14.13
N GLN B 288 7.42 32.99 13.99
CA GLN B 288 7.65 33.95 12.91
C GLN B 288 7.69 33.27 11.55
N VAL B 289 8.35 32.11 11.47
CA VAL B 289 8.46 31.40 10.20
C VAL B 289 7.13 30.77 9.82
N SER B 290 6.40 30.22 10.79
CA SER B 290 5.11 29.59 10.51
C SER B 290 4.05 30.62 10.14
N SER B 291 4.26 31.88 10.52
CA SER B 291 3.40 32.96 10.05
C SER B 291 3.56 33.17 8.55
N ILE B 292 4.80 33.09 8.06
CA ILE B 292 5.08 33.35 6.65
C ILE B 292 4.59 32.19 5.78
N ILE B 293 4.69 30.97 6.31
CA ILE B 293 4.18 29.80 5.59
C ILE B 293 2.66 29.86 5.50
N GLU B 294 2.00 30.37 6.53
CA GLU B 294 0.55 30.56 6.47
C GLU B 294 0.17 31.71 5.54
N LYS B 295 1.04 32.72 5.43
CA LYS B 295 0.81 33.77 4.44
C LYS B 295 1.01 33.24 3.02
N TRP B 296 1.86 32.21 2.87
CA TRP B 296 2.29 31.75 1.55
C TRP B 296 1.14 31.09 0.79
N SER B 297 0.30 30.34 1.49
CA SER B 297 -0.80 29.62 0.83
C SER B 297 -1.89 30.56 0.33
N MET B 298 -1.94 31.78 0.89
CA MET B 298 -2.94 32.77 0.50
C MET B 298 -2.74 33.28 -0.93
N GLU B 299 -1.61 33.94 -1.20
CA GLU B 299 -1.40 34.55 -2.50
C GLU B 299 -1.07 33.54 -3.60
N ARG B 300 -0.66 32.33 -3.22
CA ARG B 300 -0.25 31.31 -4.19
C ARG B 300 -1.48 30.68 -4.88
N LEU B 301 -2.66 30.93 -4.32
CA LEU B 301 -3.87 30.10 -4.31
C LEU B 301 -4.10 29.18 -5.51
N GLN B 302 -3.81 29.66 -6.72
CA GLN B 302 -3.87 28.87 -7.95
C GLN B 302 -2.88 27.69 -7.93
N ALA B 303 -2.99 26.85 -8.98
CA ALA B 303 -2.21 25.64 -9.24
C ALA B 303 -2.36 24.61 -8.13
N PRO B 304 -3.51 23.94 -8.02
CA PRO B 304 -3.70 22.95 -6.95
C PRO B 304 -2.93 21.68 -7.23
N PRO B 305 -2.49 20.96 -6.18
CA PRO B 305 -1.81 19.68 -6.39
C PRO B 305 -2.75 18.56 -6.82
N LYS B 306 -2.50 17.99 -8.01
CA LYS B 306 -3.25 16.86 -8.57
C LYS B 306 -3.21 15.66 -7.64
N PRO B 307 -4.30 14.86 -7.55
CA PRO B 307 -4.45 13.88 -6.46
C PRO B 307 -3.43 12.74 -6.44
N ASP B 308 -3.11 12.15 -7.59
CA ASP B 308 -2.11 11.09 -7.63
C ASP B 308 -0.68 11.62 -7.76
N SER B 309 -0.36 12.59 -6.92
CA SER B 309 0.97 13.20 -6.84
C SER B 309 1.29 13.52 -5.39
N GLY B 310 1.21 12.55 -4.50
CA GLY B 310 0.80 12.75 -3.10
C GLY B 310 1.77 13.54 -2.24
N LEU B 311 2.11 14.73 -2.73
CA LEU B 311 2.62 15.85 -1.94
C LEU B 311 1.49 16.45 -1.12
N LEU B 312 1.82 17.20 -0.07
CA LEU B 312 0.82 17.86 0.76
C LEU B 312 0.19 19.05 0.01
N ASP B 313 -0.75 19.73 0.67
CA ASP B 313 -1.54 20.76 0.01
C ASP B 313 -0.84 22.11 -0.05
N GLY B 314 -0.55 22.70 1.12
CA GLY B 314 -0.01 24.04 1.16
C GLY B 314 1.29 24.17 1.93
N PHE B 315 2.36 24.53 1.23
CA PHE B 315 3.71 24.53 1.79
C PHE B 315 4.67 25.34 0.93
N MET B 316 5.68 25.93 1.56
CA MET B 316 6.88 26.36 0.86
C MET B 316 7.85 25.20 0.73
N THR B 317 8.29 24.93 -0.50
CA THR B 317 9.45 24.10 -0.73
C THR B 317 10.69 24.80 -0.18
N THR B 318 11.76 24.04 0.03
CA THR B 318 13.02 24.67 0.42
C THR B 318 13.66 25.39 -0.77
N ASP B 319 13.19 25.12 -1.98
CA ASP B 319 13.61 25.88 -3.15
C ASP B 319 13.13 27.33 -3.06
N ALA B 320 11.86 27.51 -2.70
CA ALA B 320 11.31 28.86 -2.58
C ALA B 320 11.68 29.50 -1.25
N ALA B 321 12.01 28.69 -0.25
CA ALA B 321 12.40 29.25 1.05
C ALA B 321 13.77 29.90 0.98
N LEU B 322 14.65 29.38 0.11
CA LEU B 322 15.97 29.96 -0.03
C LEU B 322 15.95 31.18 -0.93
N MET B 323 14.94 31.30 -1.80
CA MET B 323 14.81 32.51 -2.60
C MET B 323 14.18 33.64 -1.80
N TYR B 324 13.31 33.30 -0.84
CA TYR B 324 12.81 34.30 0.10
C TYR B 324 13.93 34.78 1.01
N ASP B 325 14.85 33.89 1.36
CA ASP B 325 15.98 34.26 2.21
C ASP B 325 17.02 35.05 1.45
N ALA B 326 17.21 34.76 0.16
CA ALA B 326 18.30 35.38 -0.60
C ALA B 326 18.08 36.86 -0.81
N VAL B 327 16.81 37.28 -0.88
CA VAL B 327 16.51 38.70 -1.00
C VAL B 327 16.80 39.40 0.32
N HIS B 328 16.65 38.68 1.44
CA HIS B 328 16.85 39.28 2.76
C HIS B 328 18.33 39.37 3.12
N VAL B 329 19.12 38.37 2.73
CA VAL B 329 20.55 38.37 3.06
C VAL B 329 21.27 39.46 2.28
N VAL B 330 20.87 39.68 1.03
CA VAL B 330 21.37 40.81 0.26
C VAL B 330 20.83 42.11 0.82
N SER B 331 19.64 42.08 1.43
CA SER B 331 19.08 43.28 2.04
C SER B 331 19.84 43.69 3.30
N VAL B 332 20.45 42.73 3.99
CA VAL B 332 21.33 43.05 5.11
C VAL B 332 22.55 43.82 4.60
N ALA B 333 23.03 43.46 3.41
CA ALA B 333 24.21 44.10 2.85
C ALA B 333 23.93 45.51 2.35
N VAL B 334 22.73 45.77 1.83
CA VAL B 334 22.44 47.12 1.34
C VAL B 334 22.04 48.06 2.47
N GLN B 335 21.62 47.53 3.62
CA GLN B 335 21.40 48.39 4.78
C GLN B 335 22.72 48.88 5.36
N GLN B 336 23.79 48.09 5.21
CA GLN B 336 25.12 48.46 5.67
C GLN B 336 25.89 49.21 4.59
N PHE B 337 25.21 49.65 3.54
CA PHE B 337 25.85 50.31 2.41
C PHE B 337 24.85 51.23 1.73
N PRO B 338 24.61 52.43 2.28
CA PRO B 338 23.50 53.26 1.77
C PRO B 338 23.80 54.04 0.51
N GLN B 339 25.07 54.26 0.16
CA GLN B 339 25.38 55.15 -0.96
C GLN B 339 25.42 54.45 -2.31
N MET B 340 24.84 53.25 -2.40
CA MET B 340 24.81 52.48 -3.63
C MET B 340 23.98 53.15 -4.71
N THR B 341 24.58 53.29 -5.90
CA THR B 341 23.88 53.77 -7.08
C THR B 341 24.03 52.72 -8.17
N VAL B 342 22.90 52.29 -8.73
CA VAL B 342 22.87 51.27 -9.77
C VAL B 342 23.41 51.84 -11.07
N SER B 343 24.36 51.14 -11.68
CA SER B 343 24.99 51.58 -12.92
C SER B 343 24.59 50.66 -14.07
N SER B 344 24.74 51.18 -15.28
CA SER B 344 24.38 50.45 -16.51
C SER B 344 25.65 49.89 -17.15
N LEU B 345 25.95 48.64 -16.81
CA LEU B 345 27.15 47.99 -17.31
C LEU B 345 26.89 47.40 -18.69
N GLN B 346 27.97 47.16 -19.43
CA GLN B 346 27.89 46.66 -20.79
C GLN B 346 28.76 45.42 -20.95
N CYS B 347 28.26 44.42 -21.67
CA CYS B 347 28.93 43.14 -21.78
C CYS B 347 30.07 43.13 -22.78
N ASN B 348 29.88 43.67 -23.99
CA ASN B 348 30.96 43.66 -24.98
C ASN B 348 32.01 44.74 -24.74
N ARG B 349 31.80 45.59 -23.73
CA ARG B 349 32.80 46.55 -23.27
C ARG B 349 33.04 46.35 -21.78
N HIS B 350 33.25 45.09 -21.36
CA HIS B 350 33.13 44.68 -19.97
C HIS B 350 34.14 45.36 -19.04
N LYS B 351 33.60 46.14 -18.11
CA LYS B 351 34.35 46.85 -17.10
C LYS B 351 33.66 46.57 -15.77
N PRO B 352 34.41 46.30 -14.68
CA PRO B 352 33.75 45.97 -13.41
C PRO B 352 32.95 47.12 -12.81
N TRP B 353 31.90 46.78 -12.08
CA TRP B 353 31.03 47.76 -11.45
C TRP B 353 31.77 48.37 -10.26
N ARG B 354 31.49 49.65 -10.00
CA ARG B 354 32.34 50.46 -9.13
C ARG B 354 32.31 49.98 -7.69
N PHE B 355 31.14 49.59 -7.19
CA PHE B 355 31.02 49.08 -5.84
C PHE B 355 30.83 47.57 -5.79
N GLY B 356 31.20 46.85 -6.86
CA GLY B 356 30.99 45.42 -6.88
C GLY B 356 31.89 44.66 -5.93
N THR B 357 33.08 45.22 -5.65
CA THR B 357 34.03 44.52 -4.80
C THR B 357 33.66 44.64 -3.33
N ARG B 358 33.20 45.82 -2.91
CA ARG B 358 32.84 46.02 -1.50
C ARG B 358 31.51 45.37 -1.17
N PHE B 359 30.51 45.52 -2.06
CA PHE B 359 29.18 44.99 -1.81
C PHE B 359 29.16 43.47 -1.80
N MET B 360 30.06 42.85 -2.56
CA MET B 360 30.19 41.40 -2.49
C MET B 360 30.78 40.96 -1.16
N SER B 361 31.66 41.76 -0.58
CA SER B 361 32.22 41.44 0.73
C SER B 361 31.18 41.59 1.83
N LEU B 362 30.19 42.45 1.62
CA LEU B 362 29.14 42.61 2.63
C LEU B 362 28.13 41.47 2.58
N ILE B 363 27.93 40.90 1.39
CA ILE B 363 27.06 39.73 1.27
C ILE B 363 27.70 38.50 1.90
N LYS B 364 29.02 38.32 1.74
CA LYS B 364 29.74 37.21 2.35
C LYS B 364 29.96 37.41 3.85
N GLU B 365 29.65 38.58 4.40
CA GLU B 365 29.72 38.81 5.83
C GLU B 365 28.36 39.00 6.46
N ALA B 366 27.28 38.71 5.73
CA ALA B 366 25.93 38.96 6.21
C ALA B 366 25.45 37.79 7.06
N HIS B 367 24.74 38.11 8.14
CA HIS B 367 24.11 37.12 8.99
C HIS B 367 22.61 37.39 9.03
N TRP B 368 21.83 36.33 8.97
CA TRP B 368 20.38 36.47 8.91
C TRP B 368 19.74 35.23 9.51
N GLU B 369 18.60 35.43 10.16
CA GLU B 369 17.80 34.37 10.75
C GLU B 369 16.53 34.28 9.91
N GLY B 370 16.59 33.50 8.84
CA GLY B 370 15.51 33.43 7.88
C GLY B 370 14.63 32.22 8.08
N LEU B 371 13.97 31.81 7.01
CA LEU B 371 13.12 30.63 7.04
C LEU B 371 13.93 29.36 7.25
N THR B 372 15.16 29.34 6.75
CA THR B 372 15.98 28.15 6.74
C THR B 372 17.07 28.19 7.81
N GLY B 373 16.80 28.87 8.93
CA GLY B 373 17.75 28.88 10.02
C GLY B 373 18.71 30.04 9.96
N ARG B 374 19.92 29.86 10.47
CA ARG B 374 20.96 30.87 10.41
C ARG B 374 21.61 30.83 9.03
N ILE B 375 21.90 32.00 8.47
CA ILE B 375 22.50 32.09 7.16
C ILE B 375 23.85 32.78 7.28
N THR B 376 24.92 31.99 7.42
CA THR B 376 26.27 32.51 7.36
C THR B 376 27.01 31.77 6.24
N PHE B 377 27.93 32.47 5.59
CA PHE B 377 28.58 31.91 4.41
C PHE B 377 29.99 31.43 4.72
N ASN B 378 30.55 30.68 3.78
CA ASN B 378 31.86 30.06 3.90
C ASN B 378 32.90 30.96 3.26
N LYS B 379 33.60 31.79 4.07
CA LYS B 379 34.52 32.85 3.67
C LYS B 379 35.49 32.48 2.55
N THR B 380 35.97 31.24 2.53
CA THR B 380 36.87 30.76 1.49
C THR B 380 36.23 30.80 0.10
N ASN B 381 35.11 30.09 -0.08
CA ASN B 381 34.54 29.91 -1.42
C ASN B 381 33.21 30.66 -1.59
N GLY B 382 32.30 30.56 -0.62
CA GLY B 382 31.06 31.29 -0.74
C GLY B 382 29.80 30.45 -0.59
N LEU B 383 29.93 29.30 0.07
CA LEU B 383 28.86 28.31 0.14
C LEU B 383 28.23 28.38 1.52
N ARG B 384 27.17 27.60 1.73
CA ARG B 384 26.66 27.39 3.09
C ARG B 384 27.05 25.99 3.55
N THR B 385 28.16 25.91 4.27
CA THR B 385 28.54 24.70 4.96
C THR B 385 28.28 24.75 6.45
N ASP B 386 27.80 25.88 6.97
CA ASP B 386 27.46 26.04 8.37
C ASP B 386 25.97 26.37 8.46
N PHE B 387 25.16 25.37 8.80
CA PHE B 387 23.72 25.50 8.86
C PHE B 387 23.17 24.53 9.89
N ASP B 388 21.89 24.66 10.20
CA ASP B 388 21.26 23.90 11.26
C ASP B 388 20.13 23.07 10.66
N LEU B 389 20.30 21.75 10.67
CA LEU B 389 19.27 20.86 10.17
C LEU B 389 18.38 20.39 11.32
N ASP B 390 17.31 19.67 10.97
CA ASP B 390 16.40 19.09 11.97
C ASP B 390 16.09 17.68 11.46
N VAL B 391 16.64 16.67 12.13
CA VAL B 391 16.40 15.30 11.70
C VAL B 391 14.96 14.92 12.00
N ILE B 392 14.23 14.53 10.95
CA ILE B 392 12.82 14.17 11.11
C ILE B 392 12.65 12.72 10.69
N SER B 393 11.79 12.00 11.40
CA SER B 393 11.47 10.61 11.08
C SER B 393 9.96 10.43 11.05
N LEU B 394 9.55 9.27 10.55
CA LEU B 394 8.13 8.94 10.45
C LEU B 394 7.73 8.09 11.66
N LYS B 395 6.84 8.64 12.48
CA LYS B 395 6.26 7.93 13.60
C LYS B 395 4.82 7.58 13.27
N GLU B 396 4.16 6.87 14.18
CA GLU B 396 2.77 6.47 13.96
C GLU B 396 1.83 7.68 13.91
N GLU B 397 2.07 8.68 14.75
CA GLU B 397 1.27 9.90 14.77
C GLU B 397 1.47 10.74 13.52
N GLY B 398 2.72 11.08 13.20
CA GLY B 398 3.01 11.84 12.00
C GLY B 398 4.48 11.80 11.64
N LEU B 399 5.01 12.92 11.16
CA LEU B 399 6.39 13.03 10.71
C LEU B 399 7.06 14.09 11.58
N GLU B 400 7.86 13.64 12.55
CA GLU B 400 8.24 14.48 13.68
C GLU B 400 9.74 14.59 13.83
N LYS B 401 10.18 15.74 14.36
CA LYS B 401 11.59 16.01 14.65
C LYS B 401 12.11 15.12 15.77
N ILE B 402 13.12 14.31 15.45
CA ILE B 402 13.69 13.41 16.45
C ILE B 402 15.12 13.78 16.79
N GLY B 403 15.60 14.91 16.29
CA GLY B 403 16.97 15.29 16.58
C GLY B 403 17.34 16.57 15.85
N THR B 404 18.65 16.86 15.87
CA THR B 404 19.21 18.07 15.28
C THR B 404 20.54 17.66 14.65
N TRP B 405 21.06 18.50 13.74
CA TRP B 405 22.39 18.32 13.20
C TRP B 405 23.06 19.68 13.07
N ASP B 406 24.38 19.72 13.20
CA ASP B 406 25.16 20.94 13.26
C ASP B 406 26.57 20.49 12.92
N PRO B 407 27.25 21.13 11.94
CA PRO B 407 28.61 20.70 11.57
C PRO B 407 29.63 20.72 12.70
N ALA B 408 29.49 21.69 13.62
CA ALA B 408 30.30 21.70 14.82
C ALA B 408 29.98 20.52 15.73
N SER B 409 28.76 20.50 16.27
CA SER B 409 28.34 19.47 17.22
C SER B 409 28.26 18.07 16.62
N GLY B 410 27.36 17.88 15.66
CA GLY B 410 27.05 16.57 15.14
C GLY B 410 25.60 16.25 15.41
N LEU B 411 25.29 14.96 15.49
CA LEU B 411 23.93 14.53 15.79
C LEU B 411 23.61 14.65 17.27
N ASN B 412 22.75 15.60 17.63
CA ASN B 412 22.18 15.65 18.97
C ASN B 412 20.76 15.09 18.91
N MET B 413 20.64 13.77 18.83
CA MET B 413 19.32 13.17 18.58
C MET B 413 18.62 12.83 19.88
N THR B 414 17.74 13.72 20.31
CA THR B 414 16.86 13.46 21.45
C THR B 414 15.64 12.62 21.05
N GLU B 415 15.88 11.39 20.60
CA GLU B 415 14.82 10.52 20.10
C GLU B 415 13.90 10.01 21.22
N THR C 33 -62.98 -2.54 38.65
CA THR C 33 -62.71 -3.92 38.23
C THR C 33 -62.19 -3.94 36.79
N HIS C 34 -60.98 -4.45 36.61
CA HIS C 34 -60.34 -4.48 35.30
C HIS C 34 -60.25 -5.91 34.81
N VAL C 35 -60.10 -6.08 33.49
CA VAL C 35 -59.85 -7.38 32.89
C VAL C 35 -58.68 -7.29 31.91
N LEU C 36 -57.47 -7.55 32.40
CA LEU C 36 -56.30 -7.58 31.55
C LEU C 36 -56.09 -9.00 31.03
N ARG C 37 -55.67 -9.11 29.78
CA ARG C 37 -55.56 -10.40 29.11
C ARG C 37 -54.16 -10.59 28.55
N PHE C 38 -53.30 -11.25 29.31
CA PHE C 38 -51.95 -11.57 28.84
C PHE C 38 -52.03 -12.75 27.88
N GLY C 39 -51.47 -12.59 26.69
CA GLY C 39 -51.42 -13.68 25.74
C GLY C 39 -50.30 -14.66 26.04
N GLY C 40 -50.34 -15.78 25.34
CA GLY C 40 -49.32 -16.80 25.49
C GLY C 40 -49.39 -17.80 24.36
N ILE C 41 -48.23 -18.25 23.90
CA ILE C 41 -48.11 -19.15 22.76
C ILE C 41 -47.17 -20.28 23.17
N PHE C 42 -47.71 -21.44 23.48
CA PHE C 42 -46.92 -22.48 24.12
C PHE C 42 -46.91 -23.75 23.27
N GLU C 43 -46.18 -24.76 23.74
CA GLU C 43 -46.02 -26.00 22.99
C GLU C 43 -47.26 -26.87 23.06
N TYR C 44 -47.60 -27.50 21.94
CA TYR C 44 -48.75 -28.41 21.87
C TYR C 44 -48.25 -29.83 22.00
N VAL C 45 -48.60 -30.48 23.11
CA VAL C 45 -48.28 -31.89 23.35
C VAL C 45 -49.57 -32.69 23.24
N GLU C 46 -49.48 -33.89 22.67
CA GLU C 46 -50.67 -34.69 22.42
C GLU C 46 -50.94 -35.70 23.52
N SER C 47 -49.90 -36.17 24.23
CA SER C 47 -50.05 -37.27 25.17
C SER C 47 -50.03 -36.84 26.62
N GLY C 48 -49.00 -36.12 27.05
CA GLY C 48 -48.86 -35.73 28.42
C GLY C 48 -49.65 -34.49 28.78
N PRO C 49 -49.48 -33.99 30.00
CA PRO C 49 -50.11 -32.73 30.39
C PRO C 49 -49.38 -31.53 29.80
N MET C 50 -49.90 -30.33 30.11
CA MET C 50 -49.34 -29.07 29.67
C MET C 50 -47.89 -28.89 30.11
N GLY C 51 -47.11 -28.15 29.33
CA GLY C 51 -45.69 -28.03 29.56
C GLY C 51 -45.33 -27.27 30.82
N ALA C 52 -44.03 -27.19 31.09
CA ALA C 52 -43.55 -26.55 32.31
C ALA C 52 -43.73 -25.04 32.26
N GLU C 53 -43.62 -24.45 31.07
CA GLU C 53 -43.81 -23.02 30.95
C GLU C 53 -45.28 -22.65 31.00
N GLU C 54 -46.16 -23.48 30.45
CA GLU C 54 -47.58 -23.16 30.46
C GLU C 54 -48.18 -23.37 31.84
N LEU C 55 -47.66 -24.34 32.60
CA LEU C 55 -48.02 -24.46 34.01
C LEU C 55 -47.59 -23.24 34.80
N ALA C 56 -46.34 -22.81 34.61
CA ALA C 56 -45.82 -21.67 35.37
C ALA C 56 -46.48 -20.37 34.94
N PHE C 57 -46.99 -20.31 33.71
CA PHE C 57 -47.75 -19.14 33.30
C PHE C 57 -49.13 -19.14 33.95
N ARG C 58 -49.74 -20.31 34.07
CA ARG C 58 -51.04 -20.41 34.75
C ARG C 58 -50.88 -20.26 36.26
N PHE C 59 -49.76 -20.75 36.81
CA PHE C 59 -49.53 -20.67 38.24
C PHE C 59 -49.23 -19.23 38.66
N ALA C 60 -48.63 -18.45 37.76
CA ALA C 60 -48.32 -17.06 38.10
C ALA C 60 -49.55 -16.18 38.03
N VAL C 61 -50.41 -16.39 37.03
CA VAL C 61 -51.62 -15.59 36.88
C VAL C 61 -52.57 -15.83 38.05
N ASN C 62 -52.61 -17.07 38.53
CA ASN C 62 -53.41 -17.39 39.72
C ASN C 62 -52.82 -16.75 40.97
N THR C 63 -51.51 -16.50 40.97
CA THR C 63 -50.86 -15.94 42.15
C THR C 63 -51.17 -14.46 42.33
N ILE C 64 -51.08 -13.67 41.24
CA ILE C 64 -51.43 -12.25 41.34
C ILE C 64 -52.93 -12.08 41.54
N ASN C 65 -53.76 -12.99 41.03
CA ASN C 65 -55.20 -12.89 41.24
C ASN C 65 -55.59 -13.16 42.68
N ARG C 66 -54.84 -14.02 43.38
CA ARG C 66 -55.10 -14.24 44.80
C ARG C 66 -54.51 -13.12 45.65
N ASN C 67 -53.24 -12.79 45.43
CA ASN C 67 -52.53 -11.82 46.25
C ASN C 67 -53.05 -10.41 46.00
N ARG C 68 -53.08 -9.59 47.05
CA ARG C 68 -53.92 -8.40 47.04
C ARG C 68 -53.12 -7.10 46.89
N THR C 69 -51.91 -7.04 47.42
CA THR C 69 -51.12 -5.81 47.36
C THR C 69 -50.66 -5.52 45.92
N LEU C 70 -50.18 -6.55 45.23
CA LEU C 70 -49.82 -6.42 43.81
C LEU C 70 -51.10 -6.50 42.98
N LEU C 71 -51.36 -5.44 42.22
CA LEU C 71 -52.55 -5.23 41.40
C LEU C 71 -53.86 -5.39 42.18
N PRO C 72 -54.23 -4.43 43.03
CA PRO C 72 -55.57 -4.48 43.62
C PRO C 72 -56.65 -4.21 42.59
N ASN C 73 -57.77 -4.92 42.71
CA ASN C 73 -59.03 -4.70 41.99
C ASN C 73 -58.97 -5.06 40.50
N THR C 74 -57.85 -5.60 40.02
CA THR C 74 -57.78 -6.09 38.65
C THR C 74 -57.80 -7.60 38.65
N THR C 75 -58.14 -8.20 37.52
CA THR C 75 -58.18 -9.65 37.35
C THR C 75 -57.47 -10.02 36.06
N LEU C 76 -56.23 -10.46 36.18
CA LEU C 76 -55.47 -10.98 35.04
C LEU C 76 -56.10 -12.26 34.51
N THR C 77 -56.48 -12.27 33.24
CA THR C 77 -56.89 -13.49 32.57
C THR C 77 -55.89 -13.81 31.48
N TYR C 78 -56.01 -14.98 30.88
CA TYR C 78 -55.01 -15.41 29.92
C TYR C 78 -55.68 -15.95 28.67
N ASP C 79 -54.89 -16.06 27.60
CA ASP C 79 -55.37 -16.47 26.29
C ASP C 79 -54.40 -17.44 25.63
N THR C 80 -53.99 -18.49 26.33
CA THR C 80 -52.94 -19.40 25.88
C THR C 80 -53.34 -20.17 24.62
N GLN C 81 -52.49 -20.08 23.60
CA GLN C 81 -52.63 -20.84 22.37
C GLN C 81 -51.49 -21.83 22.28
N LYS C 82 -51.68 -22.91 21.54
CA LYS C 82 -50.70 -23.97 21.44
C LYS C 82 -50.25 -24.16 19.99
N ILE C 83 -48.94 -24.20 19.78
CA ILE C 83 -48.36 -24.34 18.44
C ILE C 83 -47.36 -25.49 18.42
N ASN C 84 -46.70 -25.67 17.27
CA ASN C 84 -45.73 -26.74 17.07
C ASN C 84 -44.31 -26.34 17.45
N LEU C 85 -44.08 -25.03 17.63
CA LEU C 85 -42.84 -24.34 18.01
C LEU C 85 -41.81 -24.32 16.89
N TYR C 86 -42.06 -25.02 15.79
CA TYR C 86 -41.16 -25.07 14.65
C TYR C 86 -41.86 -24.60 13.39
N ASP C 87 -42.90 -23.81 13.54
CA ASP C 87 -43.77 -23.38 12.44
C ASP C 87 -44.00 -21.89 12.63
N SER C 88 -43.25 -21.08 11.87
CA SER C 88 -43.38 -19.62 11.99
C SER C 88 -44.71 -19.14 11.41
N PHE C 89 -45.33 -19.94 10.54
CA PHE C 89 -46.64 -19.59 10.02
C PHE C 89 -47.72 -19.81 11.06
N GLU C 90 -47.64 -20.92 11.79
CA GLU C 90 -48.64 -21.22 12.81
C GLU C 90 -48.50 -20.30 14.01
N ALA C 91 -47.26 -19.92 14.33
CA ALA C 91 -47.02 -18.97 15.42
C ALA C 91 -47.50 -17.57 15.05
N SER C 92 -47.48 -17.25 13.76
CA SER C 92 -47.94 -15.93 13.33
C SER C 92 -49.45 -15.86 13.25
N LYS C 93 -50.12 -16.98 13.04
CA LYS C 93 -51.58 -16.99 13.04
C LYS C 93 -52.12 -16.85 14.45
N LYS C 94 -51.51 -17.56 15.40
CA LYS C 94 -51.97 -17.49 16.78
C LYS C 94 -51.64 -16.15 17.41
N ALA C 95 -50.58 -15.49 16.93
CA ALA C 95 -50.26 -14.16 17.41
C ALA C 95 -51.22 -13.11 16.87
N CYS C 96 -51.73 -13.29 15.64
CA CYS C 96 -52.74 -12.39 15.14
C CYS C 96 -54.13 -12.70 15.68
N ASP C 97 -54.36 -13.93 16.15
CA ASP C 97 -55.62 -14.23 16.82
C ASP C 97 -55.67 -13.59 18.20
N GLN C 98 -54.55 -13.63 18.92
CA GLN C 98 -54.50 -12.99 20.24
C GLN C 98 -54.57 -11.47 20.14
N LEU C 99 -54.03 -10.91 19.06
CA LEU C 99 -54.17 -9.48 18.84
C LEU C 99 -55.59 -9.12 18.42
N SER C 100 -56.29 -10.03 17.75
CA SER C 100 -57.67 -9.77 17.35
C SER C 100 -58.61 -9.82 18.55
N LEU C 101 -58.48 -10.86 19.37
CA LEU C 101 -59.19 -10.92 20.65
C LEU C 101 -58.75 -9.78 21.57
N GLY C 102 -57.46 -9.45 21.54
CA GLY C 102 -56.96 -8.33 22.29
C GLY C 102 -56.12 -8.73 23.47
N VAL C 103 -54.81 -8.52 23.39
CA VAL C 103 -53.90 -8.80 24.49
C VAL C 103 -53.13 -7.54 24.83
N ALA C 104 -52.44 -7.57 25.97
CA ALA C 104 -51.58 -6.48 26.41
C ALA C 104 -50.10 -6.88 26.39
N ALA C 105 -49.83 -8.16 26.16
CA ALA C 105 -48.48 -8.71 26.04
C ALA C 105 -48.57 -10.11 25.44
N ILE C 106 -47.47 -10.61 24.88
CA ILE C 106 -47.39 -12.00 24.44
C ILE C 106 -46.14 -12.61 25.04
N PHE C 107 -46.32 -13.71 25.77
CA PHE C 107 -45.25 -14.29 26.57
C PHE C 107 -44.52 -15.38 25.80
N GLY C 108 -44.11 -15.06 24.57
CA GLY C 108 -43.12 -15.80 23.83
C GLY C 108 -43.59 -17.11 23.24
N PRO C 109 -43.12 -17.42 22.05
CA PRO C 109 -43.32 -18.77 21.49
C PRO C 109 -42.26 -19.73 22.00
N SER C 110 -41.16 -19.17 22.52
CA SER C 110 -40.10 -19.87 23.24
C SER C 110 -39.26 -20.77 22.34
N HIS C 111 -39.29 -20.55 21.03
CA HIS C 111 -38.32 -21.17 20.14
C HIS C 111 -37.88 -20.16 19.09
N SER C 112 -36.60 -20.24 18.70
CA SER C 112 -35.91 -19.21 17.92
C SER C 112 -36.55 -18.90 16.57
N SER C 113 -37.01 -19.93 15.86
CA SER C 113 -37.66 -19.70 14.56
C SER C 113 -39.04 -19.08 14.75
N SER C 114 -39.74 -19.49 15.80
CA SER C 114 -41.10 -18.99 16.02
C SER C 114 -41.10 -17.65 16.73
N ALA C 115 -40.07 -17.38 17.53
CA ALA C 115 -40.05 -16.14 18.31
C ALA C 115 -39.73 -14.94 17.43
N ASN C 116 -38.90 -15.13 16.41
CA ASN C 116 -38.55 -14.02 15.52
C ASN C 116 -39.72 -13.59 14.65
N ALA C 117 -40.66 -14.51 14.38
CA ALA C 117 -41.84 -14.15 13.61
C ALA C 117 -42.82 -13.35 14.45
N VAL C 118 -42.99 -13.74 15.71
CA VAL C 118 -43.96 -13.09 16.60
C VAL C 118 -43.39 -11.79 17.15
N GLN C 119 -42.06 -11.68 17.24
CA GLN C 119 -41.43 -10.41 17.63
C GLN C 119 -41.72 -9.31 16.63
N SER C 120 -41.72 -9.62 15.34
CA SER C 120 -41.94 -8.60 14.33
C SER C 120 -43.43 -8.23 14.23
N ILE C 121 -44.31 -9.15 14.58
CA ILE C 121 -45.74 -8.82 14.67
C ILE C 121 -45.97 -7.87 15.85
N CYS C 122 -45.35 -8.16 16.98
CA CYS C 122 -45.52 -7.35 18.17
C CYS C 122 -44.85 -6.00 18.03
N ASN C 123 -43.78 -5.92 17.24
CA ASN C 123 -43.16 -4.64 16.96
C ASN C 123 -44.03 -3.76 16.08
N ALA C 124 -44.72 -4.34 15.11
CA ALA C 124 -45.51 -3.56 14.16
C ALA C 124 -46.86 -3.14 14.73
N LEU C 125 -47.41 -3.91 15.66
CA LEU C 125 -48.74 -3.63 16.21
C LEU C 125 -48.68 -3.03 17.61
N GLY C 126 -47.51 -2.67 18.10
CA GLY C 126 -47.44 -1.94 19.36
C GLY C 126 -47.27 -2.76 20.63
N VAL C 127 -48.00 -3.86 20.73
CA VAL C 127 -48.09 -4.71 21.91
C VAL C 127 -46.73 -5.32 22.27
N PRO C 128 -46.33 -5.30 23.55
CA PRO C 128 -45.04 -5.89 23.94
C PRO C 128 -44.97 -7.38 23.71
N HIS C 129 -43.75 -7.88 23.61
CA HIS C 129 -43.46 -9.31 23.46
C HIS C 129 -42.46 -9.70 24.52
N ILE C 130 -42.85 -10.61 25.41
CA ILE C 130 -42.04 -10.99 26.55
C ILE C 130 -41.40 -12.32 26.24
N GLN C 131 -40.07 -12.37 26.28
CA GLN C 131 -39.31 -13.56 25.95
C GLN C 131 -38.69 -14.14 27.21
N THR C 132 -38.68 -15.46 27.31
CA THR C 132 -38.10 -16.11 28.49
C THR C 132 -37.04 -17.13 28.11
N ARG C 133 -36.62 -17.12 26.84
CA ARG C 133 -35.57 -18.03 26.38
C ARG C 133 -34.67 -17.28 25.41
N TRP C 134 -33.43 -17.76 25.31
CA TRP C 134 -32.43 -17.13 24.48
C TRP C 134 -32.68 -17.43 23.01
N LYS C 135 -32.46 -16.43 22.17
CA LYS C 135 -32.45 -16.64 20.72
C LYS C 135 -31.45 -15.67 20.13
N HIS C 136 -31.01 -15.97 18.91
CA HIS C 136 -30.05 -15.11 18.23
C HIS C 136 -30.71 -13.81 17.80
N GLN C 137 -30.30 -12.71 18.41
CA GLN C 137 -30.68 -11.37 17.97
C GLN C 137 -29.70 -10.98 16.86
N VAL C 138 -30.19 -10.92 15.63
CA VAL C 138 -29.38 -10.44 14.52
C VAL C 138 -29.09 -8.96 14.73
N SER C 139 -27.91 -8.51 14.29
CA SER C 139 -27.38 -7.22 14.72
C SER C 139 -28.08 -6.05 14.07
N ASP C 140 -28.63 -6.22 12.87
CA ASP C 140 -29.29 -5.12 12.18
C ASP C 140 -30.81 -5.24 12.27
N ASN C 141 -31.32 -5.74 13.39
CA ASN C 141 -32.74 -5.80 13.66
C ASN C 141 -33.14 -4.62 14.53
N LYS C 142 -33.94 -3.71 13.97
CA LYS C 142 -34.35 -2.51 14.66
C LYS C 142 -35.70 -2.70 15.35
N ASP C 143 -35.76 -3.70 16.23
CA ASP C 143 -36.97 -4.01 16.99
C ASP C 143 -36.84 -3.45 18.39
N SER C 144 -37.87 -2.75 18.84
CA SER C 144 -37.87 -2.14 20.16
C SER C 144 -38.75 -2.91 21.13
N PHE C 145 -39.92 -3.35 20.69
CA PHE C 145 -40.93 -3.92 21.57
C PHE C 145 -40.66 -5.38 21.90
N TYR C 146 -39.58 -5.64 22.64
CA TYR C 146 -39.30 -6.98 23.17
C TYR C 146 -38.35 -6.87 24.35
N VAL C 147 -38.56 -7.69 25.38
CA VAL C 147 -37.57 -7.89 26.43
C VAL C 147 -37.40 -9.38 26.65
N SER C 148 -36.17 -9.79 26.92
CA SER C 148 -35.87 -11.17 27.24
C SER C 148 -35.50 -11.28 28.71
N LEU C 149 -36.02 -12.29 29.39
CA LEU C 149 -35.70 -12.49 30.79
C LEU C 149 -34.70 -13.62 30.97
N TYR C 150 -34.27 -14.26 29.89
CA TYR C 150 -33.26 -15.28 30.02
C TYR C 150 -31.92 -14.57 30.17
N PRO C 151 -31.04 -15.03 31.08
CA PRO C 151 -29.72 -14.41 31.22
C PRO C 151 -28.90 -14.48 29.94
N ASP C 152 -28.42 -13.33 29.49
CA ASP C 152 -27.75 -13.22 28.20
C ASP C 152 -26.44 -14.02 28.20
N PHE C 153 -26.18 -14.72 27.11
CA PHE C 153 -24.92 -15.43 26.95
C PHE C 153 -23.74 -14.53 26.62
N SER C 154 -23.96 -13.23 26.45
CA SER C 154 -22.85 -12.29 26.52
C SER C 154 -22.29 -12.23 27.93
N SER C 155 -23.17 -12.27 28.94
CA SER C 155 -22.72 -12.26 30.31
C SER C 155 -22.39 -13.66 30.81
N LEU C 156 -23.15 -14.67 30.37
CA LEU C 156 -22.91 -16.02 30.84
C LEU C 156 -21.64 -16.64 30.26
N SER C 157 -21.16 -16.16 29.12
CA SER C 157 -19.89 -16.67 28.60
C SER C 157 -18.71 -16.02 29.30
N ARG C 158 -18.92 -14.87 29.94
CA ARG C 158 -17.86 -14.29 30.75
C ARG C 158 -17.79 -14.96 32.11
N ALA C 159 -18.93 -15.42 32.63
CA ALA C 159 -18.95 -16.14 33.89
C ALA C 159 -18.27 -17.49 33.77
N ILE C 160 -18.47 -18.17 32.63
CA ILE C 160 -17.77 -19.41 32.37
C ILE C 160 -16.29 -19.15 32.14
N LEU C 161 -15.96 -18.01 31.55
CA LEU C 161 -14.57 -17.69 31.29
C LEU C 161 -13.85 -17.27 32.57
N ASP C 162 -14.58 -16.76 33.55
CA ASP C 162 -13.97 -16.44 34.84
C ASP C 162 -13.65 -17.70 35.62
N LEU C 163 -14.46 -18.76 35.43
CA LEU C 163 -14.20 -20.02 36.11
C LEU C 163 -12.97 -20.73 35.56
N VAL C 164 -12.75 -20.66 34.24
CA VAL C 164 -11.60 -21.36 33.68
C VAL C 164 -10.31 -20.59 33.97
N GLN C 165 -10.43 -19.34 34.37
CA GLN C 165 -9.26 -18.61 34.87
C GLN C 165 -8.99 -18.95 36.33
N PHE C 166 -10.05 -18.98 37.16
CA PHE C 166 -9.95 -19.29 38.58
C PHE C 166 -9.44 -20.71 38.80
N PHE C 167 -9.85 -21.64 37.94
CA PHE C 167 -9.43 -23.03 38.05
C PHE C 167 -8.10 -23.28 37.36
N LYS C 168 -7.49 -22.23 36.80
CA LYS C 168 -6.17 -22.23 36.17
C LYS C 168 -6.10 -23.22 35.01
N TRP C 169 -7.17 -23.27 34.22
CA TRP C 169 -7.21 -24.19 33.09
C TRP C 169 -6.39 -23.64 31.93
N LYS C 170 -5.85 -24.56 31.13
CA LYS C 170 -5.13 -24.19 29.92
C LYS C 170 -5.45 -25.14 28.76
N THR C 171 -6.30 -26.15 28.96
CA THR C 171 -6.57 -27.16 27.94
C THR C 171 -8.08 -27.39 27.87
N VAL C 172 -8.83 -26.32 27.72
CA VAL C 172 -10.29 -26.33 27.75
C VAL C 172 -10.84 -27.04 26.51
N THR C 173 -11.92 -27.82 26.70
CA THR C 173 -12.63 -28.49 25.61
C THR C 173 -14.12 -28.17 25.69
N VAL C 174 -14.62 -27.36 24.75
CA VAL C 174 -16.03 -27.02 24.71
C VAL C 174 -16.77 -28.08 23.89
N VAL C 175 -17.82 -28.65 24.48
CA VAL C 175 -18.68 -29.61 23.80
C VAL C 175 -20.08 -29.00 23.75
N TYR C 176 -20.58 -28.74 22.55
CA TYR C 176 -21.93 -28.23 22.37
C TYR C 176 -22.78 -29.28 21.65
N ASP C 177 -24.06 -28.95 21.47
CA ASP C 177 -24.99 -29.88 20.84
C ASP C 177 -25.54 -29.40 19.51
N ASP C 178 -26.05 -28.18 19.42
CA ASP C 178 -26.53 -27.63 18.16
C ASP C 178 -25.70 -26.43 17.75
N SER C 179 -25.75 -26.11 16.45
CA SER C 179 -24.88 -25.13 15.83
C SER C 179 -25.05 -23.72 16.38
N THR C 180 -26.16 -23.43 17.07
CA THR C 180 -26.37 -22.13 17.69
C THR C 180 -25.55 -22.00 18.97
N GLY C 181 -24.97 -23.07 19.47
CA GLY C 181 -24.16 -23.02 20.67
C GLY C 181 -22.85 -22.31 20.47
N LEU C 182 -22.43 -22.16 19.22
CA LEU C 182 -21.24 -21.37 18.90
C LEU C 182 -21.51 -19.88 19.13
N ILE C 183 -22.72 -19.43 18.81
CA ILE C 183 -23.13 -18.05 19.02
C ILE C 183 -23.25 -17.78 20.51
N ARG C 184 -23.73 -18.77 21.25
CA ARG C 184 -23.87 -18.65 22.71
C ARG C 184 -22.51 -18.47 23.37
N LEU C 185 -21.55 -19.33 23.04
CA LEU C 185 -20.26 -19.33 23.72
C LEU C 185 -19.17 -18.68 22.87
N GLN C 186 -19.52 -17.61 22.14
CA GLN C 186 -18.55 -17.03 21.22
C GLN C 186 -17.47 -16.24 21.95
N GLU C 187 -17.78 -15.69 23.12
CA GLU C 187 -16.74 -14.99 23.88
C GLU C 187 -15.79 -15.97 24.56
N LEU C 188 -16.22 -17.22 24.72
CA LEU C 188 -15.35 -18.26 25.23
C LEU C 188 -14.45 -18.80 24.12
N ILE C 189 -14.94 -18.79 22.87
CA ILE C 189 -14.16 -19.29 21.75
C ILE C 189 -13.11 -18.26 21.32
N LYS C 190 -13.43 -16.98 21.43
CA LYS C 190 -12.48 -15.93 21.10
C LYS C 190 -11.46 -15.67 22.21
N ALA C 191 -11.55 -16.40 23.32
CA ALA C 191 -10.67 -16.19 24.48
C ALA C 191 -9.19 -16.55 24.28
N PRO C 192 -8.77 -17.61 23.49
CA PRO C 192 -7.33 -17.79 23.27
C PRO C 192 -6.61 -16.70 22.49
N SER C 193 -7.33 -15.68 22.00
CA SER C 193 -6.67 -14.57 21.32
C SER C 193 -6.45 -13.41 22.30
N ARG C 194 -6.81 -13.61 23.56
CA ARG C 194 -6.53 -12.62 24.60
C ARG C 194 -6.05 -13.26 25.89
N TYR C 195 -5.99 -14.60 25.96
CA TYR C 195 -5.42 -15.30 27.09
C TYR C 195 -4.62 -16.51 26.60
N ASN C 196 -4.29 -17.42 27.50
CA ASN C 196 -3.47 -18.58 27.14
C ASN C 196 -4.23 -19.90 27.18
N LEU C 197 -5.55 -19.86 26.98
CA LEU C 197 -6.32 -21.09 26.81
C LEU C 197 -5.97 -21.73 25.48
N ARG C 198 -6.29 -23.01 25.36
CA ARG C 198 -6.15 -23.73 24.10
C ARG C 198 -7.43 -24.53 23.90
N LEU C 199 -8.42 -23.91 23.25
CA LEU C 199 -9.72 -24.51 23.02
C LEU C 199 -9.67 -25.68 22.05
N LYS C 200 -10.51 -26.68 22.26
CA LYS C 200 -10.71 -27.77 21.30
C LYS C 200 -12.22 -27.98 21.18
N ILE C 201 -12.82 -27.29 20.22
CA ILE C 201 -14.28 -27.29 20.09
C ILE C 201 -14.75 -28.63 19.52
N ARG C 202 -15.71 -29.26 20.19
CA ARG C 202 -16.28 -30.51 19.75
C ARG C 202 -17.80 -30.40 19.75
N GLN C 203 -18.46 -31.33 19.09
CA GLN C 203 -19.91 -31.32 19.00
C GLN C 203 -20.44 -32.69 19.38
N LEU C 204 -21.55 -32.71 20.12
CA LEU C 204 -22.26 -33.95 20.38
C LEU C 204 -22.81 -34.54 19.07
N PRO C 205 -23.05 -35.85 19.00
CA PRO C 205 -23.70 -36.44 17.82
C PRO C 205 -25.08 -35.86 17.57
N ALA C 206 -25.52 -35.97 16.31
CA ALA C 206 -26.59 -35.16 15.71
C ALA C 206 -27.91 -35.15 16.47
N ASP C 207 -28.52 -36.31 16.68
CA ASP C 207 -29.73 -36.37 17.48
C ASP C 207 -29.71 -37.49 18.51
N THR C 208 -28.94 -38.55 18.25
CA THR C 208 -28.92 -39.72 19.12
C THR C 208 -28.10 -39.42 20.37
N LYS C 209 -28.40 -40.13 21.46
CA LYS C 209 -27.58 -40.06 22.67
C LYS C 209 -26.52 -41.15 22.66
N ASP C 210 -25.78 -41.25 21.56
CA ASP C 210 -24.63 -42.13 21.46
C ASP C 210 -23.37 -41.27 21.52
N ALA C 211 -23.12 -40.67 22.68
CA ALA C 211 -21.95 -39.81 22.85
C ALA C 211 -20.68 -40.59 23.14
N LYS C 212 -20.74 -41.92 23.11
CA LYS C 212 -19.54 -42.74 23.34
C LYS C 212 -18.44 -42.58 22.28
N PRO C 213 -18.70 -42.45 20.96
CA PRO C 213 -17.57 -42.12 20.06
C PRO C 213 -16.98 -40.75 20.27
N LEU C 214 -17.76 -39.80 20.81
CA LEU C 214 -17.19 -38.53 21.21
C LEU C 214 -16.28 -38.68 22.42
N LEU C 215 -16.72 -39.47 23.41
CA LEU C 215 -16.00 -39.56 24.66
C LEU C 215 -14.77 -40.45 24.54
N LYS C 216 -14.72 -41.30 23.51
CA LYS C 216 -13.49 -42.05 23.24
C LYS C 216 -12.39 -41.12 22.75
N GLU C 217 -12.75 -40.14 21.92
CA GLU C 217 -11.77 -39.21 21.39
C GLU C 217 -11.30 -38.23 22.47
N MET C 218 -12.20 -37.89 23.39
CA MET C 218 -11.84 -37.02 24.51
C MET C 218 -10.98 -37.75 25.54
N LYS C 219 -11.18 -39.05 25.69
CA LYS C 219 -10.39 -39.83 26.62
C LYS C 219 -9.01 -40.14 26.04
N ARG C 220 -8.96 -40.48 24.76
CA ARG C 220 -7.67 -40.73 24.10
C ARG C 220 -6.89 -39.44 23.90
N GLY C 221 -7.58 -38.31 23.82
CA GLY C 221 -6.90 -37.03 23.64
C GLY C 221 -6.40 -36.41 24.93
N LYS C 222 -6.65 -37.08 26.06
CA LYS C 222 -6.26 -36.65 27.40
C LYS C 222 -6.83 -35.28 27.74
N GLU C 223 -8.14 -35.14 27.58
CA GLU C 223 -8.85 -33.87 27.76
C GLU C 223 -9.64 -33.99 29.05
N PHE C 224 -9.11 -33.40 30.12
CA PHE C 224 -9.66 -33.55 31.47
C PHE C 224 -10.50 -32.36 31.89
N HIS C 225 -10.58 -31.33 31.06
CA HIS C 225 -11.22 -30.07 31.46
C HIS C 225 -12.25 -29.73 30.38
N VAL C 226 -13.52 -30.03 30.66
CA VAL C 226 -14.56 -30.04 29.63
C VAL C 226 -15.66 -29.06 30.02
N ILE C 227 -16.07 -28.22 29.07
CA ILE C 227 -17.25 -27.38 29.21
C ILE C 227 -18.35 -27.94 28.33
N PHE C 228 -19.50 -28.27 28.92
CA PHE C 228 -20.64 -28.80 28.18
C PHE C 228 -21.67 -27.70 27.98
N ASP C 229 -22.00 -27.42 26.71
CA ASP C 229 -23.14 -26.57 26.38
C ASP C 229 -24.32 -27.47 26.04
N CYS C 230 -25.17 -27.73 27.02
CA CYS C 230 -26.27 -28.67 26.86
C CYS C 230 -27.46 -28.15 27.65
N SER C 231 -28.57 -28.87 27.55
CA SER C 231 -29.66 -28.74 28.50
C SER C 231 -29.50 -29.80 29.58
N HIS C 232 -30.32 -29.70 30.64
CA HIS C 232 -30.17 -30.63 31.75
C HIS C 232 -30.69 -32.02 31.39
N GLU C 233 -31.55 -32.12 30.38
CA GLU C 233 -31.95 -33.43 29.89
C GLU C 233 -30.79 -34.12 29.16
N MET C 234 -30.00 -33.34 28.42
CA MET C 234 -28.87 -33.93 27.72
C MET C 234 -27.62 -33.97 28.58
N ALA C 235 -27.57 -33.15 29.64
CA ALA C 235 -26.45 -33.24 30.58
C ALA C 235 -26.53 -34.52 31.38
N ALA C 236 -27.75 -34.95 31.73
CA ALA C 236 -27.94 -36.19 32.49
C ALA C 236 -27.60 -37.42 31.64
N GLY C 237 -27.84 -37.33 30.33
CA GLY C 237 -27.59 -38.46 29.45
C GLY C 237 -26.12 -38.74 29.22
N ILE C 238 -25.32 -37.69 29.08
CA ILE C 238 -23.90 -37.86 28.80
C ILE C 238 -23.12 -38.06 30.09
N LEU C 239 -23.74 -37.78 31.23
CA LEU C 239 -23.10 -38.06 32.52
C LEU C 239 -23.23 -39.52 32.90
N LYS C 240 -24.30 -40.18 32.43
CA LYS C 240 -24.38 -41.63 32.55
C LYS C 240 -23.36 -42.31 31.65
N GLN C 241 -23.08 -41.72 30.49
CA GLN C 241 -22.14 -42.32 29.55
C GLN C 241 -20.70 -41.94 29.86
N ALA C 242 -20.49 -40.89 30.66
CA ALA C 242 -19.14 -40.60 31.13
C ALA C 242 -18.78 -41.47 32.32
N LEU C 243 -19.78 -41.97 33.03
CA LEU C 243 -19.55 -42.91 34.12
C LEU C 243 -19.12 -44.26 33.59
N ALA C 244 -19.77 -44.71 32.52
CA ALA C 244 -19.55 -46.06 32.02
C ALA C 244 -18.31 -46.19 31.15
N MET C 245 -17.58 -45.10 30.91
CA MET C 245 -16.45 -45.21 29.99
C MET C 245 -15.09 -44.96 30.62
N GLY C 246 -14.83 -43.77 31.13
CA GLY C 246 -13.64 -43.70 31.94
C GLY C 246 -13.56 -42.49 32.82
N MET C 247 -14.62 -41.71 32.87
CA MET C 247 -14.46 -40.27 32.90
C MET C 247 -15.00 -39.61 34.14
N MET C 248 -15.75 -40.32 34.97
CA MET C 248 -16.09 -39.79 36.28
C MET C 248 -15.05 -40.13 37.35
N THR C 249 -13.78 -39.77 37.13
CA THR C 249 -12.73 -39.97 38.13
C THR C 249 -12.43 -38.66 38.84
N GLU C 250 -11.36 -38.65 39.64
CA GLU C 250 -10.88 -37.42 40.27
C GLU C 250 -9.95 -36.64 39.35
N TYR C 251 -9.77 -37.06 38.10
CA TYR C 251 -8.93 -36.37 37.14
C TYR C 251 -9.71 -35.43 36.24
N TYR C 252 -11.03 -35.61 36.13
CA TYR C 252 -11.85 -34.89 35.17
C TYR C 252 -12.64 -33.80 35.87
N HIS C 253 -12.75 -32.65 35.22
CA HIS C 253 -13.52 -31.52 35.73
C HIS C 253 -14.47 -31.04 34.65
N TYR C 254 -15.73 -30.84 35.03
CA TYR C 254 -16.82 -30.58 34.10
C TYR C 254 -17.52 -29.28 34.49
N ILE C 255 -17.35 -28.24 33.67
CA ILE C 255 -18.18 -27.05 33.83
C ILE C 255 -19.42 -27.18 32.95
N PHE C 256 -20.57 -26.84 33.50
CA PHE C 256 -21.83 -26.95 32.77
C PHE C 256 -22.39 -25.57 32.52
N THR C 257 -22.74 -25.30 31.27
CA THR C 257 -23.30 -24.03 30.84
C THR C 257 -24.74 -23.85 31.30
N THR C 258 -25.47 -24.94 31.47
CA THR C 258 -26.88 -24.89 31.85
C THR C 258 -27.06 -24.39 33.28
N LEU C 259 -28.17 -23.71 33.52
CA LEU C 259 -28.49 -23.14 34.81
C LEU C 259 -29.35 -24.09 35.65
N ASP C 260 -29.54 -25.32 35.18
CA ASP C 260 -30.34 -26.32 35.87
C ASP C 260 -29.45 -27.51 36.24
N LEU C 261 -28.26 -27.21 36.74
CA LEU C 261 -27.39 -28.24 37.26
C LEU C 261 -27.89 -28.79 38.60
N PHE C 262 -28.68 -28.00 39.33
CA PHE C 262 -29.25 -28.40 40.61
C PHE C 262 -30.40 -29.40 40.46
N ALA C 263 -30.75 -29.76 39.23
CA ALA C 263 -31.85 -30.68 38.95
C ALA C 263 -31.34 -32.00 38.41
N LEU C 264 -30.17 -32.43 38.86
CA LEU C 264 -29.59 -33.71 38.47
C LEU C 264 -29.49 -34.62 39.69
N ASP C 265 -29.96 -35.86 39.54
CA ASP C 265 -29.74 -36.88 40.56
C ASP C 265 -28.27 -37.24 40.52
N VAL C 266 -27.51 -36.67 41.44
CA VAL C 266 -26.05 -36.71 41.38
C VAL C 266 -25.56 -37.74 42.39
N GLU C 267 -26.51 -38.51 42.93
CA GLU C 267 -26.20 -39.61 43.86
C GLU C 267 -25.22 -40.66 43.32
N PRO C 268 -25.23 -41.05 42.03
CA PRO C 268 -24.13 -41.91 41.55
C PRO C 268 -22.78 -41.22 41.44
N TYR C 269 -22.72 -39.89 41.59
CA TYR C 269 -21.47 -39.19 41.31
C TYR C 269 -20.92 -38.45 42.53
N ARG C 270 -21.60 -38.53 43.68
CA ARG C 270 -21.13 -37.82 44.88
C ARG C 270 -19.80 -38.36 45.37
N TYR C 271 -19.69 -39.67 45.50
CA TYR C 271 -18.48 -40.31 45.99
C TYR C 271 -17.46 -40.56 44.89
N SER C 272 -17.76 -40.13 43.66
CA SER C 272 -16.91 -40.45 42.51
C SER C 272 -15.60 -39.65 42.52
N GLY C 273 -15.47 -38.67 43.42
CA GLY C 273 -14.27 -37.87 43.49
C GLY C 273 -14.19 -36.81 42.41
N VAL C 274 -15.25 -36.65 41.63
CA VAL C 274 -15.23 -35.75 40.48
C VAL C 274 -15.37 -34.32 40.95
N ASN C 275 -15.06 -33.42 40.05
CA ASN C 275 -15.31 -32.00 40.24
C ASN C 275 -16.23 -31.56 39.11
N MET C 276 -17.40 -31.01 39.49
CA MET C 276 -18.47 -30.66 38.54
C MET C 276 -19.00 -29.29 38.89
N THR C 277 -18.48 -28.26 38.22
CA THR C 277 -18.86 -26.89 38.55
C THR C 277 -20.06 -26.51 37.69
N GLY C 278 -20.60 -25.31 37.88
CA GLY C 278 -21.78 -24.89 37.16
C GLY C 278 -22.30 -23.60 37.75
N PHE C 279 -23.53 -23.25 37.37
CA PHE C 279 -24.14 -22.02 37.86
C PHE C 279 -25.58 -22.31 38.25
N ARG C 280 -26.20 -21.34 38.90
CA ARG C 280 -27.59 -21.43 39.32
C ARG C 280 -28.13 -20.03 39.54
N ILE C 281 -29.11 -19.61 38.75
CA ILE C 281 -29.71 -18.31 38.98
C ILE C 281 -30.99 -18.45 39.80
N LEU C 282 -31.58 -19.64 39.85
CA LEU C 282 -32.74 -19.90 40.68
C LEU C 282 -32.36 -19.82 42.15
N ASN C 283 -32.82 -18.76 42.81
CA ASN C 283 -32.33 -18.37 44.14
C ASN C 283 -33.03 -19.20 45.21
N THR C 284 -32.61 -20.47 45.33
CA THR C 284 -33.30 -21.43 46.18
C THR C 284 -32.94 -21.30 47.67
N GLU C 285 -32.14 -20.31 48.04
CA GLU C 285 -31.75 -20.14 49.44
C GLU C 285 -32.61 -19.12 50.18
N ASN C 286 -33.60 -18.53 49.53
CA ASN C 286 -34.57 -17.70 50.23
C ASN C 286 -35.69 -18.56 50.78
N THR C 287 -36.29 -18.11 51.87
CA THR C 287 -37.47 -18.78 52.41
C THR C 287 -38.67 -18.55 51.51
N GLN C 288 -38.76 -17.35 50.91
CA GLN C 288 -39.89 -17.01 50.04
C GLN C 288 -39.85 -17.82 48.74
N VAL C 289 -38.67 -17.96 48.15
CA VAL C 289 -38.55 -18.71 46.89
C VAL C 289 -38.73 -20.20 47.13
N SER C 290 -38.18 -20.72 48.23
CA SER C 290 -38.31 -22.16 48.51
C SER C 290 -39.73 -22.52 48.90
N SER C 291 -40.52 -21.54 49.34
CA SER C 291 -41.95 -21.78 49.55
C SER C 291 -42.66 -22.04 48.22
N ILE C 292 -42.28 -21.31 47.17
CA ILE C 292 -42.95 -21.43 45.89
C ILE C 292 -42.55 -22.73 45.19
N ILE C 293 -41.29 -23.16 45.38
CA ILE C 293 -40.84 -24.42 44.82
C ILE C 293 -41.54 -25.59 45.51
N GLU C 294 -41.82 -25.45 46.81
CA GLU C 294 -42.58 -26.48 47.52
C GLU C 294 -44.05 -26.47 47.11
N LYS C 295 -44.57 -25.28 46.75
CA LYS C 295 -45.92 -25.23 46.19
C LYS C 295 -45.97 -25.84 44.80
N TRP C 296 -44.85 -25.80 44.07
CA TRP C 296 -44.83 -26.18 42.67
C TRP C 296 -45.06 -27.66 42.47
N SER C 297 -44.50 -28.49 43.36
CA SER C 297 -44.63 -29.94 43.23
C SER C 297 -46.04 -30.43 43.50
N MET C 298 -46.84 -29.62 44.20
CA MET C 298 -48.21 -29.98 44.54
C MET C 298 -49.12 -30.04 43.31
N GLU C 299 -49.32 -28.90 42.64
CA GLU C 299 -50.26 -28.84 41.52
C GLU C 299 -49.72 -29.51 40.26
N ARG C 300 -48.41 -29.73 40.17
CA ARG C 300 -47.81 -30.31 38.97
C ARG C 300 -48.06 -31.81 38.87
N LEU C 301 -48.53 -32.40 40.00
CA LEU C 301 -48.34 -33.78 40.46
C LEU C 301 -48.15 -34.86 39.40
N GLN C 302 -48.92 -34.79 38.31
CA GLN C 302 -48.78 -35.68 37.15
C GLN C 302 -47.41 -35.57 36.47
N ALA C 303 -47.18 -36.46 35.50
CA ALA C 303 -45.97 -36.61 34.68
C ALA C 303 -44.74 -36.92 35.53
N PRO C 304 -44.62 -38.12 36.09
CA PRO C 304 -43.45 -38.45 36.92
C PRO C 304 -42.20 -38.65 36.08
N PRO C 305 -41.02 -38.34 36.63
CA PRO C 305 -39.78 -38.59 35.89
C PRO C 305 -39.41 -40.07 35.82
N LYS C 306 -39.32 -40.59 34.58
CA LYS C 306 -38.93 -41.98 34.29
C LYS C 306 -37.55 -42.29 34.86
N PRO C 307 -37.31 -43.54 35.34
CA PRO C 307 -36.12 -43.81 36.16
C PRO C 307 -34.76 -43.64 35.49
N ASP C 308 -34.61 -44.11 34.25
CA ASP C 308 -33.35 -43.94 33.54
C ASP C 308 -33.25 -42.60 32.81
N SER C 309 -33.58 -41.52 33.52
CA SER C 309 -33.52 -40.16 33.03
C SER C 309 -33.07 -39.25 34.17
N GLY C 310 -31.94 -39.54 34.81
CA GLY C 310 -31.72 -39.26 36.21
C GLY C 310 -31.62 -37.80 36.61
N LEU C 311 -32.65 -37.05 36.23
CA LEU C 311 -33.04 -35.78 36.83
C LEU C 311 -33.67 -36.04 38.19
N LEU C 312 -33.73 -35.02 39.05
CA LEU C 312 -34.35 -35.16 40.36
C LEU C 312 -35.88 -35.24 40.25
N ASP C 313 -36.56 -35.36 41.39
CA ASP C 313 -37.99 -35.63 41.40
C ASP C 313 -38.83 -34.38 41.24
N GLY C 314 -38.73 -33.44 42.18
CA GLY C 314 -39.59 -32.27 42.18
C GLY C 314 -38.86 -30.95 42.20
N PHE C 315 -39.00 -30.16 41.12
CA PHE C 315 -38.22 -28.95 40.93
C PHE C 315 -38.84 -28.07 39.86
N MET C 316 -38.67 -26.75 40.00
CA MET C 316 -38.81 -25.84 38.87
C MET C 316 -37.51 -25.76 38.08
N THR C 317 -37.61 -25.99 36.78
CA THR C 317 -36.55 -25.63 35.86
C THR C 317 -36.39 -24.12 35.83
N THR C 318 -35.25 -23.64 35.35
CA THR C 318 -35.10 -22.21 35.16
C THR C 318 -35.90 -21.71 33.96
N ASP C 319 -36.37 -22.64 33.11
CA ASP C 319 -37.29 -22.30 32.04
C ASP C 319 -38.63 -21.85 32.59
N ALA C 320 -39.16 -22.59 33.57
CA ALA C 320 -40.44 -22.24 34.16
C ALA C 320 -40.29 -21.16 35.23
N ALA C 321 -39.08 -21.00 35.78
CA ALA C 321 -38.86 -19.96 36.78
C ALA C 321 -38.86 -18.58 36.15
N LEU C 322 -38.42 -18.49 34.89
CA LEU C 322 -38.42 -17.20 34.20
C LEU C 322 -39.79 -16.86 33.65
N MET C 323 -40.65 -17.86 33.45
CA MET C 323 -42.01 -17.57 33.03
C MET C 323 -42.88 -17.17 34.23
N TYR C 324 -42.57 -17.69 35.41
CA TYR C 324 -43.21 -17.21 36.63
C TYR C 324 -42.79 -15.78 36.92
N ASP C 325 -41.54 -15.44 36.62
CA ASP C 325 -41.05 -14.09 36.84
C ASP C 325 -41.58 -13.12 35.81
N ALA C 326 -41.78 -13.57 34.57
CA ALA C 326 -42.14 -12.66 33.47
C ALA C 326 -43.53 -12.09 33.67
N VAL C 327 -44.42 -12.85 34.31
CA VAL C 327 -45.76 -12.35 34.60
C VAL C 327 -45.68 -11.29 35.70
N HIS C 328 -44.71 -11.43 36.60
CA HIS C 328 -44.59 -10.50 37.72
C HIS C 328 -43.92 -9.20 37.31
N VAL C 329 -42.93 -9.27 36.41
CA VAL C 329 -42.22 -8.06 35.99
C VAL C 329 -43.14 -7.17 35.15
N VAL C 330 -43.98 -7.79 34.32
CA VAL C 330 -45.01 -7.04 33.60
C VAL C 330 -46.08 -6.56 34.58
N SER C 331 -46.29 -7.28 35.68
CA SER C 331 -47.26 -6.85 36.68
C SER C 331 -46.78 -5.62 37.44
N VAL C 332 -45.46 -5.44 37.56
CA VAL C 332 -44.92 -4.20 38.13
C VAL C 332 -45.26 -3.02 37.22
N ALA C 333 -45.25 -3.26 35.90
CA ALA C 333 -45.51 -2.19 34.95
C ALA C 333 -46.99 -1.81 34.90
N VAL C 334 -47.90 -2.77 35.11
CA VAL C 334 -49.31 -2.42 35.06
C VAL C 334 -49.79 -1.83 36.38
N GLN C 335 -49.07 -2.04 37.48
CA GLN C 335 -49.39 -1.35 38.73
C GLN C 335 -49.04 0.13 38.64
N GLN C 336 -48.01 0.46 37.85
CA GLN C 336 -47.59 1.84 37.64
C GLN C 336 -48.32 2.48 36.47
N PHE C 337 -49.38 1.84 35.98
CA PHE C 337 -50.12 2.30 34.81
C PHE C 337 -51.56 1.80 34.90
N PRO C 338 -52.41 2.46 35.68
CA PRO C 338 -53.74 1.90 35.95
C PRO C 338 -54.78 2.13 34.86
N GLN C 339 -54.58 3.10 33.96
CA GLN C 339 -55.63 3.46 33.01
C GLN C 339 -55.58 2.64 31.72
N MET C 340 -54.87 1.51 31.72
CA MET C 340 -54.73 0.63 30.57
C MET C 340 -56.06 0.01 30.17
N THR C 341 -56.41 0.14 28.89
CA THR C 341 -57.57 -0.54 28.31
C THR C 341 -57.08 -1.37 27.13
N VAL C 342 -57.42 -2.65 27.14
CA VAL C 342 -57.00 -3.58 26.10
C VAL C 342 -57.78 -3.30 24.82
N SER C 343 -57.06 -3.17 23.71
CA SER C 343 -57.65 -2.87 22.42
C SER C 343 -57.54 -4.06 21.49
N SER C 344 -58.38 -4.07 20.46
CA SER C 344 -58.42 -5.16 19.48
C SER C 344 -57.70 -4.72 18.21
N LEU C 345 -56.41 -5.05 18.14
CA LEU C 345 -55.60 -4.65 17.00
C LEU C 345 -55.77 -5.64 15.86
N GLN C 346 -55.43 -5.20 14.65
CA GLN C 346 -55.62 -6.00 13.45
C GLN C 346 -54.30 -6.05 12.68
N CYS C 347 -53.98 -7.24 12.14
CA CYS C 347 -52.68 -7.45 11.49
C CYS C 347 -52.61 -6.92 10.07
N ASN C 348 -53.62 -7.18 9.23
CA ASN C 348 -53.58 -6.71 7.85
C ASN C 348 -53.94 -5.23 7.72
N ARG C 349 -54.31 -4.58 8.82
CA ARG C 349 -54.51 -3.13 8.87
C ARG C 349 -53.66 -2.55 9.99
N HIS C 350 -52.37 -2.94 10.03
CA HIS C 350 -51.52 -2.78 11.20
C HIS C 350 -51.29 -1.32 11.60
N LYS C 351 -51.79 -1.00 12.80
CA LYS C 351 -51.65 0.32 13.41
C LYS C 351 -51.16 0.09 14.83
N PRO C 352 -50.21 0.87 15.34
CA PRO C 352 -49.69 0.62 16.69
C PRO C 352 -50.72 0.84 17.80
N TRP C 353 -50.57 0.10 18.88
CA TRP C 353 -51.48 0.19 20.02
C TRP C 353 -51.20 1.47 20.77
N ARG C 354 -52.26 2.06 21.36
CA ARG C 354 -52.23 3.45 21.80
C ARG C 354 -51.26 3.65 22.96
N PHE C 355 -51.23 2.70 23.89
CA PHE C 355 -50.31 2.79 25.03
C PHE C 355 -49.14 1.84 24.89
N GLY C 356 -48.82 1.38 23.69
CA GLY C 356 -47.74 0.41 23.53
C GLY C 356 -46.37 1.02 23.75
N THR C 357 -46.23 2.33 23.51
CA THR C 357 -44.93 2.95 23.64
C THR C 357 -44.59 3.24 25.10
N ARG C 358 -45.57 3.68 25.88
CA ARG C 358 -45.32 3.99 27.29
C ARG C 358 -45.20 2.72 28.12
N PHE C 359 -46.07 1.75 27.88
CA PHE C 359 -46.09 0.52 28.68
C PHE C 359 -44.85 -0.33 28.43
N MET C 360 -44.27 -0.23 27.23
CA MET C 360 -43.01 -0.90 26.97
C MET C 360 -41.87 -0.25 27.75
N SER C 361 -41.95 1.08 27.94
CA SER C 361 -40.92 1.77 28.71
C SER C 361 -41.03 1.43 30.19
N LEU C 362 -42.22 1.06 30.66
CA LEU C 362 -42.37 0.70 32.06
C LEU C 362 -41.87 -0.71 32.32
N ILE C 363 -41.95 -1.60 31.33
CA ILE C 363 -41.39 -2.93 31.46
C ILE C 363 -39.87 -2.90 31.46
N LYS C 364 -39.27 -2.04 30.64
CA LYS C 364 -37.82 -1.89 30.62
C LYS C 364 -37.28 -1.11 31.81
N GLU C 365 -38.15 -0.52 32.63
CA GLU C 365 -37.73 0.15 33.86
C GLU C 365 -38.19 -0.58 35.11
N ALA C 366 -38.68 -1.81 34.97
CA ALA C 366 -39.24 -2.55 36.09
C ALA C 366 -38.14 -3.26 36.85
N HIS C 367 -38.25 -3.26 38.18
CA HIS C 367 -37.35 -4.00 39.05
C HIS C 367 -38.18 -4.99 39.86
N TRP C 368 -37.64 -6.19 40.04
CA TRP C 368 -38.37 -7.24 40.72
C TRP C 368 -37.37 -8.21 41.34
N GLU C 369 -37.75 -8.74 42.50
CA GLU C 369 -36.96 -9.74 43.22
C GLU C 369 -37.74 -11.05 43.12
N GLY C 370 -37.51 -11.79 42.04
CA GLY C 370 -38.28 -12.98 41.75
C GLY C 370 -37.56 -14.24 42.16
N LEU C 371 -37.93 -15.35 41.50
CA LEU C 371 -37.29 -16.63 41.75
C LEU C 371 -35.84 -16.62 41.32
N THR C 372 -35.53 -15.87 40.27
CA THR C 372 -34.21 -15.89 39.65
C THR C 372 -33.38 -14.67 40.03
N GLY C 373 -33.59 -14.12 41.23
CA GLY C 373 -32.77 -13.02 41.70
C GLY C 373 -33.37 -11.67 41.36
N ARG C 374 -32.51 -10.68 41.16
CA ARG C 374 -32.95 -9.35 40.76
C ARG C 374 -33.20 -9.34 39.26
N ILE C 375 -34.27 -8.66 38.84
CA ILE C 375 -34.62 -8.60 37.42
C ILE C 375 -34.59 -7.15 36.98
N THR C 376 -33.46 -6.71 36.45
CA THR C 376 -33.35 -5.42 35.80
C THR C 376 -32.89 -5.63 34.36
N PHE C 377 -33.35 -4.76 33.47
CA PHE C 377 -33.11 -4.97 32.05
C PHE C 377 -32.02 -4.05 31.52
N ASN C 378 -31.55 -4.36 30.33
CA ASN C 378 -30.45 -3.64 29.67
C ASN C 378 -31.03 -2.57 28.76
N LYS C 379 -31.10 -1.32 29.23
CA LYS C 379 -31.75 -0.15 28.62
C LYS C 379 -31.51 0.00 27.12
N THR C 380 -30.30 -0.32 26.66
CA THR C 380 -29.96 -0.24 25.24
C THR C 380 -30.81 -1.18 24.39
N ASN C 381 -30.75 -2.48 24.66
CA ASN C 381 -31.38 -3.47 23.79
C ASN C 381 -32.60 -4.15 24.42
N GLY C 382 -32.50 -4.57 25.67
CA GLY C 382 -33.65 -5.16 26.33
C GLY C 382 -33.42 -6.52 26.93
N LEU C 383 -32.17 -6.84 27.23
CA LEU C 383 -31.76 -8.17 27.66
C LEU C 383 -31.51 -8.15 29.16
N ARG C 384 -31.23 -9.32 29.73
CA ARG C 384 -30.71 -9.37 31.10
C ARG C 384 -29.22 -9.67 31.07
N THR C 385 -28.41 -8.62 31.12
CA THR C 385 -26.98 -8.75 31.31
C THR C 385 -26.54 -8.43 32.72
N ASP C 386 -27.45 -8.00 33.58
CA ASP C 386 -27.15 -7.70 34.98
C ASP C 386 -28.00 -8.62 35.85
N PHE C 387 -27.37 -9.67 36.37
CA PHE C 387 -28.04 -10.69 37.15
C PHE C 387 -27.05 -11.28 38.15
N ASP C 388 -27.56 -12.09 39.07
CA ASP C 388 -26.76 -12.63 40.16
C ASP C 388 -26.78 -14.15 40.07
N LEU C 389 -25.63 -14.74 39.77
CA LEU C 389 -25.51 -16.19 39.70
C LEU C 389 -25.04 -16.74 41.04
N ASP C 390 -25.02 -18.07 41.16
CA ASP C 390 -24.50 -18.74 42.35
C ASP C 390 -23.68 -19.92 41.84
N VAL C 391 -22.36 -19.82 41.97
CA VAL C 391 -21.50 -20.90 41.48
C VAL C 391 -21.67 -22.11 42.39
N ILE C 392 -22.07 -23.25 41.80
CA ILE C 392 -22.28 -24.46 42.58
C ILE C 392 -21.33 -25.53 42.06
N SER C 393 -20.80 -26.35 42.97
CA SER C 393 -19.91 -27.44 42.63
C SER C 393 -20.39 -28.71 43.31
N LEU C 394 -19.81 -29.83 42.90
CA LEU C 394 -20.15 -31.13 43.47
C LEU C 394 -19.15 -31.49 44.55
N LYS C 395 -19.63 -31.61 45.78
CA LYS C 395 -18.83 -32.04 46.91
C LYS C 395 -19.26 -33.46 47.27
N GLU C 396 -18.58 -34.06 48.26
CA GLU C 396 -18.92 -35.40 48.70
C GLU C 396 -20.30 -35.48 49.33
N GLU C 397 -20.68 -34.46 50.09
CA GLU C 397 -22.00 -34.40 50.71
C GLU C 397 -23.11 -34.21 49.69
N GLY C 398 -23.01 -33.18 48.86
CA GLY C 398 -23.99 -32.95 47.82
C GLY C 398 -23.51 -31.96 46.77
N LEU C 399 -24.42 -31.11 46.29
CA LEU C 399 -24.12 -30.14 45.24
C LEU C 399 -24.36 -28.75 45.83
N GLU C 400 -23.28 -28.06 46.18
CA GLU C 400 -23.36 -26.94 47.10
C GLU C 400 -22.78 -25.67 46.49
N LYS C 401 -23.33 -24.53 46.92
CA LYS C 401 -22.87 -23.20 46.52
C LYS C 401 -21.48 -22.91 47.05
N ILE C 402 -20.53 -22.67 46.15
CA ILE C 402 -19.16 -22.40 46.56
C ILE C 402 -18.74 -20.99 46.20
N GLY C 403 -19.67 -20.17 45.73
CA GLY C 403 -19.32 -18.81 45.36
C GLY C 403 -20.50 -18.07 44.77
N THR C 404 -20.19 -16.92 44.18
CA THR C 404 -21.20 -16.03 43.60
C THR C 404 -20.59 -15.43 42.34
N TRP C 405 -21.43 -14.90 41.45
CA TRP C 405 -20.95 -14.16 40.30
C TRP C 405 -21.84 -12.94 40.09
N ASP C 406 -21.28 -11.87 39.55
CA ASP C 406 -21.95 -10.59 39.42
C ASP C 406 -21.13 -9.86 38.35
N PRO C 407 -21.77 -9.33 37.28
CA PRO C 407 -21.01 -8.65 36.21
C PRO C 407 -20.18 -7.46 36.68
N ALA C 408 -20.65 -6.75 37.69
CA ALA C 408 -19.85 -5.70 38.32
C ALA C 408 -18.64 -6.29 39.05
N SER C 409 -18.90 -7.05 40.11
CA SER C 409 -17.85 -7.61 40.95
C SER C 409 -16.99 -8.64 40.25
N GLY C 410 -17.58 -9.75 39.84
CA GLY C 410 -16.83 -10.88 39.33
C GLY C 410 -17.06 -12.07 40.24
N LEU C 411 -16.08 -12.99 40.23
CA LEU C 411 -16.17 -14.16 41.10
C LEU C 411 -15.80 -13.84 42.54
N ASN C 412 -16.79 -13.86 43.42
CA ASN C 412 -16.54 -13.82 44.85
C ASN C 412 -16.67 -15.22 45.42
N MET C 413 -15.67 -16.07 45.20
CA MET C 413 -15.81 -17.49 45.53
C MET C 413 -15.29 -17.78 46.93
N THR C 414 -16.21 -17.81 47.89
CA THR C 414 -15.89 -18.25 49.24
C THR C 414 -15.86 -19.79 49.36
N GLU C 415 -14.93 -20.42 48.66
CA GLU C 415 -14.87 -21.88 48.61
C GLU C 415 -14.37 -22.47 49.93
N THR D 33 -51.13 -21.02 -25.14
CA THR D 33 -50.53 -19.86 -24.51
C THR D 33 -50.77 -19.89 -23.00
N HIS D 34 -49.68 -19.91 -22.23
CA HIS D 34 -49.75 -20.01 -20.78
C HIS D 34 -49.30 -18.71 -20.15
N VAL D 35 -49.70 -18.46 -18.91
CA VAL D 35 -49.22 -17.32 -18.14
C VAL D 35 -48.79 -17.78 -16.75
N LEU D 36 -47.51 -18.12 -16.59
CA LEU D 36 -46.97 -18.48 -15.30
C LEU D 36 -46.43 -17.24 -14.61
N ARG D 37 -46.63 -17.17 -13.30
CA ARG D 37 -46.29 -15.97 -12.53
C ARG D 37 -45.37 -16.34 -11.38
N PHE D 38 -44.06 -16.19 -11.59
CA PHE D 38 -43.09 -16.43 -10.52
C PHE D 38 -43.09 -15.22 -9.59
N GLY D 39 -43.25 -15.45 -8.30
CA GLY D 39 -43.19 -14.38 -7.34
C GLY D 39 -41.75 -14.02 -6.99
N GLY D 40 -41.61 -12.91 -6.28
CA GLY D 40 -40.31 -12.45 -5.84
C GLY D 40 -40.46 -11.39 -4.78
N ILE D 41 -39.56 -11.41 -3.80
CA ILE D 41 -39.60 -10.52 -2.64
C ILE D 41 -38.19 -9.96 -2.46
N PHE D 42 -37.97 -8.71 -2.87
CA PHE D 42 -36.62 -8.19 -2.97
C PHE D 42 -36.45 -6.96 -2.09
N GLU D 43 -35.24 -6.42 -2.07
CA GLU D 43 -34.91 -5.29 -1.21
C GLU D 43 -35.50 -3.99 -1.77
N TYR D 44 -35.99 -3.14 -0.86
CA TYR D 44 -36.53 -1.83 -1.23
C TYR D 44 -35.47 -0.77 -0.97
N VAL D 45 -34.97 -0.18 -2.05
CA VAL D 45 -34.01 0.92 -1.98
C VAL D 45 -34.72 2.20 -2.39
N GLU D 46 -34.38 3.31 -1.73
CA GLU D 46 -35.09 4.56 -1.99
C GLU D 46 -34.36 5.46 -2.98
N SER D 47 -33.03 5.35 -3.07
CA SER D 47 -32.25 6.29 -3.86
C SER D 47 -31.77 5.71 -5.19
N GLY D 48 -31.07 4.58 -5.16
CA GLY D 48 -30.50 4.01 -6.35
C GLY D 48 -31.50 3.19 -7.15
N PRO D 49 -31.02 2.52 -8.20
CA PRO D 49 -31.88 1.61 -8.95
C PRO D 49 -32.09 0.30 -8.22
N MET D 50 -32.86 -0.59 -8.85
CA MET D 50 -33.18 -1.92 -8.32
C MET D 50 -31.92 -2.74 -8.07
N GLY D 51 -31.98 -3.64 -7.10
CA GLY D 51 -30.81 -4.39 -6.66
C GLY D 51 -30.30 -5.37 -7.68
N ALA D 52 -29.18 -6.02 -7.33
CA ALA D 52 -28.53 -6.95 -8.25
C ALA D 52 -29.34 -8.21 -8.44
N GLU D 53 -30.05 -8.64 -7.40
CA GLU D 53 -30.87 -9.84 -7.52
C GLU D 53 -32.15 -9.57 -8.28
N GLU D 54 -32.72 -8.37 -8.11
CA GLU D 54 -33.97 -8.06 -8.81
C GLU D 54 -33.72 -7.78 -10.28
N LEU D 55 -32.56 -7.22 -10.62
CA LEU D 55 -32.15 -7.13 -12.02
C LEU D 55 -31.98 -8.50 -12.64
N ALA D 56 -31.27 -9.40 -11.95
CA ALA D 56 -31.02 -10.73 -12.48
C ALA D 56 -32.27 -11.57 -12.53
N PHE D 57 -33.25 -11.26 -11.68
CA PHE D 57 -34.54 -11.93 -11.78
C PHE D 57 -35.32 -11.43 -12.99
N ARG D 58 -35.24 -10.12 -13.27
CA ARG D 58 -35.91 -9.58 -14.45
C ARG D 58 -35.16 -9.95 -15.73
N PHE D 59 -33.83 -10.05 -15.64
CA PHE D 59 -33.03 -10.40 -16.82
C PHE D 59 -33.23 -11.87 -17.19
N ALA D 60 -33.50 -12.72 -16.20
CA ALA D 60 -33.70 -14.13 -16.49
C ALA D 60 -35.07 -14.40 -17.08
N VAL D 61 -36.11 -13.73 -16.57
CA VAL D 61 -37.46 -13.91 -17.07
C VAL D 61 -37.58 -13.43 -18.51
N ASN D 62 -36.86 -12.36 -18.84
CA ASN D 62 -36.81 -11.88 -20.22
C ASN D 62 -36.05 -12.85 -21.13
N THR D 63 -35.13 -13.63 -20.55
CA THR D 63 -34.32 -14.54 -21.35
C THR D 63 -35.13 -15.77 -21.79
N ILE D 64 -35.88 -16.38 -20.88
CA ILE D 64 -36.72 -17.52 -21.26
C ILE D 64 -37.88 -17.07 -22.14
N ASN D 65 -38.37 -15.83 -21.98
CA ASN D 65 -39.45 -15.35 -22.83
C ASN D 65 -38.98 -15.09 -24.27
N ARG D 66 -37.70 -14.74 -24.45
CA ARG D 66 -37.16 -14.59 -25.80
C ARG D 66 -36.81 -15.95 -26.39
N ASN D 67 -36.06 -16.76 -25.65
CA ASN D 67 -35.54 -18.02 -26.14
C ASN D 67 -36.67 -19.04 -26.29
N ARG D 68 -36.56 -19.90 -27.32
CA ARG D 68 -37.74 -20.61 -27.81
C ARG D 68 -37.74 -22.09 -27.45
N THR D 69 -36.57 -22.73 -27.36
CA THR D 69 -36.52 -24.16 -27.07
C THR D 69 -36.92 -24.44 -25.62
N LEU D 70 -36.43 -23.64 -24.68
CA LEU D 70 -36.84 -23.73 -23.28
C LEU D 70 -38.18 -23.02 -23.13
N LEU D 71 -39.19 -23.77 -22.67
CA LEU D 71 -40.58 -23.36 -22.52
C LEU D 71 -41.18 -22.76 -23.79
N PRO D 72 -41.50 -23.56 -24.80
CA PRO D 72 -42.26 -23.01 -25.94
C PRO D 72 -43.69 -22.69 -25.55
N ASN D 73 -44.21 -21.58 -26.11
CA ASN D 73 -45.61 -21.15 -26.06
C ASN D 73 -46.08 -20.69 -24.68
N THR D 74 -45.19 -20.62 -23.69
CA THR D 74 -45.55 -20.05 -22.40
C THR D 74 -44.91 -18.68 -22.26
N THR D 75 -45.45 -17.85 -21.36
CA THR D 75 -44.92 -16.52 -21.09
C THR D 75 -44.79 -16.34 -19.59
N LEU D 76 -43.57 -16.49 -19.07
CA LEU D 76 -43.28 -16.20 -17.67
C LEU D 76 -43.47 -14.72 -17.38
N THR D 77 -44.34 -14.40 -16.42
CA THR D 77 -44.44 -13.05 -15.90
C THR D 77 -44.01 -13.07 -14.44
N TYR D 78 -43.87 -11.89 -13.85
CA TYR D 78 -43.34 -11.81 -12.50
C TYR D 78 -44.21 -10.89 -11.65
N ASP D 79 -44.03 -11.01 -10.33
CA ASP D 79 -44.82 -10.26 -9.35
C ASP D 79 -43.94 -9.73 -8.23
N THR D 80 -42.86 -9.05 -8.56
CA THR D 80 -41.86 -8.62 -7.59
C THR D 80 -42.40 -7.61 -6.58
N GLN D 81 -42.24 -7.92 -5.30
CA GLN D 81 -42.59 -7.03 -4.20
C GLN D 81 -41.31 -6.62 -3.50
N LYS D 82 -41.34 -5.48 -2.84
CA LYS D 82 -40.15 -4.93 -2.18
C LYS D 82 -40.39 -4.78 -0.69
N ILE D 83 -39.44 -5.28 0.11
CA ILE D 83 -39.53 -5.24 1.57
C ILE D 83 -38.27 -4.63 2.16
N ASN D 84 -38.18 -4.61 3.49
CA ASN D 84 -37.07 -4.03 4.22
C ASN D 84 -35.97 -5.03 4.50
N LEU D 85 -36.26 -6.33 4.32
CA LEU D 85 -35.41 -7.52 4.49
C LEU D 85 -35.13 -7.85 5.95
N TYR D 86 -35.52 -6.98 6.87
CA TYR D 86 -35.31 -7.17 8.29
C TYR D 86 -36.63 -7.15 9.04
N ASP D 87 -37.71 -7.44 8.35
CA ASP D 87 -39.07 -7.32 8.88
C ASP D 87 -39.81 -8.59 8.46
N SER D 88 -39.92 -9.55 9.38
CA SER D 88 -40.59 -10.81 9.08
C SER D 88 -42.09 -10.62 8.94
N PHE D 89 -42.63 -9.53 9.50
CA PHE D 89 -44.03 -9.23 9.33
C PHE D 89 -44.32 -8.69 7.93
N GLU D 90 -43.45 -7.81 7.43
CA GLU D 90 -43.64 -7.24 6.11
C GLU D 90 -43.38 -8.28 5.02
N ALA D 91 -42.43 -9.18 5.26
CA ALA D 91 -42.15 -10.27 4.33
C ALA D 91 -43.29 -11.27 4.29
N SER D 92 -44.01 -11.42 5.40
CA SER D 92 -45.12 -12.36 5.44
C SER D 92 -46.37 -11.78 4.81
N LYS D 93 -46.50 -10.45 4.81
CA LYS D 93 -47.64 -9.83 4.14
C LYS D 93 -47.49 -9.89 2.63
N LYS D 94 -46.27 -9.62 2.14
CA LYS D 94 -46.04 -9.66 0.70
C LYS D 94 -46.07 -11.09 0.18
N ALA D 95 -45.74 -12.06 1.01
CA ALA D 95 -45.85 -13.46 0.61
C ALA D 95 -47.29 -13.92 0.53
N CYS D 96 -48.16 -13.40 1.41
CA CYS D 96 -49.58 -13.73 1.31
C CYS D 96 -50.28 -12.92 0.21
N ASP D 97 -49.71 -11.77 -0.18
CA ASP D 97 -50.26 -11.04 -1.32
C ASP D 97 -49.96 -11.77 -2.62
N GLN D 98 -48.75 -12.30 -2.76
CA GLN D 98 -48.37 -13.04 -3.96
C GLN D 98 -49.13 -14.36 -4.05
N LEU D 99 -49.44 -14.96 -2.90
CA LEU D 99 -50.26 -16.17 -2.92
C LEU D 99 -51.72 -15.84 -3.23
N SER D 100 -52.18 -14.64 -2.88
CA SER D 100 -53.54 -14.24 -3.18
C SER D 100 -53.71 -13.94 -4.66
N LEU D 101 -52.79 -13.16 -5.23
CA LEU D 101 -52.75 -12.97 -6.68
C LEU D 101 -52.47 -14.28 -7.39
N GLY D 102 -51.61 -15.12 -6.81
CA GLY D 102 -51.37 -16.43 -7.36
C GLY D 102 -50.00 -16.56 -7.98
N VAL D 103 -49.11 -17.29 -7.31
CA VAL D 103 -47.79 -17.56 -7.85
C VAL D 103 -47.56 -19.06 -7.92
N ALA D 104 -46.48 -19.46 -8.61
CA ALA D 104 -46.09 -20.86 -8.71
C ALA D 104 -44.78 -21.12 -7.97
N ALA D 105 -44.12 -20.06 -7.52
CA ALA D 105 -42.89 -20.12 -6.74
C ALA D 105 -42.61 -18.76 -6.12
N ILE D 106 -41.80 -18.71 -5.07
CA ILE D 106 -41.35 -17.45 -4.49
C ILE D 106 -39.83 -17.49 -4.40
N PHE D 107 -39.16 -16.52 -5.02
CA PHE D 107 -37.72 -16.55 -5.18
C PHE D 107 -37.03 -15.78 -4.06
N GLY D 108 -37.41 -16.11 -2.81
CA GLY D 108 -36.65 -15.77 -1.64
C GLY D 108 -36.73 -14.32 -1.20
N PRO D 109 -36.76 -14.09 0.10
CA PRO D 109 -36.59 -12.74 0.63
C PRO D 109 -35.12 -12.38 0.77
N SER D 110 -34.27 -13.42 0.76
CA SER D 110 -32.81 -13.33 0.68
C SER D 110 -32.17 -12.76 1.94
N HIS D 111 -32.89 -12.79 3.07
CA HIS D 111 -32.27 -12.53 4.37
C HIS D 111 -32.84 -13.51 5.39
N SER D 112 -31.98 -13.93 6.32
CA SER D 112 -32.24 -15.05 7.22
C SER D 112 -33.48 -14.90 8.10
N SER D 113 -33.72 -13.70 8.61
CA SER D 113 -34.92 -13.48 9.44
C SER D 113 -36.17 -13.47 8.59
N SER D 114 -36.08 -12.93 7.37
CA SER D 114 -37.25 -12.82 6.51
C SER D 114 -37.50 -14.11 5.75
N ALA D 115 -36.45 -14.90 5.48
CA ALA D 115 -36.61 -16.11 4.68
C ALA D 115 -37.27 -17.21 5.48
N ASN D 116 -37.01 -17.28 6.79
CA ASN D 116 -37.61 -18.31 7.62
C ASN D 116 -39.11 -18.10 7.81
N ALA D 117 -39.57 -16.85 7.72
CA ALA D 117 -40.99 -16.57 7.82
C ALA D 117 -41.72 -16.97 6.54
N VAL D 118 -41.11 -16.69 5.39
CA VAL D 118 -41.75 -16.99 4.10
C VAL D 118 -41.61 -18.46 3.74
N GLN D 119 -40.58 -19.13 4.27
CA GLN D 119 -40.44 -20.58 4.09
C GLN D 119 -41.61 -21.33 4.72
N SER D 120 -42.06 -20.89 5.90
CA SER D 120 -43.13 -21.60 6.58
C SER D 120 -44.49 -21.30 5.96
N ILE D 121 -44.63 -20.13 5.34
CA ILE D 121 -45.84 -19.83 4.56
C ILE D 121 -45.90 -20.72 3.33
N CYS D 122 -44.78 -20.86 2.64
CA CYS D 122 -44.72 -21.66 1.42
C CYS D 122 -44.83 -23.15 1.73
N ASN D 123 -44.38 -23.57 2.91
CA ASN D 123 -44.58 -24.96 3.32
C ASN D 123 -46.04 -25.27 3.62
N ALA D 124 -46.77 -24.34 4.21
CA ALA D 124 -48.16 -24.59 4.60
C ALA D 124 -49.13 -24.46 3.44
N LEU D 125 -48.81 -23.65 2.44
CA LEU D 125 -49.71 -23.41 1.32
C LEU D 125 -49.29 -24.13 0.05
N GLY D 126 -48.31 -25.02 0.11
CA GLY D 126 -48.00 -25.85 -1.03
C GLY D 126 -46.94 -25.35 -1.99
N VAL D 127 -46.99 -24.06 -2.31
CA VAL D 127 -46.16 -23.39 -3.31
C VAL D 127 -44.68 -23.47 -2.95
N PRO D 128 -43.79 -23.81 -3.89
CA PRO D 128 -42.35 -23.87 -3.59
C PRO D 128 -41.76 -22.52 -3.21
N HIS D 129 -40.64 -22.59 -2.51
CA HIS D 129 -39.88 -21.42 -2.09
C HIS D 129 -38.44 -21.61 -2.54
N ILE D 130 -37.96 -20.73 -3.42
CA ILE D 130 -36.64 -20.87 -4.01
C ILE D 130 -35.70 -19.91 -3.32
N GLN D 131 -34.63 -20.43 -2.73
CA GLN D 131 -33.68 -19.64 -1.98
C GLN D 131 -32.38 -19.55 -2.76
N THR D 132 -31.74 -18.37 -2.70
CA THR D 132 -30.48 -18.18 -3.42
C THR D 132 -29.40 -17.66 -2.49
N ARG D 133 -29.63 -17.70 -1.18
CA ARG D 133 -28.65 -17.27 -0.20
C ARG D 133 -28.70 -18.21 0.99
N TRP D 134 -27.57 -18.28 1.70
CA TRP D 134 -27.43 -19.19 2.83
C TRP D 134 -28.17 -18.63 4.03
N LYS D 135 -28.80 -19.51 4.79
CA LYS D 135 -29.37 -19.17 6.08
C LYS D 135 -29.27 -20.38 6.98
N HIS D 136 -29.35 -20.16 8.29
CA HIS D 136 -29.28 -21.26 9.24
C HIS D 136 -30.55 -22.09 9.19
N GLN D 137 -30.42 -23.32 8.71
CA GLN D 137 -31.50 -24.32 8.81
C GLN D 137 -31.40 -24.95 10.19
N VAL D 138 -32.37 -24.65 11.05
CA VAL D 138 -32.44 -25.29 12.37
C VAL D 138 -32.75 -26.77 12.16
N SER D 139 -32.22 -27.61 13.05
CA SER D 139 -32.16 -29.05 12.77
C SER D 139 -33.51 -29.73 12.91
N ASP D 140 -34.40 -29.21 13.74
CA ASP D 140 -35.71 -29.83 13.93
C ASP D 140 -36.80 -29.08 13.17
N ASN D 141 -36.48 -28.56 11.99
CA ASN D 141 -37.45 -27.93 11.13
C ASN D 141 -37.87 -28.93 10.06
N LYS D 142 -39.13 -29.34 10.10
CA LYS D 142 -39.65 -30.33 9.17
C LYS D 142 -40.32 -29.66 7.97
N ASP D 143 -39.54 -28.83 7.26
CA ASP D 143 -40.01 -28.14 6.06
C ASP D 143 -39.51 -28.86 4.83
N SER D 144 -40.42 -29.12 3.89
CA SER D 144 -40.08 -29.82 2.66
C SER D 144 -39.98 -28.86 1.47
N PHE D 145 -40.92 -27.92 1.38
CA PHE D 145 -41.06 -27.10 0.19
C PHE D 145 -40.08 -25.94 0.17
N TYR D 146 -38.77 -26.24 0.05
CA TYR D 146 -37.75 -25.23 -0.17
C TYR D 146 -36.52 -25.87 -0.79
N VAL D 147 -35.86 -25.17 -1.71
CA VAL D 147 -34.53 -25.52 -2.18
C VAL D 147 -33.66 -24.29 -2.14
N SER D 148 -32.40 -24.47 -1.76
CA SER D 148 -31.43 -23.39 -1.78
C SER D 148 -30.42 -23.64 -2.89
N LEU D 149 -30.10 -22.59 -3.64
CA LEU D 149 -29.12 -22.72 -4.70
C LEU D 149 -27.77 -22.15 -4.30
N TYR D 150 -27.65 -21.63 -3.08
CA TYR D 150 -26.36 -21.15 -2.63
C TYR D 150 -25.55 -22.37 -2.22
N PRO D 151 -24.26 -22.44 -2.57
CA PRO D 151 -23.43 -23.58 -2.14
C PRO D 151 -23.33 -23.71 -0.64
N ASP D 152 -23.65 -24.89 -0.13
CA ASP D 152 -23.77 -25.11 1.31
C ASP D 152 -22.40 -24.96 1.96
N PHE D 153 -22.40 -24.31 3.13
CA PHE D 153 -21.17 -24.18 3.91
C PHE D 153 -20.80 -25.45 4.66
N SER D 154 -21.60 -26.50 4.57
CA SER D 154 -21.10 -27.82 4.94
C SER D 154 -20.05 -28.27 3.94
N SER D 155 -20.27 -28.00 2.65
CA SER D 155 -19.29 -28.37 1.65
C SER D 155 -18.21 -27.30 1.49
N LEU D 156 -18.57 -26.03 1.64
CA LEU D 156 -17.58 -24.96 1.47
C LEU D 156 -16.60 -24.89 2.62
N SER D 157 -16.94 -25.38 3.80
CA SER D 157 -15.97 -25.40 4.89
C SER D 157 -15.01 -26.56 4.75
N ARG D 158 -15.37 -27.58 3.97
CA ARG D 158 -14.43 -28.65 3.68
C ARG D 158 -13.46 -28.24 2.58
N ALA D 159 -13.93 -27.40 1.65
CA ALA D 159 -13.07 -26.90 0.59
C ALA D 159 -12.01 -25.96 1.15
N ILE D 160 -12.39 -25.14 2.13
CA ILE D 160 -11.43 -24.28 2.80
C ILE D 160 -10.47 -25.11 3.65
N LEU D 161 -10.99 -26.20 4.23
CA LEU D 161 -10.15 -27.06 5.06
C LEU D 161 -9.19 -27.89 4.21
N ASP D 162 -9.53 -28.15 2.96
CA ASP D 162 -8.61 -28.85 2.08
C ASP D 162 -7.46 -27.94 1.65
N LEU D 163 -7.73 -26.64 1.55
CA LEU D 163 -6.67 -25.69 1.20
C LEU D 163 -5.66 -25.51 2.31
N VAL D 164 -6.11 -25.52 3.58
CA VAL D 164 -5.17 -25.31 4.67
C VAL D 164 -4.37 -26.57 4.94
N GLN D 165 -4.81 -27.71 4.39
CA GLN D 165 -3.99 -28.91 4.41
C GLN D 165 -2.97 -28.89 3.29
N PHE D 166 -3.41 -28.52 2.08
CA PHE D 166 -2.55 -28.44 0.90
C PHE D 166 -1.45 -27.42 1.07
N PHE D 167 -1.75 -26.31 1.73
CA PHE D 167 -0.78 -25.25 1.96
C PHE D 167 0.05 -25.49 3.21
N LYS D 168 -0.18 -26.64 3.88
CA LYS D 168 0.58 -27.11 5.04
C LYS D 168 0.52 -26.12 6.21
N TRP D 169 -0.65 -25.53 6.42
CA TRP D 169 -0.80 -24.56 7.48
C TRP D 169 -0.92 -25.26 8.83
N LYS D 170 -0.46 -24.56 9.88
CA LYS D 170 -0.61 -25.04 11.24
C LYS D 170 -0.97 -23.92 12.21
N THR D 171 -1.12 -22.68 11.74
CA THR D 171 -1.36 -21.55 12.62
C THR D 171 -2.47 -20.68 12.00
N VAL D 172 -3.59 -21.31 11.69
CA VAL D 172 -4.71 -20.68 10.99
C VAL D 172 -5.40 -19.67 11.91
N THR D 173 -5.83 -18.54 11.33
CA THR D 173 -6.58 -17.50 12.04
C THR D 173 -7.84 -17.17 11.24
N VAL D 174 -9.00 -17.56 11.76
CA VAL D 174 -10.29 -17.28 11.13
C VAL D 174 -10.77 -15.92 11.60
N VAL D 175 -11.07 -15.03 10.66
CA VAL D 175 -11.65 -13.72 10.96
C VAL D 175 -13.03 -13.66 10.31
N TYR D 176 -14.07 -13.54 11.12
CA TYR D 176 -15.42 -13.41 10.61
C TYR D 176 -15.98 -12.03 10.95
N ASP D 177 -17.19 -11.75 10.49
CA ASP D 177 -17.81 -10.45 10.71
C ASP D 177 -19.05 -10.48 11.59
N ASP D 178 -20.01 -11.36 11.32
CA ASP D 178 -21.19 -11.49 12.15
C ASP D 178 -21.24 -12.87 12.78
N SER D 179 -22.00 -12.99 13.86
CA SER D 179 -22.03 -14.17 14.71
C SER D 179 -22.53 -15.43 14.02
N THR D 180 -23.21 -15.29 12.87
CA THR D 180 -23.63 -16.44 12.09
C THR D 180 -22.48 -17.07 11.32
N GLY D 181 -21.33 -16.40 11.26
CA GLY D 181 -20.18 -16.95 10.56
C GLY D 181 -19.54 -18.11 11.28
N LEU D 182 -19.85 -18.27 12.56
CA LEU D 182 -19.41 -19.44 13.30
C LEU D 182 -20.15 -20.70 12.83
N ILE D 183 -21.43 -20.55 12.51
CA ILE D 183 -22.25 -21.64 12.01
C ILE D 183 -21.79 -22.02 10.60
N ARG D 184 -21.40 -21.01 9.82
CA ARG D 184 -20.90 -21.23 8.47
C ARG D 184 -19.61 -22.04 8.48
N LEU D 185 -18.64 -21.64 9.30
CA LEU D 185 -17.33 -22.27 9.30
C LEU D 185 -17.15 -23.21 10.48
N GLN D 186 -18.20 -23.94 10.85
CA GLN D 186 -18.11 -24.76 12.06
C GLN D 186 -17.28 -26.01 11.83
N GLU D 187 -17.22 -26.51 10.60
CA GLU D 187 -16.36 -27.68 10.34
C GLU D 187 -14.90 -27.29 10.27
N LEU D 188 -14.63 -26.00 10.05
CA LEU D 188 -13.27 -25.49 10.10
C LEU D 188 -12.84 -25.26 11.55
N ILE D 189 -13.79 -24.91 12.42
CA ILE D 189 -13.48 -24.66 13.83
C ILE D 189 -13.29 -25.96 14.59
N LYS D 190 -14.04 -27.00 14.21
CA LYS D 190 -13.90 -28.31 14.84
C LYS D 190 -12.72 -29.11 14.29
N ALA D 191 -11.96 -28.54 13.35
CA ALA D 191 -10.83 -29.24 12.71
C ALA D 191 -9.62 -29.52 13.59
N PRO D 192 -9.20 -28.66 14.59
CA PRO D 192 -8.09 -29.08 15.47
C PRO D 192 -8.35 -30.27 16.38
N SER D 193 -9.57 -30.82 16.38
CA SER D 193 -9.85 -32.02 17.16
C SER D 193 -9.71 -33.26 16.30
N ARG D 194 -9.34 -33.09 15.03
CA ARG D 194 -9.08 -34.21 14.14
C ARG D 194 -7.84 -34.00 13.28
N TYR D 195 -7.19 -32.84 13.40
CA TYR D 195 -5.93 -32.58 12.73
C TYR D 195 -5.02 -31.77 13.64
N ASN D 196 -3.95 -31.21 13.10
CA ASN D 196 -2.98 -30.46 13.90
C ASN D 196 -2.99 -28.96 13.65
N LEU D 197 -4.12 -28.42 13.21
CA LEU D 197 -4.28 -26.97 13.12
C LEU D 197 -4.34 -26.38 14.53
N ARG D 198 -4.10 -25.07 14.62
CA ARG D 198 -4.26 -24.34 15.87
C ARG D 198 -5.00 -23.06 15.53
N LEU D 199 -6.32 -23.12 15.59
CA LEU D 199 -7.19 -22.00 15.26
C LEU D 199 -7.08 -20.86 16.26
N LYS D 200 -7.22 -19.62 15.78
CA LYS D 200 -7.34 -18.45 16.64
C LYS D 200 -8.48 -17.60 16.08
N ILE D 201 -9.69 -17.85 16.58
CA ILE D 201 -10.88 -17.22 16.03
C ILE D 201 -10.93 -15.75 16.46
N ARG D 202 -11.11 -14.87 15.48
CA ARG D 202 -11.22 -13.44 15.73
C ARG D 202 -12.46 -12.91 15.02
N GLN D 203 -12.87 -11.70 15.39
CA GLN D 203 -14.06 -11.09 14.81
C GLN D 203 -13.71 -9.67 14.36
N LEU D 204 -14.24 -9.27 13.21
CA LEU D 204 -14.14 -7.89 12.77
C LEU D 204 -14.91 -6.98 13.73
N PRO D 205 -14.55 -5.69 13.82
CA PRO D 205 -15.36 -4.75 14.62
C PRO D 205 -16.80 -4.65 14.15
N ALA D 206 -17.66 -4.22 15.07
CA ALA D 206 -19.12 -4.42 15.04
C ALA D 206 -19.80 -3.96 13.75
N ASP D 207 -19.69 -2.68 13.41
CA ASP D 207 -20.25 -2.20 12.15
C ASP D 207 -19.29 -1.33 11.36
N THR D 208 -18.34 -0.68 12.04
CA THR D 208 -17.44 0.25 11.40
C THR D 208 -16.37 -0.51 10.63
N LYS D 209 -15.80 0.13 9.61
CA LYS D 209 -14.63 -0.42 8.93
C LYS D 209 -13.33 0.10 9.52
N ASP D 210 -13.22 0.00 10.84
CA ASP D 210 -11.98 0.32 11.55
C ASP D 210 -11.35 -0.98 11.98
N ALA D 211 -10.88 -1.78 11.01
CA ALA D 211 -10.26 -3.06 11.31
C ALA D 211 -8.80 -2.93 11.73
N LYS D 212 -8.29 -1.70 11.86
CA LYS D 212 -6.91 -1.50 12.28
C LYS D 212 -6.58 -1.99 13.70
N PRO D 213 -7.45 -1.84 14.73
CA PRO D 213 -7.11 -2.50 16.01
C PRO D 213 -7.15 -4.02 15.96
N LEU D 214 -7.91 -4.60 15.04
CA LEU D 214 -7.84 -6.04 14.82
C LEU D 214 -6.51 -6.43 14.18
N LEU D 215 -6.08 -5.65 13.18
CA LEU D 215 -4.90 -6.03 12.41
C LEU D 215 -3.61 -5.74 13.17
N LYS D 216 -3.67 -4.86 14.19
CA LYS D 216 -2.52 -4.68 15.07
C LYS D 216 -2.28 -5.92 15.91
N GLU D 217 -3.35 -6.55 16.38
CA GLU D 217 -3.22 -7.75 17.21
C GLU D 217 -2.80 -8.95 16.38
N MET D 218 -3.22 -8.98 15.12
CA MET D 218 -2.81 -10.05 14.21
C MET D 218 -1.36 -9.88 13.77
N LYS D 219 -0.89 -8.64 13.67
CA LYS D 219 0.50 -8.39 13.28
C LYS D 219 1.44 -8.63 14.45
N ARG D 220 1.05 -8.18 15.65
CA ARG D 220 1.85 -8.43 16.85
C ARG D 220 1.83 -9.90 17.25
N GLY D 221 0.76 -10.61 16.90
CA GLY D 221 0.66 -12.02 17.24
C GLY D 221 1.37 -12.95 16.27
N LYS D 222 1.98 -12.38 15.22
CA LYS D 222 2.71 -13.09 14.17
C LYS D 222 1.82 -14.12 13.48
N GLU D 223 0.67 -13.67 13.01
CA GLU D 223 -0.34 -14.53 12.40
C GLU D 223 -0.33 -14.24 10.90
N PHE D 224 0.33 -15.12 10.14
CA PHE D 224 0.57 -14.91 8.73
C PHE D 224 -0.42 -15.67 7.84
N HIS D 225 -1.30 -16.48 8.44
CA HIS D 225 -2.15 -17.38 7.65
C HIS D 225 -3.59 -17.12 8.11
N VAL D 226 -4.33 -16.34 7.32
CA VAL D 226 -5.60 -15.77 7.75
C VAL D 226 -6.70 -16.24 6.80
N ILE D 227 -7.81 -16.70 7.37
CA ILE D 227 -9.03 -16.97 6.61
C ILE D 227 -10.05 -15.89 6.94
N PHE D 228 -10.54 -15.18 5.94
CA PHE D 228 -11.54 -14.14 6.13
C PHE D 228 -12.91 -14.66 5.72
N ASP D 229 -13.86 -14.63 6.65
CA ASP D 229 -15.27 -14.87 6.34
C ASP D 229 -15.96 -13.52 6.19
N CYS D 230 -16.06 -13.04 4.95
CA CYS D 230 -16.59 -11.71 4.70
C CYS D 230 -17.38 -11.76 3.39
N SER D 231 -18.00 -10.64 3.05
CA SER D 231 -18.47 -10.41 1.69
C SER D 231 -17.40 -9.65 0.92
N HIS D 232 -17.60 -9.52 -0.40
CA HIS D 232 -16.58 -8.88 -1.22
C HIS D 232 -16.55 -7.37 -1.01
N GLU D 233 -17.65 -6.80 -0.50
CA GLU D 233 -17.62 -5.39 -0.11
C GLU D 233 -16.75 -5.18 1.12
N MET D 234 -16.79 -6.13 2.06
CA MET D 234 -15.98 -5.99 3.26
C MET D 234 -14.59 -6.59 3.07
N ALA D 235 -14.42 -7.47 2.09
CA ALA D 235 -13.09 -7.97 1.77
C ALA D 235 -12.24 -6.88 1.16
N ALA D 236 -12.85 -6.02 0.33
CA ALA D 236 -12.13 -4.92 -0.30
C ALA D 236 -11.72 -3.87 0.72
N GLY D 237 -12.53 -3.68 1.76
CA GLY D 237 -12.25 -2.67 2.77
C GLY D 237 -11.08 -3.01 3.67
N ILE D 238 -10.98 -4.29 4.06
CA ILE D 238 -9.92 -4.69 4.97
C ILE D 238 -8.64 -5.00 4.21
N LEU D 239 -8.73 -5.11 2.88
CA LEU D 239 -7.53 -5.30 2.08
C LEU D 239 -6.83 -3.97 1.82
N LYS D 240 -7.59 -2.88 1.81
CA LYS D 240 -6.98 -1.55 1.81
C LYS D 240 -6.29 -1.27 3.14
N GLN D 241 -6.87 -1.77 4.24
CA GLN D 241 -6.29 -1.52 5.55
C GLN D 241 -5.19 -2.52 5.90
N ALA D 242 -5.11 -3.64 5.19
CA ALA D 242 -3.97 -4.53 5.37
C ALA D 242 -2.77 -4.04 4.58
N LEU D 243 -3.02 -3.26 3.53
CA LEU D 243 -1.94 -2.64 2.76
C LEU D 243 -1.27 -1.54 3.56
N ALA D 244 -2.06 -0.74 4.26
CA ALA D 244 -1.54 0.45 4.93
C ALA D 244 -0.92 0.14 6.28
N MET D 245 -0.92 -1.12 6.73
CA MET D 245 -0.41 -1.40 8.06
C MET D 245 0.83 -2.27 8.10
N GLY D 246 0.76 -3.51 7.66
CA GLY D 246 2.03 -4.17 7.47
C GLY D 246 1.97 -5.40 6.62
N MET D 247 0.82 -5.66 6.00
CA MET D 247 0.35 -7.02 5.93
C MET D 247 0.20 -7.54 4.50
N MET D 248 0.30 -6.68 3.50
CA MET D 248 0.40 -7.17 2.14
C MET D 248 1.85 -7.42 1.71
N THR D 249 2.58 -8.25 2.44
CA THR D 249 3.93 -8.65 2.06
C THR D 249 3.94 -10.03 1.44
N GLU D 250 5.13 -10.59 1.23
CA GLU D 250 5.26 -11.97 0.77
C GLU D 250 5.24 -12.96 1.92
N TYR D 251 5.00 -12.51 3.15
CA TYR D 251 4.92 -13.37 4.32
C TYR D 251 3.49 -13.77 4.66
N TYR D 252 2.50 -13.05 4.18
CA TYR D 252 1.11 -13.22 4.57
C TYR D 252 0.34 -13.95 3.48
N HIS D 253 -0.53 -14.87 3.88
CA HIS D 253 -1.38 -15.62 2.99
C HIS D 253 -2.83 -15.51 3.45
N TYR D 254 -3.72 -15.20 2.51
CA TYR D 254 -5.12 -14.87 2.82
C TYR D 254 -6.04 -15.79 2.03
N ILE D 255 -6.73 -16.68 2.71
CA ILE D 255 -7.81 -17.43 2.09
C ILE D 255 -9.11 -16.67 2.31
N PHE D 256 -9.91 -16.56 1.25
CA PHE D 256 -11.18 -15.84 1.34
C PHE D 256 -12.32 -16.82 1.16
N THR D 257 -13.28 -16.75 2.08
CA THR D 257 -14.46 -17.62 2.07
C THR D 257 -15.45 -17.22 0.99
N THR D 258 -15.48 -15.94 0.61
CA THR D 258 -16.43 -15.44 -0.37
C THR D 258 -16.13 -15.98 -1.76
N LEU D 259 -17.19 -16.15 -2.55
CA LEU D 259 -17.10 -16.68 -3.91
C LEU D 259 -16.99 -15.57 -4.94
N ASP D 260 -16.81 -14.33 -4.49
CA ASP D 260 -16.70 -13.17 -5.36
C ASP D 260 -15.33 -12.53 -5.17
N LEU D 261 -14.29 -13.36 -5.09
CA LEU D 261 -12.93 -12.86 -5.05
C LEU D 261 -12.49 -12.32 -6.41
N PHE D 262 -13.11 -12.77 -7.49
CA PHE D 262 -12.81 -12.33 -8.85
C PHE D 262 -13.34 -10.93 -9.14
N ALA D 263 -14.02 -10.31 -8.18
CA ALA D 263 -14.61 -8.98 -8.35
C ALA D 263 -13.89 -7.94 -7.51
N LEU D 264 -12.59 -8.11 -7.33
CA LEU D 264 -11.76 -7.16 -6.59
C LEU D 264 -10.75 -6.53 -7.53
N ASP D 265 -10.64 -5.20 -7.49
CA ASP D 265 -9.58 -4.50 -8.20
C ASP D 265 -8.29 -4.80 -7.44
N VAL D 266 -7.52 -5.74 -7.96
CA VAL D 266 -6.39 -6.31 -7.23
C VAL D 266 -5.10 -5.72 -7.81
N GLU D 267 -5.26 -4.69 -8.64
CA GLU D 267 -4.14 -3.95 -9.21
C GLU D 267 -3.17 -3.36 -8.18
N PRO D 268 -3.60 -2.84 -7.00
CA PRO D 268 -2.58 -2.48 -6.00
C PRO D 268 -1.88 -3.67 -5.35
N TYR D 269 -2.32 -4.89 -5.59
CA TYR D 269 -1.78 -6.02 -4.83
C TYR D 269 -1.12 -7.06 -5.73
N ARG D 270 -1.09 -6.85 -7.05
CA ARG D 270 -0.49 -7.82 -7.96
C ARG D 270 1.01 -7.96 -7.73
N TYR D 271 1.72 -6.83 -7.67
CA TYR D 271 3.16 -6.85 -7.48
C TYR D 271 3.56 -6.92 -6.03
N SER D 272 2.59 -7.03 -5.11
CA SER D 272 2.87 -6.97 -3.68
C SER D 272 3.55 -8.23 -3.16
N GLY D 273 3.64 -9.27 -3.99
CA GLY D 273 4.26 -10.52 -3.58
C GLY D 273 3.39 -11.37 -2.71
N VAL D 274 2.13 -10.97 -2.52
CA VAL D 274 1.25 -11.65 -1.58
C VAL D 274 0.74 -12.93 -2.20
N ASN D 275 0.18 -13.77 -1.36
CA ASN D 275 -0.52 -14.96 -1.78
C ASN D 275 -1.95 -14.82 -1.25
N MET D 276 -2.93 -14.89 -2.16
CA MET D 276 -4.35 -14.61 -1.85
C MET D 276 -5.20 -15.68 -2.55
N THR D 277 -5.54 -16.74 -1.82
CA THR D 277 -6.26 -17.84 -2.42
C THR D 277 -7.75 -17.58 -2.24
N GLY D 278 -8.61 -18.45 -2.77
CA GLY D 278 -10.04 -18.24 -2.72
C GLY D 278 -10.73 -19.24 -3.61
N PHE D 279 -12.01 -18.99 -3.89
CA PHE D 279 -12.80 -19.90 -4.70
C PHE D 279 -13.61 -19.07 -5.69
N ARG D 280 -14.23 -19.76 -6.64
CA ARG D 280 -15.08 -19.14 -7.64
C ARG D 280 -16.00 -20.20 -8.22
N ILE D 281 -17.30 -20.06 -8.01
CA ILE D 281 -18.23 -21.00 -8.63
C ILE D 281 -18.79 -20.43 -9.92
N LEU D 282 -18.71 -19.12 -10.11
CA LEU D 282 -19.14 -18.50 -11.35
C LEU D 282 -18.22 -18.89 -12.49
N ASN D 283 -18.72 -19.73 -13.38
CA ASN D 283 -17.91 -20.46 -14.36
C ASN D 283 -17.62 -19.53 -15.55
N THR D 284 -16.69 -18.59 -15.35
CA THR D 284 -16.42 -17.54 -16.31
C THR D 284 -15.53 -17.99 -17.47
N GLU D 285 -15.17 -19.26 -17.54
CA GLU D 285 -14.28 -19.75 -18.61
C GLU D 285 -15.06 -20.38 -19.76
N ASN D 286 -16.38 -20.41 -19.70
CA ASN D 286 -17.18 -20.83 -20.84
C ASN D 286 -17.45 -19.65 -21.76
N THR D 287 -17.61 -19.94 -23.04
CA THR D 287 -18.00 -18.90 -23.99
C THR D 287 -19.45 -18.49 -23.77
N GLN D 288 -20.30 -19.45 -23.40
CA GLN D 288 -21.71 -19.18 -23.18
C GLN D 288 -21.94 -18.32 -21.94
N VAL D 289 -21.22 -18.61 -20.85
CA VAL D 289 -21.38 -17.84 -19.62
C VAL D 289 -20.78 -16.45 -19.76
N SER D 290 -19.62 -16.35 -20.43
CA SER D 290 -18.97 -15.05 -20.59
C SER D 290 -19.75 -14.16 -21.55
N SER D 291 -20.59 -14.75 -22.41
CA SER D 291 -21.51 -13.97 -23.22
C SER D 291 -22.55 -13.27 -22.35
N ILE D 292 -23.05 -13.96 -21.32
CA ILE D 292 -24.11 -13.42 -20.48
C ILE D 292 -23.54 -12.34 -19.56
N ILE D 293 -22.30 -12.51 -19.10
CA ILE D 293 -21.65 -11.50 -18.28
C ILE D 293 -21.39 -10.23 -19.09
N GLU D 294 -21.07 -10.40 -20.38
CA GLU D 294 -20.91 -9.23 -21.25
C GLU D 294 -22.25 -8.58 -21.55
N LYS D 295 -23.32 -9.37 -21.60
CA LYS D 295 -24.66 -8.79 -21.73
C LYS D 295 -25.06 -8.05 -20.46
N TRP D 296 -24.53 -8.47 -19.32
CA TRP D 296 -24.99 -7.97 -18.02
C TRP D 296 -24.62 -6.51 -17.81
N SER D 297 -23.43 -6.12 -18.26
CA SER D 297 -22.96 -4.75 -18.05
C SER D 297 -23.73 -3.74 -18.90
N MET D 298 -24.39 -4.22 -19.96
CA MET D 298 -25.16 -3.35 -20.86
C MET D 298 -26.39 -2.77 -20.18
N GLU D 299 -27.34 -3.63 -19.79
CA GLU D 299 -28.61 -3.14 -19.23
C GLU D 299 -28.47 -2.61 -17.82
N ARG D 300 -27.40 -2.97 -17.10
CA ARG D 300 -27.23 -2.56 -15.71
C ARG D 300 -26.82 -1.09 -15.61
N LEU D 301 -26.43 -0.50 -16.74
CA LEU D 301 -25.47 0.61 -16.94
C LEU D 301 -25.34 1.63 -15.80
N GLN D 302 -26.47 2.01 -15.20
CA GLN D 302 -26.50 2.90 -14.02
C GLN D 302 -25.79 2.29 -12.82
N ALA D 303 -25.67 3.12 -11.75
CA ALA D 303 -25.03 2.84 -10.46
C ALA D 303 -23.55 2.49 -10.61
N PRO D 304 -22.69 3.45 -10.94
CA PRO D 304 -21.26 3.16 -11.11
C PRO D 304 -20.59 2.90 -9.78
N PRO D 305 -19.54 2.06 -9.75
CA PRO D 305 -18.80 1.84 -8.50
C PRO D 305 -17.92 3.03 -8.12
N LYS D 306 -18.17 3.61 -6.94
CA LYS D 306 -17.42 4.71 -6.36
C LYS D 306 -15.94 4.34 -6.19
N PRO D 307 -15.00 5.30 -6.39
CA PRO D 307 -13.57 4.95 -6.54
C PRO D 307 -12.90 4.31 -5.34
N ASP D 308 -13.14 4.81 -4.13
CA ASP D 308 -12.54 4.20 -2.94
C ASP D 308 -13.37 3.05 -2.38
N SER D 309 -13.77 2.14 -3.28
CA SER D 309 -14.53 0.94 -2.95
C SER D 309 -14.06 -0.21 -3.83
N GLY D 310 -12.76 -0.50 -3.85
CA GLY D 310 -12.06 -1.01 -5.02
C GLY D 310 -12.44 -2.42 -5.46
N LEU D 311 -13.74 -2.60 -5.68
CA LEU D 311 -14.32 -3.65 -6.52
C LEU D 311 -14.07 -3.31 -7.99
N LEU D 312 -14.16 -4.31 -8.87
CA LEU D 312 -14.00 -4.08 -10.30
C LEU D 312 -15.21 -3.34 -10.89
N ASP D 313 -15.16 -3.08 -12.19
CA ASP D 313 -16.17 -2.23 -12.83
C ASP D 313 -17.44 -2.98 -13.20
N GLY D 314 -17.34 -3.98 -14.08
CA GLY D 314 -18.51 -4.67 -14.59
C GLY D 314 -18.50 -6.16 -14.40
N PHE D 315 -19.43 -6.68 -13.59
CA PHE D 315 -19.43 -8.07 -13.19
C PHE D 315 -20.78 -8.48 -12.63
N MET D 316 -21.14 -9.76 -12.79
CA MET D 316 -22.15 -10.38 -11.95
C MET D 316 -21.53 -10.89 -10.67
N THR D 317 -22.10 -10.49 -9.54
CA THR D 317 -21.85 -11.16 -8.27
C THR D 317 -22.39 -12.58 -8.33
N THR D 318 -21.92 -13.44 -7.42
CA THR D 318 -22.50 -14.77 -7.32
C THR D 318 -23.89 -14.72 -6.68
N ASP D 319 -24.24 -13.59 -6.06
CA ASP D 319 -25.59 -13.38 -5.56
C ASP D 319 -26.57 -13.29 -6.72
N ALA D 320 -26.23 -12.50 -7.74
CA ALA D 320 -27.11 -12.35 -8.90
C ALA D 320 -26.98 -13.52 -9.86
N ALA D 321 -25.85 -14.24 -9.82
CA ALA D 321 -25.66 -15.38 -10.70
C ALA D 321 -26.54 -16.55 -10.28
N LEU D 322 -26.81 -16.67 -8.99
CA LEU D 322 -27.67 -17.74 -8.50
C LEU D 322 -29.14 -17.40 -8.68
N MET D 323 -29.48 -16.12 -8.79
CA MET D 323 -30.86 -15.74 -9.08
C MET D 323 -31.17 -15.88 -10.57
N TYR D 324 -30.16 -15.68 -11.42
CA TYR D 324 -30.31 -15.99 -12.84
C TYR D 324 -30.47 -17.49 -13.05
N ASP D 325 -29.77 -18.28 -12.24
CA ASP D 325 -29.86 -19.73 -12.34
C ASP D 325 -31.17 -20.26 -11.77
N ALA D 326 -31.69 -19.63 -10.72
CA ALA D 326 -32.86 -20.15 -10.01
C ALA D 326 -34.11 -20.09 -10.88
N VAL D 327 -34.19 -19.11 -11.77
CA VAL D 327 -35.31 -19.04 -12.70
C VAL D 327 -35.20 -20.15 -13.73
N HIS D 328 -33.97 -20.54 -14.07
CA HIS D 328 -33.78 -21.56 -15.10
C HIS D 328 -33.99 -22.97 -14.55
N VAL D 329 -33.60 -23.22 -13.30
CA VAL D 329 -33.76 -24.55 -12.72
C VAL D 329 -35.23 -24.86 -12.49
N VAL D 330 -36.00 -23.85 -12.08
CA VAL D 330 -37.45 -24.00 -11.99
C VAL D 330 -38.06 -24.10 -13.40
N SER D 331 -37.41 -23.49 -14.39
CA SER D 331 -37.89 -23.58 -15.76
C SER D 331 -37.70 -24.98 -16.34
N VAL D 332 -36.69 -25.73 -15.85
CA VAL D 332 -36.55 -27.13 -16.24
C VAL D 332 -37.73 -27.94 -15.70
N ALA D 333 -38.21 -27.57 -14.52
CA ALA D 333 -39.32 -28.30 -13.90
C ALA D 333 -40.65 -28.02 -14.57
N VAL D 334 -40.86 -26.80 -15.07
CA VAL D 334 -42.13 -26.50 -15.72
C VAL D 334 -42.17 -26.98 -17.16
N GLN D 335 -41.01 -27.23 -17.78
CA GLN D 335 -40.99 -27.86 -19.09
C GLN D 335 -41.39 -29.33 -19.00
N GLN D 336 -41.08 -29.97 -17.88
CA GLN D 336 -41.44 -31.36 -17.63
C GLN D 336 -42.82 -31.48 -17.00
N PHE D 337 -43.59 -30.40 -16.98
CA PHE D 337 -44.90 -30.36 -16.33
C PHE D 337 -45.77 -29.32 -17.02
N PRO D 338 -46.37 -29.64 -18.17
CA PRO D 338 -47.04 -28.60 -18.96
C PRO D 338 -48.45 -28.24 -18.48
N GLN D 339 -49.12 -29.09 -17.71
CA GLN D 339 -50.52 -28.85 -17.37
C GLN D 339 -50.71 -27.97 -16.14
N MET D 340 -49.66 -27.27 -15.71
CA MET D 340 -49.71 -26.41 -14.53
C MET D 340 -50.66 -25.23 -14.73
N THR D 341 -51.57 -25.05 -13.77
CA THR D 341 -52.44 -23.88 -13.72
C THR D 341 -52.25 -23.21 -12.38
N VAL D 342 -51.96 -21.92 -12.41
CA VAL D 342 -51.70 -21.14 -11.21
C VAL D 342 -53.01 -20.91 -10.46
N SER D 343 -53.02 -21.19 -9.16
CA SER D 343 -54.20 -21.06 -8.33
C SER D 343 -54.01 -19.92 -7.33
N SER D 344 -55.13 -19.43 -6.81
CA SER D 344 -55.14 -18.32 -5.86
C SER D 344 -55.34 -18.87 -4.45
N LEU D 345 -54.23 -19.11 -3.77
CA LEU D 345 -54.27 -19.68 -2.42
C LEU D 345 -54.51 -18.57 -1.39
N GLN D 346 -54.98 -18.97 -0.22
CA GLN D 346 -55.32 -18.04 0.84
C GLN D 346 -54.62 -18.45 2.12
N CYS D 347 -54.10 -17.46 2.87
CA CYS D 347 -53.30 -17.74 4.05
C CYS D 347 -54.12 -18.08 5.29
N ASN D 348 -55.18 -17.31 5.60
CA ASN D 348 -55.97 -17.60 6.79
C ASN D 348 -56.94 -18.75 6.60
N ARG D 349 -57.01 -19.31 5.38
CA ARG D 349 -57.76 -20.53 5.11
C ARG D 349 -56.84 -21.55 4.45
N HIS D 350 -55.66 -21.75 5.04
CA HIS D 350 -54.52 -22.40 4.38
C HIS D 350 -54.79 -23.84 3.98
N LYS D 351 -54.77 -24.08 2.68
CA LYS D 351 -54.95 -25.39 2.07
C LYS D 351 -53.83 -25.55 1.06
N PRO D 352 -53.19 -26.73 0.96
CA PRO D 352 -52.06 -26.88 0.03
C PRO D 352 -52.46 -26.77 -1.44
N TRP D 353 -51.54 -26.30 -2.26
CA TRP D 353 -51.76 -26.13 -3.69
C TRP D 353 -51.76 -27.49 -4.34
N ARG D 354 -52.57 -27.64 -5.40
CA ARG D 354 -52.95 -28.95 -5.92
C ARG D 354 -51.75 -29.68 -6.52
N PHE D 355 -50.90 -28.96 -7.24
CA PHE D 355 -49.70 -29.55 -7.83
C PHE D 355 -48.43 -29.19 -7.07
N GLY D 356 -48.54 -28.76 -5.82
CA GLY D 356 -47.35 -28.34 -5.08
C GLY D 356 -46.44 -29.49 -4.71
N THR D 357 -47.00 -30.68 -4.57
CA THR D 357 -46.19 -31.83 -4.14
C THR D 357 -45.39 -32.40 -5.31
N ARG D 358 -45.99 -32.47 -6.49
CA ARG D 358 -45.29 -33.02 -7.65
C ARG D 358 -44.27 -32.04 -8.21
N PHE D 359 -44.65 -30.75 -8.31
CA PHE D 359 -43.77 -29.74 -8.89
C PHE D 359 -42.56 -29.48 -8.02
N MET D 360 -42.69 -29.67 -6.71
CA MET D 360 -41.53 -29.57 -5.83
C MET D 360 -40.57 -30.73 -6.06
N SER D 361 -41.10 -31.91 -6.39
CA SER D 361 -40.26 -33.06 -6.67
C SER D 361 -39.52 -32.89 -8.00
N LEU D 362 -40.08 -32.12 -8.92
CA LEU D 362 -39.41 -31.89 -10.19
C LEU D 362 -38.29 -30.86 -10.05
N ILE D 363 -38.43 -29.92 -9.12
CA ILE D 363 -37.36 -28.96 -8.85
C ILE D 363 -36.19 -29.64 -8.16
N LYS D 364 -36.45 -30.57 -7.24
CA LYS D 364 -35.40 -31.32 -6.58
C LYS D 364 -34.77 -32.39 -7.45
N GLU D 365 -35.33 -32.64 -8.64
CA GLU D 365 -34.73 -33.56 -9.59
C GLU D 365 -34.22 -32.87 -10.84
N ALA D 366 -34.14 -31.54 -10.82
CA ALA D 366 -33.74 -30.78 -11.99
C ALA D 366 -32.23 -30.70 -12.09
N HIS D 367 -31.72 -30.80 -13.31
CA HIS D 367 -30.31 -30.62 -13.60
C HIS D 367 -30.16 -29.49 -14.60
N TRP D 368 -29.14 -28.65 -14.39
CA TRP D 368 -28.96 -27.48 -15.22
C TRP D 368 -27.48 -27.11 -15.22
N GLU D 369 -27.01 -26.61 -16.36
CA GLU D 369 -25.64 -26.13 -16.54
C GLU D 369 -25.74 -24.62 -16.67
N GLY D 370 -25.73 -23.92 -15.54
CA GLY D 370 -25.94 -22.49 -15.52
C GLY D 370 -24.66 -21.71 -15.42
N LEU D 371 -24.77 -20.49 -14.91
CA LEU D 371 -23.61 -19.62 -14.71
C LEU D 371 -22.68 -20.19 -13.66
N THR D 372 -23.23 -20.89 -12.66
CA THR D 372 -22.48 -21.35 -11.51
C THR D 372 -22.17 -22.84 -11.59
N GLY D 373 -22.03 -23.39 -12.79
CA GLY D 373 -21.66 -24.78 -12.94
C GLY D 373 -22.86 -25.70 -13.06
N ARG D 374 -22.70 -26.93 -12.59
CA ARG D 374 -23.79 -27.89 -12.56
C ARG D 374 -24.68 -27.61 -11.35
N ILE D 375 -25.99 -27.71 -11.54
CA ILE D 375 -26.93 -27.45 -10.46
C ILE D 375 -27.74 -28.72 -10.19
N THR D 376 -27.28 -29.52 -9.25
CA THR D 376 -28.05 -30.65 -8.75
C THR D 376 -28.25 -30.48 -7.25
N PHE D 377 -29.38 -30.97 -6.76
CA PHE D 377 -29.75 -30.71 -5.37
C PHE D 377 -29.52 -31.94 -4.51
N ASN D 378 -29.57 -31.72 -3.20
CA ASN D 378 -29.32 -32.74 -2.18
C ASN D 378 -30.65 -33.36 -1.75
N LYS D 379 -31.02 -34.52 -2.33
CA LYS D 379 -32.31 -35.20 -2.20
C LYS D 379 -32.87 -35.26 -0.78
N THR D 380 -31.99 -35.43 0.22
CA THR D 380 -32.40 -35.49 1.62
C THR D 380 -33.05 -34.18 2.08
N ASN D 381 -32.33 -33.06 1.98
CA ASN D 381 -32.79 -31.80 2.57
C ASN D 381 -33.17 -30.76 1.52
N GLY D 382 -32.33 -30.57 0.50
CA GLY D 382 -32.69 -29.63 -0.55
C GLY D 382 -31.65 -28.58 -0.85
N LEU D 383 -30.40 -28.86 -0.51
CA LEU D 383 -29.31 -27.90 -0.56
C LEU D 383 -28.44 -28.19 -1.77
N ARG D 384 -27.46 -27.33 -2.04
CA ARG D 384 -26.41 -27.67 -3.01
C ARG D 384 -25.14 -28.02 -2.26
N THR D 385 -24.94 -29.32 -2.04
CA THR D 385 -23.67 -29.83 -1.54
C THR D 385 -22.83 -30.47 -2.62
N ASP D 386 -23.33 -30.58 -3.84
CA ASP D 386 -22.59 -31.13 -4.97
C ASP D 386 -22.46 -30.05 -6.02
N PHE D 387 -21.29 -29.44 -6.08
CA PHE D 387 -21.01 -28.33 -6.99
C PHE D 387 -19.55 -28.34 -7.36
N ASP D 388 -19.18 -27.50 -8.32
CA ASP D 388 -17.82 -27.49 -8.87
C ASP D 388 -17.22 -26.10 -8.65
N LEU D 389 -16.21 -26.03 -7.80
CA LEU D 389 -15.54 -24.77 -7.54
C LEU D 389 -14.32 -24.64 -8.44
N ASP D 390 -13.68 -23.47 -8.42
CA ASP D 390 -12.45 -23.23 -9.17
C ASP D 390 -11.54 -22.46 -8.23
N VAL D 391 -10.48 -23.11 -7.73
CA VAL D 391 -9.57 -22.46 -6.82
C VAL D 391 -8.77 -21.41 -7.57
N ILE D 392 -8.86 -20.15 -7.12
CA ILE D 392 -8.15 -19.06 -7.78
C ILE D 392 -7.18 -18.44 -6.78
N SER D 393 -6.01 -18.04 -7.26
CA SER D 393 -5.01 -17.38 -6.44
C SER D 393 -4.52 -16.13 -7.14
N LEU D 394 -3.77 -15.32 -6.40
CA LEU D 394 -3.23 -14.07 -6.93
C LEU D 394 -1.79 -14.31 -7.39
N LYS D 395 -1.56 -14.15 -8.68
CA LYS D 395 -0.24 -14.22 -9.27
C LYS D 395 0.20 -12.82 -9.65
N GLU D 396 1.42 -12.69 -10.16
CA GLU D 396 1.95 -11.39 -10.57
C GLU D 396 1.18 -10.80 -11.74
N GLU D 397 0.79 -11.65 -12.70
CA GLU D 397 0.02 -11.22 -13.85
C GLU D 397 -1.39 -10.80 -13.48
N GLY D 398 -2.14 -11.66 -12.79
CA GLY D 398 -3.48 -11.34 -12.36
C GLY D 398 -4.00 -12.29 -11.31
N LEU D 399 -5.28 -12.63 -11.37
CA LEU D 399 -5.94 -13.49 -10.41
C LEU D 399 -6.46 -14.71 -11.18
N GLU D 400 -5.77 -15.84 -11.06
CA GLU D 400 -5.88 -16.92 -12.02
C GLU D 400 -6.25 -18.23 -11.35
N LYS D 401 -6.98 -19.07 -12.09
CA LYS D 401 -7.37 -20.40 -11.66
C LYS D 401 -6.17 -21.32 -11.52
N ILE D 402 -5.93 -21.83 -10.31
CA ILE D 402 -4.79 -22.70 -10.07
C ILE D 402 -5.23 -24.10 -9.70
N GLY D 403 -6.52 -24.39 -9.79
CA GLY D 403 -7.00 -25.71 -9.43
C GLY D 403 -8.51 -25.80 -9.53
N THR D 404 -9.03 -26.90 -8.99
CA THR D 404 -10.46 -27.22 -9.03
C THR D 404 -10.81 -27.85 -7.68
N TRP D 405 -12.09 -27.87 -7.34
CA TRP D 405 -12.56 -28.61 -6.17
C TRP D 405 -13.88 -29.29 -6.52
N ASP D 406 -14.15 -30.43 -5.89
CA ASP D 406 -15.28 -31.28 -6.21
C ASP D 406 -15.43 -32.14 -4.96
N PRO D 407 -16.64 -32.23 -4.37
CA PRO D 407 -16.83 -33.03 -3.15
C PRO D 407 -16.48 -34.50 -3.29
N ALA D 408 -16.70 -35.07 -4.47
CA ALA D 408 -16.24 -36.42 -4.75
C ALA D 408 -14.71 -36.49 -4.79
N SER D 409 -14.10 -35.83 -5.78
CA SER D 409 -12.66 -35.87 -5.98
C SER D 409 -11.86 -35.23 -4.85
N GLY D 410 -12.03 -33.93 -4.66
CA GLY D 410 -11.20 -33.17 -3.76
C GLY D 410 -10.44 -32.11 -4.55
N LEU D 411 -9.30 -31.69 -4.00
CA LEU D 411 -8.47 -30.71 -4.70
C LEU D 411 -7.66 -31.33 -5.82
N ASN D 412 -8.02 -30.99 -7.06
CA ASN D 412 -7.19 -31.33 -8.21
C ASN D 412 -6.43 -30.07 -8.64
N MET D 413 -5.40 -29.70 -7.89
CA MET D 413 -4.75 -28.41 -8.11
C MET D 413 -3.59 -28.54 -9.08
N THR D 414 -3.86 -28.22 -10.35
CA THR D 414 -2.80 -28.13 -11.35
C THR D 414 -2.07 -26.79 -11.30
N GLU D 415 -1.39 -26.52 -10.19
CA GLU D 415 -0.73 -25.24 -9.96
C GLU D 415 0.51 -25.07 -10.85
C1 NAG E . 24.08 5.14 -30.06
C2 NAG E . 24.63 3.70 -30.13
C3 NAG E . 23.84 2.76 -29.21
C4 NAG E . 23.79 3.30 -27.78
C5 NAG E . 23.17 4.69 -27.80
C6 NAG E . 23.14 5.35 -26.44
C7 NAG E . 25.62 2.70 -32.18
C8 NAG E . 26.93 2.64 -31.45
N2 NAG E . 24.58 3.21 -31.50
O3 NAG E . 24.43 1.47 -29.23
O4 NAG E . 22.97 2.48 -26.97
O5 NAG E . 23.94 5.55 -28.65
O6 NAG E . 24.44 5.74 -26.02
O7 NAG E . 25.50 2.31 -33.33
C1 NAG E . 23.66 1.64 -26.03
C2 NAG E . 22.70 1.30 -24.90
C3 NAG E . 23.37 0.34 -23.93
C4 NAG E . 23.69 -0.94 -24.66
C5 NAG E . 24.64 -0.66 -25.84
C6 NAG E . 24.75 -1.82 -26.80
C7 NAG E . 20.92 2.87 -24.33
C8 NAG E . 20.56 4.12 -23.59
N2 NAG E . 22.20 2.48 -24.23
O3 NAG E . 22.49 0.09 -22.83
O4 NAG E . 24.05 -2.02 -23.78
O5 NAG E . 24.13 0.43 -26.66
O6 NAG E . 23.49 -2.16 -27.35
O7 NAG E . 20.11 2.25 -25.00
C1 BMA E . 25.38 -2.26 -23.26
C2 BMA E . 25.25 -2.89 -21.81
C3 BMA E . 25.74 -4.39 -21.69
C4 BMA E . 26.66 -4.93 -22.84
C5 BMA E . 27.23 -3.80 -23.69
C6 BMA E . 28.00 -4.30 -24.89
O2 BMA E . 23.91 -2.87 -21.36
O3 BMA E . 24.64 -5.27 -21.49
O4 BMA E . 27.71 -5.73 -22.32
O5 BMA E . 26.11 -3.07 -24.17
O6 BMA E . 29.28 -4.72 -24.47
C1 NAG F . 47.07 12.37 -48.63
C2 NAG F . 47.21 11.53 -47.33
C3 NAG F . 46.03 10.57 -47.15
C4 NAG F . 44.75 11.25 -47.60
C5 NAG F . 44.81 11.47 -49.11
C6 NAG F . 44.02 12.66 -49.56
C7 NAG F . 48.98 9.93 -48.10
C8 NAG F . 50.35 9.42 -47.80
N2 NAG F . 48.49 10.85 -47.25
O3 NAG F . 45.93 10.19 -45.78
O4 NAG F . 43.55 10.60 -47.14
O5 NAG F . 46.15 11.70 -49.55
O6 NAG F . 42.69 12.29 -49.90
O7 NAG F . 48.34 9.51 -49.08
C1 NAG F . 42.88 9.58 -47.94
C2 NAG F . 42.11 8.66 -46.99
C3 NAG F . 41.10 7.78 -47.78
C4 NAG F . 41.31 7.75 -49.30
C5 NAG F . 41.59 9.13 -49.91
C6 NAG F . 40.40 9.72 -50.64
C7 NAG F . 42.64 7.30 -45.03
C8 NAG F . 43.68 6.47 -44.34
N2 NAG F . 43.00 7.84 -46.20
O3 NAG F . 39.78 8.22 -47.50
O4 NAG F . 42.32 6.84 -49.75
O5 NAG F . 41.98 10.11 -48.92
O6 NAG F . 39.23 8.91 -50.47
O7 NAG F . 41.53 7.47 -44.54
C1 BMA F . 42.68 5.70 -48.92
C2 BMA F . 42.24 4.36 -49.55
C3 BMA F . 42.62 3.26 -48.55
C4 BMA F . 44.13 3.31 -48.12
C5 BMA F . 44.54 4.76 -47.72
C6 BMA F . 46.04 4.93 -47.53
O2 BMA F . 42.95 4.11 -50.74
O3 BMA F . 42.29 1.96 -49.05
O4 BMA F . 44.35 2.44 -47.03
O5 BMA F . 44.11 5.68 -48.73
O6 BMA F . 46.36 4.59 -46.19
C1 NAG G . 34.89 27.04 4.75
C2 NAG G . 34.49 26.54 6.15
C3 NAG G . 35.39 25.39 6.59
C4 NAG G . 35.37 24.24 5.61
C5 NAG G . 35.80 24.74 4.23
C6 NAG G . 35.60 23.74 3.13
C7 NAG G . 33.61 27.99 7.97
C8 NAG G . 32.36 27.15 7.96
N2 NAG G . 34.57 27.65 7.10
O3 NAG G . 34.97 24.93 7.88
O4 NAG G . 36.28 23.24 6.06
O5 NAG G . 35.02 25.89 3.84
O6 NAG G . 34.67 24.20 2.16
O7 NAG G . 33.75 28.94 8.75
C1 NAG G . 35.78 21.87 6.25
C2 NAG G . 36.88 20.92 5.79
C3 NAG G . 36.41 19.46 5.93
C4 NAG G . 35.84 19.15 7.30
C5 NAG G . 34.87 20.24 7.78
C6 NAG G . 34.52 20.14 9.25
C7 NAG G . 38.52 21.54 4.07
C8 NAG G . 38.75 21.78 2.61
N2 NAG G . 37.28 21.19 4.42
O3 NAG G . 37.52 18.60 5.67
O4 NAG G . 35.08 17.96 7.12
O5 NAG G . 35.42 21.56 7.60
O6 NAG G . 35.60 20.53 10.08
O7 NAG G . 39.42 21.64 4.90
C1 BMA G . 35.10 16.74 7.97
C2 BMA G . 36.11 15.65 7.37
C3 BMA G . 36.44 14.53 8.42
C4 BMA G . 35.53 14.47 9.73
C5 BMA G . 34.80 15.81 10.08
C6 BMA G . 34.73 16.08 11.56
O2 BMA G . 37.35 16.22 6.97
O3 BMA G . 37.82 14.52 8.78
O4 BMA G . 34.58 13.41 9.62
O5 BMA G . 35.42 16.93 9.36
O6 BMA G . 33.94 15.04 12.15
C1 NAG H . 9.92 43.53 9.91
C2 NAG H . 9.07 42.57 10.70
C3 NAG H . 9.59 42.47 12.13
C4 NAG H . 11.09 42.17 12.16
C5 NAG H . 11.87 43.08 11.20
C6 NAG H . 13.31 42.65 10.98
C7 NAG H . 6.66 42.22 10.34
C8 NAG H . 5.30 42.85 10.39
N2 NAG H . 7.69 43.01 10.71
O3 NAG H . 8.87 41.46 12.83
O4 NAG H . 11.56 42.43 13.49
O5 NAG H . 11.26 43.08 9.92
O6 NAG H . 14.16 43.08 12.04
O7 NAG H . 6.83 41.06 9.99
C1 NAG H . 12.18 41.30 14.15
C2 NAG H . 11.17 40.62 15.06
C3 NAG H . 11.83 39.50 15.88
C4 NAG H . 13.16 38.99 15.30
C5 NAG H . 13.29 39.12 13.75
C6 NAG H . 12.69 37.95 13.00
C7 NAG H . 9.28 41.45 16.38
C8 NAG H . 8.77 42.54 17.27
N2 NAG H . 10.53 41.58 15.94
O3 NAG H . 10.92 38.42 16.01
O4 NAG H . 14.26 39.65 15.91
O5 NAG H . 12.70 40.32 13.21
O6 NAG H . 13.60 37.41 12.06
O7 NAG H . 8.58 40.48 16.08
C1 BMA H . 15.00 38.85 16.85
C2 BMA H . 15.95 39.82 17.56
C3 BMA H . 16.76 39.10 18.65
C4 BMA H . 15.89 38.17 19.55
C5 BMA H . 14.89 37.34 18.70
C6 BMA H . 13.86 36.62 19.56
O2 BMA H . 15.22 40.86 18.20
O3 BMA H . 17.45 40.04 19.47
O4 BMA H . 16.74 37.30 20.27
O5 BMA H . 14.18 38.20 17.80
O6 BMA H . 12.89 36.02 18.71
C1 NAG I . -26.44 -2.66 28.30
C2 NAG I . -25.47 -2.78 29.49
C3 NAG I . -24.02 -2.53 29.04
C4 NAG I . -23.63 -3.43 27.88
C5 NAG I . -24.61 -3.17 26.73
C6 NAG I . -24.35 -4.06 25.53
C7 NAG I . -26.07 -2.17 31.82
C8 NAG I . -25.94 -3.62 32.18
N2 NAG I . -25.84 -1.84 30.54
O3 NAG I . -23.14 -2.74 30.15
O4 NAG I . -22.33 -3.09 27.41
O5 NAG I . -25.94 -3.43 27.16
O6 NAG I . -24.80 -5.39 25.77
O7 NAG I . -26.38 -1.32 32.66
C1 NAG I . -21.31 -4.05 27.72
C2 NAG I . -20.18 -3.87 26.73
C3 NAG I . -19.04 -4.81 27.06
C4 NAG I . -18.50 -4.43 28.43
C5 NAG I . -19.60 -4.53 29.49
C6 NAG I . -19.23 -3.86 30.80
C7 NAG I . -20.72 -3.03 24.49
C8 NAG I . -21.21 -3.37 23.12
N2 NAG I . -20.63 -4.05 25.35
O3 NAG I . -18.02 -4.71 26.07
O4 NAG I . -17.24 -5.05 28.73
O5 NAG I . -20.81 -3.85 29.06
O6 NAG I . -19.00 -2.48 30.61
O7 NAG I . -20.42 -1.89 24.81
C1 BMA I . -17.08 -6.37 29.31
C2 BMA I . -15.75 -7.02 28.76
C3 BMA I . -14.60 -7.19 29.83
C4 BMA I . -15.02 -7.14 31.34
C5 BMA I . -16.53 -7.32 31.50
C6 BMA I . -16.99 -7.14 32.94
O2 BMA I . -15.19 -6.23 27.71
O3 BMA I . -13.52 -6.28 29.59
O4 BMA I . -14.34 -8.13 32.09
O5 BMA I . -17.12 -6.27 30.75
O6 BMA I . -16.75 -8.33 33.65
C1 NAG J . -47.91 -11.35 48.04
C2 NAG J . -46.54 -12.06 47.83
C3 NAG J . -45.40 -11.06 47.62
C4 NAG J . -45.88 -9.88 46.78
C5 NAG J . -46.93 -9.11 47.58
C6 NAG J . -47.94 -8.43 46.71
C7 NAG J . -46.11 -12.72 50.22
C8 NAG J . -45.85 -13.89 51.12
N2 NAG J . -46.25 -13.00 48.91
O3 NAG J . -44.31 -11.70 46.98
O4 NAG J . -44.84 -9.09 46.23
O5 NAG J . -47.68 -9.96 48.45
O6 NAG J . -47.54 -7.11 46.38
O7 NAG J . -46.18 -11.57 50.67
C1 NAG J . -44.33 -7.89 46.90
C2 NAG J . -42.90 -7.65 46.42
C3 NAG J . -42.41 -6.23 46.80
C4 NAG J . -43.29 -5.50 47.83
C5 NAG J . -44.80 -5.62 47.54
C6 NAG J . -45.37 -4.38 46.91
C7 NAG J . -40.82 -8.96 46.32
C8 NAG J . -40.00 -10.03 46.98
N2 NAG J . -41.99 -8.67 46.91
O3 NAG J . -42.29 -5.44 45.63
O4 NAG J . -43.05 -5.86 49.20
O5 NAG J . -45.11 -6.71 46.65
O6 NAG J . -44.43 -3.32 46.85
O7 NAG J . -40.44 -8.37 45.31
C1 BMA J . -41.77 -6.43 49.58
C2 BMA J . -40.95 -5.49 50.48
C3 BMA J . -39.60 -6.19 50.76
C4 BMA J . -39.77 -7.64 51.30
C5 BMA J . -40.79 -8.45 50.45
C6 BMA J . -41.19 -9.78 51.08
O2 BMA J . -41.59 -5.32 51.73
O3 BMA J . -38.78 -5.42 51.62
O4 BMA J . -38.52 -8.31 51.30
O5 BMA J . -41.99 -7.67 50.27
O6 BMA J . -40.22 -10.75 50.71
C1 NAG K . -27.15 -35.14 0.76
C2 NAG K . -25.85 -35.56 0.02
C3 NAG K . -24.92 -36.32 0.96
C4 NAG K . -24.60 -35.53 2.22
C5 NAG K . -25.90 -35.18 2.94
C6 NAG K . -25.71 -34.23 4.09
C7 NAG K . -25.72 -36.15 -2.39
C8 NAG K . -24.80 -34.97 -2.57
N2 NAG K . -26.18 -36.37 -1.14
O3 NAG K . -23.72 -36.64 0.26
O4 NAG K . -23.78 -36.34 3.07
O5 NAG K . -26.82 -34.52 2.05
O6 NAG K . -26.45 -33.02 3.90
O7 NAG K . -26.04 -36.87 -3.32
C1 NAG K . -22.48 -35.83 3.53
C2 NAG K . -22.29 -36.30 4.98
C3 NAG K . -20.96 -35.79 5.53
C4 NAG K . -19.78 -36.08 4.62
C5 NAG K . -20.11 -35.72 3.15
C6 NAG K . -19.09 -36.25 2.17
C7 NAG K . -24.08 -36.67 6.60
C8 NAG K . -25.18 -36.02 7.40
N2 NAG K . -23.39 -35.86 5.82
O3 NAG K . -20.74 -36.39 6.81
O4 NAG K . -18.74 -35.22 5.08
O5 NAG K . -21.37 -36.25 2.74
O6 NAG K . -19.23 -37.66 1.99
O7 NAG K . -23.85 -37.87 6.68
C1 BMA K . -17.29 -35.50 5.23
C2 BMA K . -16.94 -35.76 6.79
C3 BMA K . -15.53 -36.42 6.97
C4 BMA K . -14.58 -36.43 5.70
C5 BMA K . -15.31 -36.29 4.33
C6 BMA K . -14.67 -37.13 3.23
O2 BMA K . -17.89 -36.57 7.43
O3 BMA K . -15.63 -37.73 7.52
O4 BMA K . -13.58 -35.41 5.83
O5 BMA K . -16.73 -36.60 4.48
O6 BMA K . -13.34 -36.65 3.05
C1 NAG L . -31.54 -20.83 -25.66
C2 NAG L . -30.12 -20.51 -26.04
C3 NAG L . -29.41 -21.80 -26.51
C4 NAG L . -29.55 -22.92 -25.48
C5 NAG L . -31.00 -23.07 -25.02
C6 NAG L . -31.16 -23.98 -23.80
C7 NAG L . -29.44 -18.33 -26.94
C8 NAG L . -29.49 -17.40 -28.10
N2 NAG L . -30.07 -19.50 -27.09
O3 NAG L . -28.04 -21.52 -26.77
O4 NAG L . -29.17 -24.14 -26.09
O5 NAG L . -31.55 -21.81 -24.64
O6 NAG L . -31.13 -25.35 -24.15
O7 NAG L . -28.86 -18.03 -25.90
C1 NAG L . -28.06 -24.87 -25.47
C2 NAG L . -26.77 -24.51 -26.18
C3 NAG L . -25.60 -25.36 -25.65
C4 NAG L . -25.85 -25.99 -24.28
C5 NAG L . -26.82 -25.21 -23.37
C6 NAG L . -26.14 -24.13 -22.56
C7 NAG L . -26.22 -23.95 -28.50
C8 NAG L . -26.50 -24.23 -29.95
N2 NAG L . -26.92 -24.67 -27.61
O3 NAG L . -24.43 -24.56 -25.62
O4 NAG L . -26.30 -27.34 -24.43
O5 NAG L . -27.92 -24.58 -24.06
O6 NAG L . -26.43 -24.25 -21.18
O7 NAG L . -25.39 -23.11 -28.15
C1 BMA L . -25.31 -28.34 -24.12
C2 BMA L . -25.89 -29.69 -24.58
C3 BMA L . -24.89 -30.82 -24.33
C4 BMA L . -23.45 -30.49 -24.81
C5 BMA L . -23.02 -29.06 -24.37
C6 BMA L . -21.72 -28.64 -25.04
O2 BMA L . -26.15 -29.68 -25.98
O3 BMA L . -25.32 -32.03 -24.93
O4 BMA L . -22.54 -31.44 -24.25
O5 BMA L . -24.04 -28.12 -24.75
O6 BMA L . -21.45 -27.29 -24.72
C1 NAG M . 49.50 -9.94 -14.21
C2 NAG M . 49.19 -10.37 -12.76
C3 NAG M . 49.44 -11.88 -12.61
C4 NAG M . 48.62 -12.67 -13.62
C5 NAG M . 48.89 -12.18 -15.04
C6 NAG M . 47.95 -12.79 -16.06
C7 NAG M . 49.53 -9.16 -10.62
C8 NAG M . 48.07 -9.38 -10.32
N2 NAG M . 49.99 -9.64 -11.79
O3 NAG M . 49.15 -12.31 -11.29
O4 NAG M . 48.95 -14.05 -13.55
O5 NAG M . 48.70 -10.76 -15.13
O6 NAG M . 46.62 -12.31 -15.87
O7 NAG M . 50.26 -8.55 -9.85
C1 NAG N . 40.31 -12.50 -32.44
C2 NAG N . 38.96 -13.02 -32.97
C3 NAG N . 38.91 -12.99 -34.51
C4 NAG N . 40.18 -13.55 -35.17
C5 NAG N . 41.45 -13.13 -34.42
C6 NAG N . 42.53 -12.61 -35.32
C7 NAG N . 37.52 -14.67 -31.86
C8 NAG N . 37.38 -16.08 -31.41
N2 NAG N . 38.67 -14.36 -32.48
O3 NAG N . 38.67 -11.65 -34.94
O4 NAG N . 40.11 -14.96 -35.23
O5 NAG N . 41.12 -12.07 -33.51
O6 NAG N . 42.29 -11.27 -35.73
O7 NAG N . 36.64 -13.84 -31.69
C1 NAG O . 13.45 2.32 12.64
C2 NAG O . 14.45 1.21 12.24
C3 NAG O . 15.23 0.75 13.47
C4 NAG O . 14.28 0.28 14.56
C5 NAG O . 13.25 1.35 14.86
C6 NAG O . 13.28 1.80 16.29
C7 NAG O . 14.20 -0.77 10.70
C8 NAG O . 15.59 -0.55 10.18
N2 NAG O . 13.74 0.08 11.64
O3 NAG O . 16.03 1.83 13.95
O4 NAG O . 13.61 -0.90 14.13
O5 NAG O . 13.50 2.52 14.07
O6 NAG O . 14.38 2.66 16.53
O7 NAG O . 13.50 -1.68 10.27
C1 NAG P . 21.76 18.21 22.99
C2 NAG P . 22.93 18.88 23.82
C3 NAG P . 22.45 19.96 24.79
C4 NAG P . 21.18 20.63 24.30
C5 NAG P . 20.09 19.60 24.46
C6 NAG P . 18.72 20.07 24.02
C7 NAG P . 24.94 17.49 24.21
C8 NAG P . 25.58 18.21 23.06
N2 NAG P . 23.69 17.86 24.52
O3 NAG P . 23.47 20.94 24.94
O4 NAG P . 20.88 21.76 25.12
O5 NAG P . 20.39 18.43 23.68
O6 NAG P . 18.81 21.27 23.25
O7 NAG P . 25.54 16.62 24.83
C1 NAG Q . -11.62 -29.54 41.77
C2 NAG Q . -10.38 -30.06 41.01
C3 NAG Q . -9.17 -30.06 41.95
C4 NAG Q . -8.94 -28.68 42.55
C5 NAG Q . -10.21 -28.17 43.23
C6 NAG Q . -10.10 -26.73 43.66
C7 NAG Q . -10.21 -31.81 39.25
C8 NAG Q . -9.52 -30.79 38.38
N2 NAG Q . -10.60 -31.40 40.47
O3 NAG Q . -8.01 -30.51 41.27
O4 NAG Q . -7.90 -28.74 43.51
O5 NAG Q . -11.33 -28.23 42.33
O6 NAG Q . -10.03 -25.87 42.53
O7 NAG Q . -10.41 -32.94 38.86
C1 NAG R . -17.48 -11.21 48.96
C2 NAG R . -17.07 -9.74 48.83
C3 NAG R . -17.97 -8.82 49.66
C4 NAG R . -18.19 -9.33 51.09
C5 NAG R . -18.37 -10.85 51.13
C6 NAG R . -19.53 -11.30 51.99
C7 NAG R . -14.83 -8.85 48.38
C8 NAG R . -13.42 -8.76 48.87
N2 NAG R . -15.67 -9.55 49.16
O3 NAG R . -19.21 -8.63 49.01
O4 NAG R . -17.10 -8.96 51.92
O5 NAG R . -18.62 -11.32 49.81
O6 NAG R . -20.77 -10.89 51.43
O7 NAG R . -15.20 -8.33 47.34
C1 NAG S . 2.01 -18.53 -1.46
C2 NAG S . 2.41 -18.88 -0.01
C3 NAG S . 3.28 -20.15 -0.02
C4 NAG S . 4.49 -19.96 -0.90
C5 NAG S . 4.07 -19.52 -2.30
C6 NAG S . 4.50 -20.50 -3.37
C7 NAG S . 3.21 -17.43 1.89
C8 NAG S . 2.44 -18.28 2.87
N2 NAG S . 3.14 -17.77 0.59
O3 NAG S . 2.49 -21.24 -0.49
O4 NAG S . 5.34 -18.96 -0.35
O5 NAG S . 2.64 -19.45 -2.39
O6 NAG S . 3.67 -21.63 -3.38
O7 NAG S . 3.86 -16.47 2.26
C1 NAG T . -6.90 -33.73 -12.32
C2 NAG T . -7.24 -35.24 -12.47
C3 NAG T . -7.39 -35.68 -13.93
C4 NAG T . -8.02 -34.58 -14.76
C5 NAG T . -6.97 -33.50 -14.92
C6 NAG T . -7.51 -32.22 -15.54
C7 NAG T . -6.50 -36.80 -10.69
C8 NAG T . -7.91 -36.78 -10.17
N2 NAG T . -6.25 -36.07 -11.79
O3 NAG T . -8.20 -36.84 -13.98
O4 NAG T . -8.36 -35.08 -16.04
O5 NAG T . -6.39 -33.15 -13.66
O6 NAG T . -8.91 -32.23 -15.67
O7 NAG T . -5.62 -37.46 -10.14
#